data_6KYF
# 
_entry.id   6KYF 
# 
_audit_conform.dict_name       mmcif_pdbx.dic 
_audit_conform.dict_version    5.387 
_audit_conform.dict_location   http://mmcif.pdb.org/dictionaries/ascii/mmcif_pdbx.dic 
# 
loop_
_database_2.database_id 
_database_2.database_code 
_database_2.pdbx_database_accession 
_database_2.pdbx_DOI 
PDB   6KYF         pdb_00006kyf 10.2210/pdb6kyf/pdb 
WWPDB D_1300013856 ?            ?                   
# 
loop_
_pdbx_audit_revision_history.ordinal 
_pdbx_audit_revision_history.data_content_type 
_pdbx_audit_revision_history.major_revision 
_pdbx_audit_revision_history.minor_revision 
_pdbx_audit_revision_history.revision_date 
1 'Structure model' 1 0 2020-09-23 
2 'Structure model' 1 1 2021-06-02 
3 'Structure model' 1 2 2024-03-27 
# 
_pdbx_audit_revision_details.ordinal             1 
_pdbx_audit_revision_details.revision_ordinal    1 
_pdbx_audit_revision_details.data_content_type   'Structure model' 
_pdbx_audit_revision_details.provider            repository 
_pdbx_audit_revision_details.type                'Initial release' 
_pdbx_audit_revision_details.description         ? 
_pdbx_audit_revision_details.details             ? 
# 
loop_
_pdbx_audit_revision_group.ordinal 
_pdbx_audit_revision_group.revision_ordinal 
_pdbx_audit_revision_group.data_content_type 
_pdbx_audit_revision_group.group 
1 2 'Structure model' 'Database references' 
2 3 'Structure model' 'Data collection'     
3 3 'Structure model' 'Database references' 
# 
loop_
_pdbx_audit_revision_category.ordinal 
_pdbx_audit_revision_category.revision_ordinal 
_pdbx_audit_revision_category.data_content_type 
_pdbx_audit_revision_category.category 
1 2 'Structure model' citation        
2 2 'Structure model' citation_author 
3 3 'Structure model' chem_comp_atom  
4 3 'Structure model' chem_comp_bond  
5 3 'Structure model' database_2      
# 
loop_
_pdbx_audit_revision_item.ordinal 
_pdbx_audit_revision_item.revision_ordinal 
_pdbx_audit_revision_item.data_content_type 
_pdbx_audit_revision_item.item 
1  2 'Structure model' '_citation.country'                   
2  2 'Structure model' '_citation.journal_abbrev'            
3  2 'Structure model' '_citation.journal_id_ASTM'           
4  2 'Structure model' '_citation.journal_id_CSD'            
5  2 'Structure model' '_citation.journal_id_ISSN'           
6  2 'Structure model' '_citation.journal_volume'            
7  2 'Structure model' '_citation.page_first'                
8  2 'Structure model' '_citation.page_last'                 
9  2 'Structure model' '_citation.pdbx_database_id_DOI'      
10 2 'Structure model' '_citation.pdbx_database_id_PubMed'   
11 2 'Structure model' '_citation.title'                     
12 2 'Structure model' '_citation.year'                      
13 3 'Structure model' '_database_2.pdbx_DOI'                
14 3 'Structure model' '_database_2.pdbx_database_accession' 
# 
_pdbx_database_status.status_code                     REL 
_pdbx_database_status.status_code_sf                  REL 
_pdbx_database_status.status_code_mr                  ? 
_pdbx_database_status.entry_id                        6KYF 
_pdbx_database_status.recvd_initial_deposition_date   2019-09-18 
_pdbx_database_status.SG_entry                        N 
_pdbx_database_status.deposit_site                    PDBJ 
_pdbx_database_status.process_site                    PDBJ 
_pdbx_database_status.status_code_cs                  ? 
_pdbx_database_status.methods_development_category    ? 
_pdbx_database_status.pdb_format_compatible           Y 
_pdbx_database_status.status_code_nmr_data            ? 
# 
loop_
_audit_author.name 
_audit_author.pdbx_ordinal 
_audit_author.identifier_ORCID 
'Niu, Y.'   1 ? 
'Wang, H.'  2 ? 
'Zhang, Y.' 3 ? 
'Feng, Y.'  4 ? 
# 
_citation.abstract                  ? 
_citation.abstract_id_CAS           ? 
_citation.book_id_ISBN              ? 
_citation.book_publisher            ? 
_citation.book_publisher_city       ? 
_citation.book_title                ? 
_citation.coordinate_linkage        ? 
_citation.country                   US 
_citation.database_id_Medline       ? 
_citation.details                   ? 
_citation.id                        primary 
_citation.journal_abbrev            Mol.Cell 
_citation.journal_id_ASTM           MOCEFL 
_citation.journal_id_CSD            2168 
_citation.journal_id_ISSN           1097-2765 
_citation.journal_full              ? 
_citation.journal_issue             ? 
_citation.journal_volume            80 
_citation.language                  ? 
_citation.page_first                512 
_citation.page_last                 524.e5 
_citation.title                     
'A Type I-F Anti-CRISPR Protein Inhibits the CRISPR-Cas Surveillance Complex by ADP-Ribosylation.' 
_citation.year                      2020 
_citation.database_id_CSD           ? 
_citation.pdbx_database_id_DOI      10.1016/j.molcel.2020.09.015 
_citation.pdbx_database_id_PubMed   33049228 
_citation.unpublished_flag          ? 
# 
loop_
_citation_author.citation_id 
_citation_author.name 
_citation_author.ordinal 
_citation_author.identifier_ORCID 
primary 'Niu, Y.'        1  ? 
primary 'Yang, L.'       2  ? 
primary 'Gao, T.'        3  ? 
primary 'Dong, C.'       4  ? 
primary 'Zhang, B.'      5  ? 
primary 'Yin, P.'        6  ? 
primary 'Hopp, A.K.'     7  ? 
primary 'Li, D.'         8  ? 
primary 'Gan, R.'        9  ? 
primary 'Wang, H.'       10 ? 
primary 'Liu, X.'        11 ? 
primary 'Cao, X.'        12 ? 
primary 'Xie, Y.'        13 ? 
primary 'Meng, X.'       14 ? 
primary 'Deng, H.'       15 ? 
primary 'Zhang, X.'      16 ? 
primary 'Ren, J.'        17 ? 
primary 'Hottiger, M.O.' 18 ? 
primary 'Chen, Z.'       19 ? 
primary 'Zhang, Y.'      20 ? 
primary 'Liu, X.'        21 ? 
primary 'Feng, Y.'       22 ? 
# 
loop_
_entity.id 
_entity.type 
_entity.src_method 
_entity.pdbx_description 
_entity.formula_weight 
_entity.pdbx_number_of_molecules 
_entity.pdbx_ec 
_entity.pdbx_mutation 
_entity.pdbx_fragment 
_entity.details 
1 polymer     man AcrF11                            14943.606 1 ? ? ? ? 
2 non-polymer syn NICOTINAMIDE-ADENINE-DINUCLEOTIDE 663.425   1 ? ? ? ? 
# 
_entity_poly.entity_id                      1 
_entity_poly.type                           'polypeptide(L)' 
_entity_poly.nstd_linkage                   no 
_entity_poly.nstd_monomer                   no 
_entity_poly.pdbx_seq_one_letter_code       
;GPLGSMSMELFHGSYEEISEIRDSGVFGGLFGAHEKETALSHGETLHRIISPLPLTDYALNYEIESAWEVALDVAGGDEN
VAEAIMAKACESDSNDGWELQRLRGVLAVRLGYTSVEMEDEHGTTWLCLPGCTVEKI
;
_entity_poly.pdbx_seq_one_letter_code_can   
;GPLGSMSMELFHGSYEEISEIRDSGVFGGLFGAHEKETALSHGETLHRIISPLPLTDYALNYEIESAWEVALDVAGGDEN
VAEAIMAKACESDSNDGWELQRLRGVLAVRLGYTSVEMEDEHGTTWLCLPGCTVEKI
;
_entity_poly.pdbx_strand_id                 A 
_entity_poly.pdbx_target_identifier         ? 
# 
_pdbx_entity_nonpoly.entity_id   2 
_pdbx_entity_nonpoly.name        NICOTINAMIDE-ADENINE-DINUCLEOTIDE 
_pdbx_entity_nonpoly.comp_id     NAD 
# 
loop_
_entity_poly_seq.entity_id 
_entity_poly_seq.num 
_entity_poly_seq.mon_id 
_entity_poly_seq.hetero 
1 1   GLY n 
1 2   PRO n 
1 3   LEU n 
1 4   GLY n 
1 5   SER n 
1 6   MET n 
1 7   SER n 
1 8   MET n 
1 9   GLU n 
1 10  LEU n 
1 11  PHE n 
1 12  HIS n 
1 13  GLY n 
1 14  SER n 
1 15  TYR n 
1 16  GLU n 
1 17  GLU n 
1 18  ILE n 
1 19  SER n 
1 20  GLU n 
1 21  ILE n 
1 22  ARG n 
1 23  ASP n 
1 24  SER n 
1 25  GLY n 
1 26  VAL n 
1 27  PHE n 
1 28  GLY n 
1 29  GLY n 
1 30  LEU n 
1 31  PHE n 
1 32  GLY n 
1 33  ALA n 
1 34  HIS n 
1 35  GLU n 
1 36  LYS n 
1 37  GLU n 
1 38  THR n 
1 39  ALA n 
1 40  LEU n 
1 41  SER n 
1 42  HIS n 
1 43  GLY n 
1 44  GLU n 
1 45  THR n 
1 46  LEU n 
1 47  HIS n 
1 48  ARG n 
1 49  ILE n 
1 50  ILE n 
1 51  SER n 
1 52  PRO n 
1 53  LEU n 
1 54  PRO n 
1 55  LEU n 
1 56  THR n 
1 57  ASP n 
1 58  TYR n 
1 59  ALA n 
1 60  LEU n 
1 61  ASN n 
1 62  TYR n 
1 63  GLU n 
1 64  ILE n 
1 65  GLU n 
1 66  SER n 
1 67  ALA n 
1 68  TRP n 
1 69  GLU n 
1 70  VAL n 
1 71  ALA n 
1 72  LEU n 
1 73  ASP n 
1 74  VAL n 
1 75  ALA n 
1 76  GLY n 
1 77  GLY n 
1 78  ASP n 
1 79  GLU n 
1 80  ASN n 
1 81  VAL n 
1 82  ALA n 
1 83  GLU n 
1 84  ALA n 
1 85  ILE n 
1 86  MET n 
1 87  ALA n 
1 88  LYS n 
1 89  ALA n 
1 90  CYS n 
1 91  GLU n 
1 92  SER n 
1 93  ASP n 
1 94  SER n 
1 95  ASN n 
1 96  ASP n 
1 97  GLY n 
1 98  TRP n 
1 99  GLU n 
1 100 LEU n 
1 101 GLN n 
1 102 ARG n 
1 103 LEU n 
1 104 ARG n 
1 105 GLY n 
1 106 VAL n 
1 107 LEU n 
1 108 ALA n 
1 109 VAL n 
1 110 ARG n 
1 111 LEU n 
1 112 GLY n 
1 113 TYR n 
1 114 THR n 
1 115 SER n 
1 116 VAL n 
1 117 GLU n 
1 118 MET n 
1 119 GLU n 
1 120 ASP n 
1 121 GLU n 
1 122 HIS n 
1 123 GLY n 
1 124 THR n 
1 125 THR n 
1 126 TRP n 
1 127 LEU n 
1 128 CYS n 
1 129 LEU n 
1 130 PRO n 
1 131 GLY n 
1 132 CYS n 
1 133 THR n 
1 134 VAL n 
1 135 GLU n 
1 136 LYS n 
1 137 ILE n 
# 
_entity_src_gen.entity_id                          1 
_entity_src_gen.pdbx_src_id                        1 
_entity_src_gen.pdbx_alt_source_flag               sample 
_entity_src_gen.pdbx_seq_type                      'Biological sequence' 
_entity_src_gen.pdbx_beg_seq_num                   1 
_entity_src_gen.pdbx_end_seq_num                   137 
_entity_src_gen.gene_src_common_name               ? 
_entity_src_gen.gene_src_genus                     ? 
_entity_src_gen.pdbx_gene_src_gene                 NCTC11440_04410 
_entity_src_gen.gene_src_species                   ? 
_entity_src_gen.gene_src_strain                    ? 
_entity_src_gen.gene_src_tissue                    ? 
_entity_src_gen.gene_src_tissue_fraction           ? 
_entity_src_gen.gene_src_details                   ? 
_entity_src_gen.pdbx_gene_src_fragment             ? 
_entity_src_gen.pdbx_gene_src_scientific_name      'Pseudomonas aeruginosa' 
_entity_src_gen.pdbx_gene_src_ncbi_taxonomy_id     287 
_entity_src_gen.pdbx_gene_src_variant              ? 
_entity_src_gen.pdbx_gene_src_cell_line            ? 
_entity_src_gen.pdbx_gene_src_atcc                 ? 
_entity_src_gen.pdbx_gene_src_organ                ? 
_entity_src_gen.pdbx_gene_src_organelle            ? 
_entity_src_gen.pdbx_gene_src_cell                 ? 
_entity_src_gen.pdbx_gene_src_cellular_location    ? 
_entity_src_gen.host_org_common_name               ? 
_entity_src_gen.pdbx_host_org_scientific_name      'Escherichia coli' 
_entity_src_gen.pdbx_host_org_ncbi_taxonomy_id     562 
_entity_src_gen.host_org_genus                     ? 
_entity_src_gen.pdbx_host_org_gene                 ? 
_entity_src_gen.pdbx_host_org_organ                ? 
_entity_src_gen.host_org_species                   ? 
_entity_src_gen.pdbx_host_org_tissue               ? 
_entity_src_gen.pdbx_host_org_tissue_fraction      ? 
_entity_src_gen.pdbx_host_org_strain               ? 
_entity_src_gen.pdbx_host_org_variant              ? 
_entity_src_gen.pdbx_host_org_cell_line            ? 
_entity_src_gen.pdbx_host_org_atcc                 ? 
_entity_src_gen.pdbx_host_org_culture_collection   ? 
_entity_src_gen.pdbx_host_org_cell                 ? 
_entity_src_gen.pdbx_host_org_organelle            ? 
_entity_src_gen.pdbx_host_org_cellular_location    ? 
_entity_src_gen.pdbx_host_org_vector_type          ? 
_entity_src_gen.pdbx_host_org_vector               ? 
_entity_src_gen.host_org_details                   ? 
_entity_src_gen.expression_system_id               ? 
_entity_src_gen.plasmid_name                       ? 
_entity_src_gen.plasmid_details                    ? 
_entity_src_gen.pdbx_description                   ? 
# 
loop_
_chem_comp.id 
_chem_comp.type 
_chem_comp.mon_nstd_flag 
_chem_comp.name 
_chem_comp.pdbx_synonyms 
_chem_comp.formula 
_chem_comp.formula_weight 
ALA 'L-peptide linking' y ALANINE                           ? 'C3 H7 N O2'        89.093  
ARG 'L-peptide linking' y ARGININE                          ? 'C6 H15 N4 O2 1'    175.209 
ASN 'L-peptide linking' y ASPARAGINE                        ? 'C4 H8 N2 O3'       132.118 
ASP 'L-peptide linking' y 'ASPARTIC ACID'                   ? 'C4 H7 N O4'        133.103 
CYS 'L-peptide linking' y CYSTEINE                          ? 'C3 H7 N O2 S'      121.158 
GLN 'L-peptide linking' y GLUTAMINE                         ? 'C5 H10 N2 O3'      146.144 
GLU 'L-peptide linking' y 'GLUTAMIC ACID'                   ? 'C5 H9 N O4'        147.129 
GLY 'peptide linking'   y GLYCINE                           ? 'C2 H5 N O2'        75.067  
HIS 'L-peptide linking' y HISTIDINE                         ? 'C6 H10 N3 O2 1'    156.162 
ILE 'L-peptide linking' y ISOLEUCINE                        ? 'C6 H13 N O2'       131.173 
LEU 'L-peptide linking' y LEUCINE                           ? 'C6 H13 N O2'       131.173 
LYS 'L-peptide linking' y LYSINE                            ? 'C6 H15 N2 O2 1'    147.195 
MET 'L-peptide linking' y METHIONINE                        ? 'C5 H11 N O2 S'     149.211 
NAD non-polymer         . NICOTINAMIDE-ADENINE-DINUCLEOTIDE ? 'C21 H27 N7 O14 P2' 663.425 
PHE 'L-peptide linking' y PHENYLALANINE                     ? 'C9 H11 N O2'       165.189 
PRO 'L-peptide linking' y PROLINE                           ? 'C5 H9 N O2'        115.130 
SER 'L-peptide linking' y SERINE                            ? 'C3 H7 N O3'        105.093 
THR 'L-peptide linking' y THREONINE                         ? 'C4 H9 N O3'        119.119 
TRP 'L-peptide linking' y TRYPTOPHAN                        ? 'C11 H12 N2 O2'     204.225 
TYR 'L-peptide linking' y TYROSINE                          ? 'C9 H11 N O3'       181.189 
VAL 'L-peptide linking' y VALINE                            ? 'C5 H11 N O2'       117.146 
# 
loop_
_pdbx_poly_seq_scheme.asym_id 
_pdbx_poly_seq_scheme.entity_id 
_pdbx_poly_seq_scheme.seq_id 
_pdbx_poly_seq_scheme.mon_id 
_pdbx_poly_seq_scheme.ndb_seq_num 
_pdbx_poly_seq_scheme.pdb_seq_num 
_pdbx_poly_seq_scheme.auth_seq_num 
_pdbx_poly_seq_scheme.pdb_mon_id 
_pdbx_poly_seq_scheme.auth_mon_id 
_pdbx_poly_seq_scheme.pdb_strand_id 
_pdbx_poly_seq_scheme.pdb_ins_code 
_pdbx_poly_seq_scheme.hetero 
A 1 1   GLY 1   -4  -4  GLY GLY A . n 
A 1 2   PRO 2   -3  -3  PRO PRO A . n 
A 1 3   LEU 3   -2  -2  LEU LEU A . n 
A 1 4   GLY 4   -1  -1  GLY GLY A . n 
A 1 5   SER 5   0   0   SER SER A . n 
A 1 6   MET 6   1   1   MET MET A . n 
A 1 7   SER 7   2   2   SER SER A . n 
A 1 8   MET 8   3   3   MET MET A . n 
A 1 9   GLU 9   4   4   GLU GLU A . n 
A 1 10  LEU 10  5   5   LEU LEU A . n 
A 1 11  PHE 11  6   6   PHE PHE A . n 
A 1 12  HIS 12  7   7   HIS HIS A . n 
A 1 13  GLY 13  8   8   GLY GLY A . n 
A 1 14  SER 14  9   9   SER SER A . n 
A 1 15  TYR 15  10  10  TYR TYR A . n 
A 1 16  GLU 16  11  11  GLU GLU A . n 
A 1 17  GLU 17  12  12  GLU GLU A . n 
A 1 18  ILE 18  13  13  ILE ILE A . n 
A 1 19  SER 19  14  14  SER SER A . n 
A 1 20  GLU 20  15  15  GLU GLU A . n 
A 1 21  ILE 21  16  16  ILE ILE A . n 
A 1 22  ARG 22  17  17  ARG ARG A . n 
A 1 23  ASP 23  18  18  ASP ASP A . n 
A 1 24  SER 24  19  19  SER SER A . n 
A 1 25  GLY 25  20  20  GLY GLY A . n 
A 1 26  VAL 26  21  21  VAL VAL A . n 
A 1 27  PHE 27  22  22  PHE PHE A . n 
A 1 28  GLY 28  23  23  GLY GLY A . n 
A 1 29  GLY 29  24  24  GLY GLY A . n 
A 1 30  LEU 30  25  25  LEU LEU A . n 
A 1 31  PHE 31  26  26  PHE PHE A . n 
A 1 32  GLY 32  27  27  GLY GLY A . n 
A 1 33  ALA 33  28  28  ALA ALA A . n 
A 1 34  HIS 34  29  29  HIS HIS A . n 
A 1 35  GLU 35  30  30  GLU GLU A . n 
A 1 36  LYS 36  31  31  LYS LYS A . n 
A 1 37  GLU 37  32  32  GLU GLU A . n 
A 1 38  THR 38  33  33  THR THR A . n 
A 1 39  ALA 39  34  34  ALA ALA A . n 
A 1 40  LEU 40  35  35  LEU LEU A . n 
A 1 41  SER 41  36  36  SER SER A . n 
A 1 42  HIS 42  37  37  HIS HIS A . n 
A 1 43  GLY 43  38  38  GLY GLY A . n 
A 1 44  GLU 44  39  39  GLU GLU A . n 
A 1 45  THR 45  40  40  THR THR A . n 
A 1 46  LEU 46  41  41  LEU LEU A . n 
A 1 47  HIS 47  42  42  HIS HIS A . n 
A 1 48  ARG 48  43  43  ARG ARG A . n 
A 1 49  ILE 49  44  44  ILE ILE A . n 
A 1 50  ILE 50  45  45  ILE ILE A . n 
A 1 51  SER 51  46  46  SER SER A . n 
A 1 52  PRO 52  47  47  PRO PRO A . n 
A 1 53  LEU 53  48  48  LEU LEU A . n 
A 1 54  PRO 54  49  49  PRO PRO A . n 
A 1 55  LEU 55  50  50  LEU LEU A . n 
A 1 56  THR 56  51  51  THR THR A . n 
A 1 57  ASP 57  52  52  ASP ASP A . n 
A 1 58  TYR 58  53  53  TYR TYR A . n 
A 1 59  ALA 59  54  54  ALA ALA A . n 
A 1 60  LEU 60  55  55  LEU LEU A . n 
A 1 61  ASN 61  56  56  ASN ASN A . n 
A 1 62  TYR 62  57  57  TYR TYR A . n 
A 1 63  GLU 63  58  58  GLU GLU A . n 
A 1 64  ILE 64  59  59  ILE ILE A . n 
A 1 65  GLU 65  60  60  GLU GLU A . n 
A 1 66  SER 66  61  61  SER SER A . n 
A 1 67  ALA 67  62  62  ALA ALA A . n 
A 1 68  TRP 68  63  63  TRP TRP A . n 
A 1 69  GLU 69  64  64  GLU GLU A . n 
A 1 70  VAL 70  65  65  VAL VAL A . n 
A 1 71  ALA 71  66  66  ALA ALA A . n 
A 1 72  LEU 72  67  67  LEU LEU A . n 
A 1 73  ASP 73  68  68  ASP ASP A . n 
A 1 74  VAL 74  69  69  VAL VAL A . n 
A 1 75  ALA 75  70  70  ALA ALA A . n 
A 1 76  GLY 76  71  71  GLY GLY A . n 
A 1 77  GLY 77  72  72  GLY GLY A . n 
A 1 78  ASP 78  73  73  ASP ASP A . n 
A 1 79  GLU 79  74  74  GLU GLU A . n 
A 1 80  ASN 80  75  75  ASN ASN A . n 
A 1 81  VAL 81  76  76  VAL VAL A . n 
A 1 82  ALA 82  77  77  ALA ALA A . n 
A 1 83  GLU 83  78  78  GLU GLU A . n 
A 1 84  ALA 84  79  79  ALA ALA A . n 
A 1 85  ILE 85  80  80  ILE ILE A . n 
A 1 86  MET 86  81  81  MET MET A . n 
A 1 87  ALA 87  82  82  ALA ALA A . n 
A 1 88  LYS 88  83  83  LYS LYS A . n 
A 1 89  ALA 89  84  84  ALA ALA A . n 
A 1 90  CYS 90  85  85  CYS CYS A . n 
A 1 91  GLU 91  86  86  GLU GLU A . n 
A 1 92  SER 92  87  87  SER SER A . n 
A 1 93  ASP 93  88  88  ASP ASP A . n 
A 1 94  SER 94  89  89  SER SER A . n 
A 1 95  ASN 95  90  90  ASN ASN A . n 
A 1 96  ASP 96  91  91  ASP ASP A . n 
A 1 97  GLY 97  92  92  GLY GLY A . n 
A 1 98  TRP 98  93  93  TRP TRP A . n 
A 1 99  GLU 99  94  94  GLU GLU A . n 
A 1 100 LEU 100 95  95  LEU LEU A . n 
A 1 101 GLN 101 96  96  GLN GLN A . n 
A 1 102 ARG 102 97  97  ARG ARG A . n 
A 1 103 LEU 103 98  98  LEU LEU A . n 
A 1 104 ARG 104 99  99  ARG ARG A . n 
A 1 105 GLY 105 100 100 GLY GLY A . n 
A 1 106 VAL 106 101 101 VAL VAL A . n 
A 1 107 LEU 107 102 102 LEU LEU A . n 
A 1 108 ALA 108 103 103 ALA ALA A . n 
A 1 109 VAL 109 104 104 VAL VAL A . n 
A 1 110 ARG 110 105 105 ARG ARG A . n 
A 1 111 LEU 111 106 106 LEU LEU A . n 
A 1 112 GLY 112 107 107 GLY GLY A . n 
A 1 113 TYR 113 108 108 TYR TYR A . n 
A 1 114 THR 114 109 109 THR THR A . n 
A 1 115 SER 115 110 110 SER SER A . n 
A 1 116 VAL 116 111 111 VAL VAL A . n 
A 1 117 GLU 117 112 112 GLU GLU A . n 
A 1 118 MET 118 113 113 MET MET A . n 
A 1 119 GLU 119 114 114 GLU GLU A . n 
A 1 120 ASP 120 115 115 ASP ASP A . n 
A 1 121 GLU 121 116 116 GLU GLU A . n 
A 1 122 HIS 122 117 117 HIS HIS A . n 
A 1 123 GLY 123 118 118 GLY GLY A . n 
A 1 124 THR 124 119 119 THR THR A . n 
A 1 125 THR 125 120 120 THR THR A . n 
A 1 126 TRP 126 121 121 TRP TRP A . n 
A 1 127 LEU 127 122 122 LEU LEU A . n 
A 1 128 CYS 128 123 123 CYS CYS A . n 
A 1 129 LEU 129 124 124 LEU LEU A . n 
A 1 130 PRO 130 125 125 PRO PRO A . n 
A 1 131 GLY 131 126 126 GLY GLY A . n 
A 1 132 CYS 132 127 127 CYS CYS A . n 
A 1 133 THR 133 128 128 THR THR A . n 
A 1 134 VAL 134 129 129 VAL VAL A . n 
A 1 135 GLU 135 130 130 GLU GLU A . n 
A 1 136 LYS 136 131 131 LYS LYS A . n 
A 1 137 ILE 137 132 132 ILE ILE A . n 
# 
_pdbx_nonpoly_scheme.asym_id         B 
_pdbx_nonpoly_scheme.entity_id       2 
_pdbx_nonpoly_scheme.mon_id          NAD 
_pdbx_nonpoly_scheme.ndb_seq_num     1 
_pdbx_nonpoly_scheme.pdb_seq_num     201 
_pdbx_nonpoly_scheme.auth_seq_num    1 
_pdbx_nonpoly_scheme.pdb_mon_id      NAD 
_pdbx_nonpoly_scheme.auth_mon_id     NAD 
_pdbx_nonpoly_scheme.pdb_strand_id   A 
_pdbx_nonpoly_scheme.pdb_ins_code    . 
# 
loop_
_software.citation_id 
_software.classification 
_software.compiler_name 
_software.compiler_version 
_software.contact_author 
_software.contact_author_email 
_software.date 
_software.description 
_software.dependencies 
_software.hardware 
_software.language 
_software.location 
_software.mods 
_software.name 
_software.os 
_software.os_version 
_software.type 
_software.version 
_software.pdbx_ordinal 
? 'model building' ? ? ? ? ? ? ? ? ? ? ? Coot      ? ? ? .         1 
? refinement       ? ? ? ? ? ? ? ? ? ? ? PHENIX    ? ? ? 1.15_3459 2 
? 'data reduction' ? ? ? ? ? ? ? ? ? ? ? HKL-2000  ? ? ? .         3 
? 'data scaling'   ? ? ? ? ? ? ? ? ? ? ? SCALEPACK ? ? ? .         4 
? phasing          ? ? ? ? ? ? ? ? ? ? ? AutoSol   ? ? ? .         5 
# 
_cell.angle_alpha                  90.000 
_cell.angle_alpha_esd              ? 
_cell.angle_beta                   90.000 
_cell.angle_beta_esd               ? 
_cell.angle_gamma                  120.000 
_cell.angle_gamma_esd              ? 
_cell.entry_id                     6KYF 
_cell.details                      ? 
_cell.formula_units_Z              ? 
_cell.length_a                     104.677 
_cell.length_a_esd                 ? 
_cell.length_b                     104.677 
_cell.length_b_esd                 ? 
_cell.length_c                     119.673 
_cell.length_c_esd                 ? 
_cell.volume                       1135610.357 
_cell.volume_esd                   ? 
_cell.Z_PDB                        12 
_cell.reciprocal_angle_alpha       ? 
_cell.reciprocal_angle_beta        ? 
_cell.reciprocal_angle_gamma       ? 
_cell.reciprocal_angle_alpha_esd   ? 
_cell.reciprocal_angle_beta_esd    ? 
_cell.reciprocal_angle_gamma_esd   ? 
_cell.reciprocal_length_a          ? 
_cell.reciprocal_length_b          ? 
_cell.reciprocal_length_c          ? 
_cell.reciprocal_length_a_esd      ? 
_cell.reciprocal_length_b_esd      ? 
_cell.reciprocal_length_c_esd      ? 
_cell.pdbx_unique_axis             ? 
# 
_symmetry.entry_id                         6KYF 
_symmetry.cell_setting                     ? 
_symmetry.Int_Tables_number                180 
_symmetry.space_group_name_Hall            'P 62 2 (x,y,z+1/3)' 
_symmetry.space_group_name_H-M             'P 62 2 2' 
_symmetry.pdbx_full_space_group_name_H-M   ? 
# 
_exptl.absorpt_coefficient_mu     ? 
_exptl.absorpt_correction_T_max   ? 
_exptl.absorpt_correction_T_min   ? 
_exptl.absorpt_correction_type    ? 
_exptl.absorpt_process_details    ? 
_exptl.entry_id                   6KYF 
_exptl.crystals_number            1 
_exptl.details                    ? 
_exptl.method                     'X-RAY DIFFRACTION' 
_exptl.method_details             ? 
# 
_exptl_crystal.colour                      ? 
_exptl_crystal.density_diffrn              ? 
_exptl_crystal.density_Matthews            6.33 
_exptl_crystal.density_method              ? 
_exptl_crystal.density_percent_sol         80.58 
_exptl_crystal.description                 'The entry contains friedel pairs in F_plus/minus columns and I_plus/minus columns' 
_exptl_crystal.F_000                       ? 
_exptl_crystal.id                          1 
_exptl_crystal.preparation                 ? 
_exptl_crystal.size_max                    ? 
_exptl_crystal.size_mid                    ? 
_exptl_crystal.size_min                    ? 
_exptl_crystal.size_rad                    ? 
_exptl_crystal.colour_lustre               ? 
_exptl_crystal.colour_modifier             ? 
_exptl_crystal.colour_primary              ? 
_exptl_crystal.density_meas                ? 
_exptl_crystal.density_meas_esd            ? 
_exptl_crystal.density_meas_gt             ? 
_exptl_crystal.density_meas_lt             ? 
_exptl_crystal.density_meas_temp           ? 
_exptl_crystal.density_meas_temp_esd       ? 
_exptl_crystal.density_meas_temp_gt        ? 
_exptl_crystal.density_meas_temp_lt        ? 
_exptl_crystal.pdbx_crystal_image_url      ? 
_exptl_crystal.pdbx_crystal_image_format   ? 
_exptl_crystal.pdbx_mosaicity              ? 
_exptl_crystal.pdbx_mosaicity_esd          ? 
# 
_exptl_crystal_grow.apparatus       ? 
_exptl_crystal_grow.atmosphere      ? 
_exptl_crystal_grow.crystal_id      1 
_exptl_crystal_grow.details         ? 
_exptl_crystal_grow.method          'VAPOR DIFFUSION' 
_exptl_crystal_grow.method_ref      ? 
_exptl_crystal_grow.pH              ? 
_exptl_crystal_grow.pressure        ? 
_exptl_crystal_grow.pressure_esd    ? 
_exptl_crystal_grow.seeding         ? 
_exptl_crystal_grow.seeding_ref     ? 
_exptl_crystal_grow.temp            293 
_exptl_crystal_grow.temp_details    ? 
_exptl_crystal_grow.temp_esd        ? 
_exptl_crystal_grow.time            ? 
_exptl_crystal_grow.pdbx_details    'HEPES, sodium citrate' 
_exptl_crystal_grow.pdbx_pH_range   ? 
# 
_diffrn.ambient_environment              ? 
_diffrn.ambient_temp                     100 
_diffrn.ambient_temp_details             ? 
_diffrn.ambient_temp_esd                 ? 
_diffrn.crystal_id                       1 
_diffrn.crystal_support                  ? 
_diffrn.crystal_treatment                ? 
_diffrn.details                          ? 
_diffrn.id                               1 
_diffrn.ambient_pressure                 ? 
_diffrn.ambient_pressure_esd             ? 
_diffrn.ambient_pressure_gt              ? 
_diffrn.ambient_pressure_lt              ? 
_diffrn.ambient_temp_gt                  ? 
_diffrn.ambient_temp_lt                  ? 
_diffrn.pdbx_serial_crystal_experiment   N 
# 
_diffrn_detector.details                      ? 
_diffrn_detector.detector                     PIXEL 
_diffrn_detector.diffrn_id                    1 
_diffrn_detector.type                         'DECTRIS EIGER X 16M' 
_diffrn_detector.area_resol_mean              ? 
_diffrn_detector.dtime                        ? 
_diffrn_detector.pdbx_frames_total            ? 
_diffrn_detector.pdbx_collection_time_total   ? 
_diffrn_detector.pdbx_collection_date         2019-03-21 
_diffrn_detector.pdbx_frequency               ? 
# 
_diffrn_radiation.collimation                      ? 
_diffrn_radiation.diffrn_id                        1 
_diffrn_radiation.filter_edge                      ? 
_diffrn_radiation.inhomogeneity                    ? 
_diffrn_radiation.monochromator                    ? 
_diffrn_radiation.polarisn_norm                    ? 
_diffrn_radiation.polarisn_ratio                   ? 
_diffrn_radiation.probe                            ? 
_diffrn_radiation.type                             ? 
_diffrn_radiation.xray_symbol                      ? 
_diffrn_radiation.wavelength_id                    1 
_diffrn_radiation.pdbx_monochromatic_or_laue_m_l   M 
_diffrn_radiation.pdbx_wavelength_list             ? 
_diffrn_radiation.pdbx_wavelength                  ? 
_diffrn_radiation.pdbx_diffrn_protocol             'SINGLE WAVELENGTH' 
_diffrn_radiation.pdbx_analyzer                    ? 
_diffrn_radiation.pdbx_scattering_type             x-ray 
# 
_diffrn_radiation_wavelength.id           1 
_diffrn_radiation_wavelength.wavelength   0.979 
_diffrn_radiation_wavelength.wt           1.0 
# 
_diffrn_source.current                     ? 
_diffrn_source.details                     ? 
_diffrn_source.diffrn_id                   1 
_diffrn_source.power                       ? 
_diffrn_source.size                        ? 
_diffrn_source.source                      SYNCHROTRON 
_diffrn_source.target                      ? 
_diffrn_source.type                        'SSRF BEAMLINE BL17U1' 
_diffrn_source.voltage                     ? 
_diffrn_source.take-off_angle              ? 
_diffrn_source.pdbx_wavelength_list        0.979 
_diffrn_source.pdbx_wavelength             ? 
_diffrn_source.pdbx_synchrotron_beamline   BL17U1 
_diffrn_source.pdbx_synchrotron_site       SSRF 
# 
_reflns.B_iso_Wilson_estimate            ? 
_reflns.entry_id                         6KYF 
_reflns.data_reduction_details           ? 
_reflns.data_reduction_method            ? 
_reflns.d_resolution_high                3.07 
_reflns.d_resolution_low                 50 
_reflns.details                          ? 
_reflns.limit_h_max                      ? 
_reflns.limit_h_min                      ? 
_reflns.limit_k_max                      ? 
_reflns.limit_k_min                      ? 
_reflns.limit_l_max                      ? 
_reflns.limit_l_min                      ? 
_reflns.number_all                       ? 
_reflns.number_obs                       7640 
_reflns.observed_criterion               ? 
_reflns.observed_criterion_F_max         ? 
_reflns.observed_criterion_F_min         ? 
_reflns.observed_criterion_I_max         ? 
_reflns.observed_criterion_I_min         ? 
_reflns.observed_criterion_sigma_F       ? 
_reflns.observed_criterion_sigma_I       ? 
_reflns.percent_possible_obs             99.54 
_reflns.R_free_details                   ? 
_reflns.Rmerge_F_all                     ? 
_reflns.Rmerge_F_obs                     ? 
_reflns.Friedel_coverage                 ? 
_reflns.number_gt                        ? 
_reflns.threshold_expression             ? 
_reflns.pdbx_redundancy                  13.8 
_reflns.pdbx_Rmerge_I_obs                ? 
_reflns.pdbx_Rmerge_I_all                ? 
_reflns.pdbx_Rsym_value                  ? 
_reflns.pdbx_netI_over_av_sigmaI         ? 
_reflns.pdbx_netI_over_sigmaI            29.7 
_reflns.pdbx_res_netI_over_av_sigmaI_2   ? 
_reflns.pdbx_res_netI_over_sigmaI_2      ? 
_reflns.pdbx_chi_squared                 ? 
_reflns.pdbx_scaling_rejects             ? 
_reflns.pdbx_d_res_high_opt              ? 
_reflns.pdbx_d_res_low_opt               ? 
_reflns.pdbx_d_res_opt_method            ? 
_reflns.phase_calculation_details        ? 
_reflns.pdbx_Rrim_I_all                  ? 
_reflns.pdbx_Rpim_I_all                  ? 
_reflns.pdbx_d_opt                       ? 
_reflns.pdbx_number_measured_all         ? 
_reflns.pdbx_diffrn_id                   1 
_reflns.pdbx_ordinal                     1 
_reflns.pdbx_CC_half                     0.976 
_reflns.pdbx_R_split                     ? 
# 
_reflns_shell.d_res_high                  3.07 
_reflns_shell.d_res_low                   3.21 
_reflns_shell.meanI_over_sigI_all         ? 
_reflns_shell.meanI_over_sigI_obs         ? 
_reflns_shell.number_measured_all         ? 
_reflns_shell.number_measured_obs         ? 
_reflns_shell.number_possible             ? 
_reflns_shell.number_unique_all           ? 
_reflns_shell.number_unique_obs           716 
_reflns_shell.percent_possible_all        ? 
_reflns_shell.percent_possible_obs        ? 
_reflns_shell.Rmerge_F_all                ? 
_reflns_shell.Rmerge_F_obs                ? 
_reflns_shell.Rmerge_I_all                ? 
_reflns_shell.Rmerge_I_obs                ? 
_reflns_shell.meanI_over_sigI_gt          ? 
_reflns_shell.meanI_over_uI_all           ? 
_reflns_shell.meanI_over_uI_gt            ? 
_reflns_shell.number_measured_gt          ? 
_reflns_shell.number_unique_gt            ? 
_reflns_shell.percent_possible_gt         ? 
_reflns_shell.Rmerge_F_gt                 ? 
_reflns_shell.Rmerge_I_gt                 ? 
_reflns_shell.pdbx_redundancy             ? 
_reflns_shell.pdbx_Rsym_value             ? 
_reflns_shell.pdbx_chi_squared            ? 
_reflns_shell.pdbx_netI_over_sigmaI_all   ? 
_reflns_shell.pdbx_netI_over_sigmaI_obs   ? 
_reflns_shell.pdbx_Rrim_I_all             ? 
_reflns_shell.pdbx_Rpim_I_all             ? 
_reflns_shell.pdbx_rejects                ? 
_reflns_shell.pdbx_ordinal                1 
_reflns_shell.pdbx_diffrn_id              1 
_reflns_shell.pdbx_CC_half                0.89 
_reflns_shell.pdbx_R_split                ? 
# 
_refine.aniso_B[1][1]                            ? 
_refine.aniso_B[1][2]                            ? 
_refine.aniso_B[1][3]                            ? 
_refine.aniso_B[2][2]                            ? 
_refine.aniso_B[2][3]                            ? 
_refine.aniso_B[3][3]                            ? 
_refine.B_iso_max                                ? 
_refine.B_iso_mean                               79.43 
_refine.B_iso_min                                ? 
_refine.correlation_coeff_Fo_to_Fc               ? 
_refine.correlation_coeff_Fo_to_Fc_free          ? 
_refine.details                                  
'The entry contains friedel pairs in F_plus/minus columns and I_plus/minus columns' 
_refine.diff_density_max                         ? 
_refine.diff_density_max_esd                     ? 
_refine.diff_density_min                         ? 
_refine.diff_density_min_esd                     ? 
_refine.diff_density_rms                         ? 
_refine.diff_density_rms_esd                     ? 
_refine.entry_id                                 6KYF 
_refine.pdbx_refine_id                           'X-RAY DIFFRACTION' 
_refine.ls_abs_structure_details                 ? 
_refine.ls_abs_structure_Flack                   ? 
_refine.ls_abs_structure_Flack_esd               ? 
_refine.ls_abs_structure_Rogers                  ? 
_refine.ls_abs_structure_Rogers_esd              ? 
_refine.ls_d_res_high                            3.07 
_refine.ls_d_res_low                             47.95 
_refine.ls_extinction_coef                       ? 
_refine.ls_extinction_coef_esd                   ? 
_refine.ls_extinction_expression                 ? 
_refine.ls_extinction_method                     ? 
_refine.ls_goodness_of_fit_all                   ? 
_refine.ls_goodness_of_fit_all_esd               ? 
_refine.ls_goodness_of_fit_obs                   ? 
_refine.ls_goodness_of_fit_obs_esd               ? 
_refine.ls_hydrogen_treatment                    ? 
_refine.ls_matrix_type                           ? 
_refine.ls_number_constraints                    ? 
_refine.ls_number_parameters                     ? 
_refine.ls_number_reflns_all                     ? 
_refine.ls_number_reflns_obs                     7639 
_refine.ls_number_reflns_R_free                  619 
_refine.ls_number_reflns_R_work                  ? 
_refine.ls_number_restraints                     ? 
_refine.ls_percent_reflns_obs                    99.52 
_refine.ls_percent_reflns_R_free                 4.54 
_refine.ls_R_factor_all                          ? 
_refine.ls_R_factor_obs                          0.2056 
_refine.ls_R_factor_R_free                       0.2238 
_refine.ls_R_factor_R_free_error                 ? 
_refine.ls_R_factor_R_free_error_details         ? 
_refine.ls_R_factor_R_work                       0.2047 
_refine.ls_R_Fsqd_factor_obs                     ? 
_refine.ls_R_I_factor_obs                        ? 
_refine.ls_redundancy_reflns_all                 ? 
_refine.ls_redundancy_reflns_obs                 ? 
_refine.ls_restrained_S_all                      ? 
_refine.ls_restrained_S_obs                      ? 
_refine.ls_shift_over_esd_max                    ? 
_refine.ls_shift_over_esd_mean                   ? 
_refine.ls_structure_factor_coef                 ? 
_refine.ls_weighting_details                     ? 
_refine.ls_weighting_scheme                      ? 
_refine.ls_wR_factor_all                         ? 
_refine.ls_wR_factor_obs                         ? 
_refine.ls_wR_factor_R_free                      ? 
_refine.ls_wR_factor_R_work                      ? 
_refine.occupancy_max                            ? 
_refine.occupancy_min                            ? 
_refine.solvent_model_details                    ? 
_refine.solvent_model_param_bsol                 ? 
_refine.solvent_model_param_ksol                 ? 
_refine.ls_R_factor_gt                           ? 
_refine.ls_goodness_of_fit_gt                    ? 
_refine.ls_goodness_of_fit_ref                   ? 
_refine.ls_shift_over_su_max                     ? 
_refine.ls_shift_over_su_max_lt                  ? 
_refine.ls_shift_over_su_mean                    ? 
_refine.ls_shift_over_su_mean_lt                 ? 
_refine.pdbx_ls_sigma_I                          ? 
_refine.pdbx_ls_sigma_F                          1.98 
_refine.pdbx_ls_sigma_Fsqd                       ? 
_refine.pdbx_data_cutoff_high_absF               ? 
_refine.pdbx_data_cutoff_high_rms_absF           ? 
_refine.pdbx_data_cutoff_low_absF                ? 
_refine.pdbx_isotropic_thermal_model             ? 
_refine.pdbx_ls_cross_valid_method               'FREE R-VALUE' 
_refine.pdbx_method_to_determine_struct          SAD 
_refine.pdbx_starting_model                      ? 
_refine.pdbx_stereochemistry_target_values       ? 
_refine.pdbx_R_Free_selection_details            ? 
_refine.pdbx_stereochem_target_val_spec_case     ? 
_refine.pdbx_overall_ESU_R                       ? 
_refine.pdbx_overall_ESU_R_Free                  ? 
_refine.pdbx_solvent_vdw_probe_radii             1.1100 
_refine.pdbx_solvent_ion_probe_radii             ? 
_refine.pdbx_solvent_shrinkage_radii             0.9000 
_refine.pdbx_real_space_R                        ? 
_refine.pdbx_density_correlation                 ? 
_refine.pdbx_pd_number_of_powder_patterns        ? 
_refine.pdbx_pd_number_of_points                 ? 
_refine.pdbx_pd_meas_number_of_points            ? 
_refine.pdbx_pd_proc_ls_prof_R_factor            ? 
_refine.pdbx_pd_proc_ls_prof_wR_factor           ? 
_refine.pdbx_pd_Marquardt_correlation_coeff      ? 
_refine.pdbx_pd_Fsqrd_R_factor                   ? 
_refine.pdbx_pd_ls_matrix_band_width             ? 
_refine.pdbx_overall_phase_error                 22.0745 
_refine.pdbx_overall_SU_R_free_Cruickshank_DPI   ? 
_refine.pdbx_overall_SU_R_free_Blow_DPI          ? 
_refine.pdbx_overall_SU_R_Blow_DPI               ? 
_refine.pdbx_TLS_residual_ADP_flag               ? 
_refine.pdbx_diffrn_id                           1 
_refine.overall_SU_B                             ? 
_refine.overall_SU_ML                            0.2103 
_refine.overall_SU_R_Cruickshank_DPI             ? 
_refine.overall_SU_R_free                        ? 
_refine.overall_FOM_free_R_set                   ? 
_refine.overall_FOM_work_R_set                   ? 
_refine.pdbx_average_fsc_overall                 ? 
_refine.pdbx_average_fsc_work                    ? 
_refine.pdbx_average_fsc_free                    ? 
# 
_refine_hist.pdbx_refine_id                   'X-RAY DIFFRACTION' 
_refine_hist.cycle_id                         LAST 
_refine_hist.details                          ? 
_refine_hist.d_res_high                       3.07 
_refine_hist.d_res_low                        47.95 
_refine_hist.number_atoms_solvent             0 
_refine_hist.number_atoms_total               1090 
_refine_hist.number_reflns_all                ? 
_refine_hist.number_reflns_obs                ? 
_refine_hist.number_reflns_R_free             ? 
_refine_hist.number_reflns_R_work             ? 
_refine_hist.R_factor_all                     ? 
_refine_hist.R_factor_obs                     ? 
_refine_hist.R_factor_R_free                  ? 
_refine_hist.R_factor_R_work                  ? 
_refine_hist.pdbx_number_residues_total       ? 
_refine_hist.pdbx_B_iso_mean_ligand           ? 
_refine_hist.pdbx_B_iso_mean_solvent          ? 
_refine_hist.pdbx_number_atoms_protein        1046 
_refine_hist.pdbx_number_atoms_nucleic_acid   0 
_refine_hist.pdbx_number_atoms_ligand         44 
_refine_hist.pdbx_number_atoms_lipid          ? 
_refine_hist.pdbx_number_atoms_carb           ? 
_refine_hist.pdbx_pseudo_atom_details         ? 
# 
loop_
_refine_ls_restr.pdbx_refine_id 
_refine_ls_restr.criterion 
_refine_ls_restr.dev_ideal 
_refine_ls_restr.dev_ideal_target 
_refine_ls_restr.number 
_refine_ls_restr.rejects 
_refine_ls_restr.type 
_refine_ls_restr.weight 
_refine_ls_restr.pdbx_restraint_function 
'X-RAY DIFFRACTION' ? 0.0035 ? 1115 ? f_bond_d           ? ? 
'X-RAY DIFFRACTION' ? 0.7163 ? 1519 ? f_angle_d          ? ? 
'X-RAY DIFFRACTION' ? 0.0451 ? 167  ? f_chiral_restr     ? ? 
'X-RAY DIFFRACTION' ? 0.0034 ? 192  ? f_plane_restr      ? ? 
'X-RAY DIFFRACTION' ? 6.4905 ? 643  ? f_dihedral_angle_d ? ? 
# 
loop_
_refine_ls_shell.pdbx_refine_id 
_refine_ls_shell.d_res_high 
_refine_ls_shell.d_res_low 
_refine_ls_shell.number_reflns_all 
_refine_ls_shell.number_reflns_obs 
_refine_ls_shell.number_reflns_R_free 
_refine_ls_shell.number_reflns_R_work 
_refine_ls_shell.percent_reflns_obs 
_refine_ls_shell.percent_reflns_R_free 
_refine_ls_shell.R_factor_all 
_refine_ls_shell.R_factor_obs 
_refine_ls_shell.R_factor_R_free 
_refine_ls_shell.R_factor_R_free_error 
_refine_ls_shell.R_factor_R_work 
_refine_ls_shell.redundancy_reflns_all 
_refine_ls_shell.redundancy_reflns_obs 
_refine_ls_shell.wR_factor_all 
_refine_ls_shell.wR_factor_obs 
_refine_ls_shell.wR_factor_R_free 
_refine_ls_shell.wR_factor_R_work 
_refine_ls_shell.pdbx_total_number_of_bins_used 
_refine_ls_shell.pdbx_phase_error 
_refine_ls_shell.pdbx_fsc_work 
_refine_ls_shell.pdbx_fsc_free 
'X-RAY DIFFRACTION' 3.07 3.38  . . 146 3222 98.19  . . . 0.2744 . 0.2740 . . . . . . . . . . 
'X-RAY DIFFRACTION' 3.38 3.87  . . 146 3277 100.00 . . . 0.2256 . 0.2150 . . . . . . . . . . 
'X-RAY DIFFRACTION' 3.87 4.87  . . 164 3245 100.00 . . . 0.2073 . 0.1877 . . . . . . . . . . 
'X-RAY DIFFRACTION' 4.87 47.95 . . 163 3272 99.88  . . . 0.2242 . 0.1955 . . . . . . . . . . 
# 
_struct.entry_id                     6KYF 
_struct.title                        'Crystal structure of an anti-CRISPR protein' 
_struct.pdbx_model_details           ? 
_struct.pdbx_formula_weight          ? 
_struct.pdbx_formula_weight_method   ? 
_struct.pdbx_model_type_details      ? 
_struct.pdbx_CASP_flag               N 
# 
_struct_keywords.entry_id        6KYF 
_struct_keywords.text            'enzyme, NAD, viral protein' 
_struct_keywords.pdbx_keywords   'VIRAL PROTEIN' 
# 
loop_
_struct_asym.id 
_struct_asym.pdbx_blank_PDB_chainid_flag 
_struct_asym.pdbx_modified 
_struct_asym.entity_id 
_struct_asym.details 
A N N 1 ? 
B N N 2 ? 
# 
_struct_ref.id                         1 
_struct_ref.db_name                    PDB 
_struct_ref.db_code                    6KYF 
_struct_ref.pdbx_db_accession          6KYF 
_struct_ref.pdbx_db_isoform            ? 
_struct_ref.entity_id                  1 
_struct_ref.pdbx_seq_one_letter_code   ? 
_struct_ref.pdbx_align_begin           1 
# 
_struct_ref_seq.align_id                      1 
_struct_ref_seq.ref_id                        1 
_struct_ref_seq.pdbx_PDB_id_code              6KYF 
_struct_ref_seq.pdbx_strand_id                A 
_struct_ref_seq.seq_align_beg                 1 
_struct_ref_seq.pdbx_seq_align_beg_ins_code   ? 
_struct_ref_seq.seq_align_end                 137 
_struct_ref_seq.pdbx_seq_align_end_ins_code   ? 
_struct_ref_seq.pdbx_db_accession             6KYF 
_struct_ref_seq.db_align_beg                  -4 
_struct_ref_seq.pdbx_db_align_beg_ins_code    ? 
_struct_ref_seq.db_align_end                  132 
_struct_ref_seq.pdbx_db_align_end_ins_code    ? 
_struct_ref_seq.pdbx_auth_seq_align_beg       -4 
_struct_ref_seq.pdbx_auth_seq_align_end       132 
# 
_pdbx_struct_assembly.id                   1 
_pdbx_struct_assembly.details              author_and_software_defined_assembly 
_pdbx_struct_assembly.method_details       PISA 
_pdbx_struct_assembly.oligomeric_details   monomeric 
_pdbx_struct_assembly.oligomeric_count     1 
# 
loop_
_pdbx_struct_assembly_prop.biol_id 
_pdbx_struct_assembly_prop.type 
_pdbx_struct_assembly_prop.value 
_pdbx_struct_assembly_prop.details 
1 'ABSA (A^2)' 1020 ? 
1 MORE         -6   ? 
1 'SSA (A^2)'  7460 ? 
# 
_pdbx_struct_assembly_gen.assembly_id       1 
_pdbx_struct_assembly_gen.oper_expression   1 
_pdbx_struct_assembly_gen.asym_id_list      A,B 
# 
_pdbx_struct_assembly_auth_evidence.id                     1 
_pdbx_struct_assembly_auth_evidence.assembly_id            1 
_pdbx_struct_assembly_auth_evidence.experimental_support   'gel filtration' 
_pdbx_struct_assembly_auth_evidence.details                ? 
# 
_pdbx_struct_oper_list.id                   1 
_pdbx_struct_oper_list.type                 'identity operation' 
_pdbx_struct_oper_list.name                 1_555 
_pdbx_struct_oper_list.symmetry_operation   x,y,z 
_pdbx_struct_oper_list.matrix[1][1]         1.0000000000 
_pdbx_struct_oper_list.matrix[1][2]         0.0000000000 
_pdbx_struct_oper_list.matrix[1][3]         0.0000000000 
_pdbx_struct_oper_list.vector[1]            0.0000000000 
_pdbx_struct_oper_list.matrix[2][1]         0.0000000000 
_pdbx_struct_oper_list.matrix[2][2]         1.0000000000 
_pdbx_struct_oper_list.matrix[2][3]         0.0000000000 
_pdbx_struct_oper_list.vector[2]            0.0000000000 
_pdbx_struct_oper_list.matrix[3][1]         0.0000000000 
_pdbx_struct_oper_list.matrix[3][2]         0.0000000000 
_pdbx_struct_oper_list.matrix[3][3]         1.0000000000 
_pdbx_struct_oper_list.vector[3]            0.0000000000 
# 
loop_
_struct_conf.conf_type_id 
_struct_conf.id 
_struct_conf.pdbx_PDB_helix_id 
_struct_conf.beg_label_comp_id 
_struct_conf.beg_label_asym_id 
_struct_conf.beg_label_seq_id 
_struct_conf.pdbx_beg_PDB_ins_code 
_struct_conf.end_label_comp_id 
_struct_conf.end_label_asym_id 
_struct_conf.end_label_seq_id 
_struct_conf.pdbx_end_PDB_ins_code 
_struct_conf.beg_auth_comp_id 
_struct_conf.beg_auth_asym_id 
_struct_conf.beg_auth_seq_id 
_struct_conf.end_auth_comp_id 
_struct_conf.end_auth_asym_id 
_struct_conf.end_auth_seq_id 
_struct_conf.pdbx_PDB_helix_class 
_struct_conf.details 
_struct_conf.pdbx_PDB_helix_length 
HELX_P HELX_P1 AA1 GLU A 35 ? SER A 41  ? GLU A 30 SER A 36  1 ? 7  
HELX_P HELX_P2 AA2 THR A 56 ? GLU A 63  ? THR A 51 GLU A 58  1 ? 8  
HELX_P HELX_P3 AA3 SER A 66 ? ALA A 75  ? SER A 61 ALA A 70  1 ? 10 
HELX_P HELX_P4 AA4 ASP A 78 ? MET A 86  ? ASP A 73 MET A 81  1 ? 9  
HELX_P HELX_P5 AA5 ASP A 96 ? GLY A 112 ? ASP A 91 GLY A 107 1 ? 17 
# 
_struct_conf_type.id          HELX_P 
_struct_conf_type.criteria    ? 
_struct_conf_type.reference   ? 
# 
loop_
_struct_sheet.id 
_struct_sheet.type 
_struct_sheet.number_strands 
_struct_sheet.details 
AA1 ? 3 ? 
AA2 ? 4 ? 
# 
loop_
_struct_sheet_order.sheet_id 
_struct_sheet_order.range_id_1 
_struct_sheet_order.range_id_2 
_struct_sheet_order.offset 
_struct_sheet_order.sense 
AA1 1 2 ? anti-parallel 
AA1 2 3 ? anti-parallel 
AA2 1 2 ? anti-parallel 
AA2 2 3 ? anti-parallel 
AA2 3 4 ? parallel      
# 
loop_
_struct_sheet_range.sheet_id 
_struct_sheet_range.id 
_struct_sheet_range.beg_label_comp_id 
_struct_sheet_range.beg_label_asym_id 
_struct_sheet_range.beg_label_seq_id 
_struct_sheet_range.pdbx_beg_PDB_ins_code 
_struct_sheet_range.end_label_comp_id 
_struct_sheet_range.end_label_asym_id 
_struct_sheet_range.end_label_seq_id 
_struct_sheet_range.pdbx_end_PDB_ins_code 
_struct_sheet_range.beg_auth_comp_id 
_struct_sheet_range.beg_auth_asym_id 
_struct_sheet_range.beg_auth_seq_id 
_struct_sheet_range.end_auth_comp_id 
_struct_sheet_range.end_auth_asym_id 
_struct_sheet_range.end_auth_seq_id 
AA1 1 MET A 8   ? SER A 14  ? MET A 3   SER A 9   
AA1 2 THR A 45  ? SER A 51  ? THR A 40  SER A 46  
AA1 3 THR A 133 ? LYS A 136 ? THR A 128 LYS A 131 
AA2 1 LEU A 30  ? GLY A 32  ? LEU A 25  GLY A 27  
AA2 2 GLY A 123 ? CYS A 128 ? GLY A 118 CYS A 123 
AA2 3 SER A 115 ? ASP A 120 ? SER A 110 ASP A 115 
AA2 4 PRO A 54  ? LEU A 55  ? PRO A 49  LEU A 50  
# 
loop_
_pdbx_struct_sheet_hbond.sheet_id 
_pdbx_struct_sheet_hbond.range_id_1 
_pdbx_struct_sheet_hbond.range_id_2 
_pdbx_struct_sheet_hbond.range_1_label_atom_id 
_pdbx_struct_sheet_hbond.range_1_label_comp_id 
_pdbx_struct_sheet_hbond.range_1_label_asym_id 
_pdbx_struct_sheet_hbond.range_1_label_seq_id 
_pdbx_struct_sheet_hbond.range_1_PDB_ins_code 
_pdbx_struct_sheet_hbond.range_1_auth_atom_id 
_pdbx_struct_sheet_hbond.range_1_auth_comp_id 
_pdbx_struct_sheet_hbond.range_1_auth_asym_id 
_pdbx_struct_sheet_hbond.range_1_auth_seq_id 
_pdbx_struct_sheet_hbond.range_2_label_atom_id 
_pdbx_struct_sheet_hbond.range_2_label_comp_id 
_pdbx_struct_sheet_hbond.range_2_label_asym_id 
_pdbx_struct_sheet_hbond.range_2_label_seq_id 
_pdbx_struct_sheet_hbond.range_2_PDB_ins_code 
_pdbx_struct_sheet_hbond.range_2_auth_atom_id 
_pdbx_struct_sheet_hbond.range_2_auth_comp_id 
_pdbx_struct_sheet_hbond.range_2_auth_asym_id 
_pdbx_struct_sheet_hbond.range_2_auth_seq_id 
AA1 1 2 N SER A 14  ? N SER A 9   O THR A 45  ? O THR A 40  
AA1 2 3 N ARG A 48  ? N ARG A 43  O GLU A 135 ? O GLU A 130 
AA2 1 2 N LEU A 30  ? N LEU A 25  O CYS A 128 ? O CYS A 123 
AA2 2 3 O THR A 125 ? O THR A 120 N MET A 118 ? N MET A 113 
AA2 3 4 O SER A 115 ? O SER A 110 N LEU A 55  ? N LEU A 50  
# 
_struct_site.id                   AC1 
_struct_site.pdbx_evidence_code   Software 
_struct_site.pdbx_auth_asym_id    A 
_struct_site.pdbx_auth_comp_id    NAD 
_struct_site.pdbx_auth_seq_id     201 
_struct_site.pdbx_auth_ins_code   ? 
_struct_site.pdbx_num_residues    15 
_struct_site.details              'binding site for residue NAD A 201' 
# 
loop_
_struct_site_gen.id 
_struct_site_gen.site_id 
_struct_site_gen.pdbx_num_res 
_struct_site_gen.label_comp_id 
_struct_site_gen.label_asym_id 
_struct_site_gen.label_seq_id 
_struct_site_gen.pdbx_auth_ins_code 
_struct_site_gen.auth_comp_id 
_struct_site_gen.auth_asym_id 
_struct_site_gen.auth_seq_id 
_struct_site_gen.label_atom_id 
_struct_site_gen.label_alt_id 
_struct_site_gen.symmetry 
_struct_site_gen.details 
1  AC1 15 HIS A 12  ? HIS A 7   . ? 1_555 ? 
2  AC1 15 GLY A 13  ? GLY A 8   . ? 1_555 ? 
3  AC1 15 SER A 14  ? SER A 9   . ? 1_555 ? 
4  AC1 15 GLU A 16  ? GLU A 11  . ? 1_555 ? 
5  AC1 15 ILE A 18  ? ILE A 13  . ? 1_555 ? 
6  AC1 15 ILE A 21  ? ILE A 16  . ? 1_555 ? 
7  AC1 15 ARG A 22  ? ARG A 17  . ? 1_555 ? 
8  AC1 15 SER A 24  ? SER A 19  . ? 1_555 ? 
9  AC1 15 GLY A 29  ? GLY A 24  . ? 1_555 ? 
10 AC1 15 LEU A 30  ? LEU A 25  . ? 1_555 ? 
11 AC1 15 PHE A 31  ? PHE A 26  . ? 1_555 ? 
12 AC1 15 HIS A 42  ? HIS A 37  . ? 1_555 ? 
13 AC1 15 GLN A 101 ? GLN A 96  . ? 1_555 ? 
14 AC1 15 ASP A 120 ? ASP A 115 . ? 1_555 ? 
15 AC1 15 THR A 125 ? THR A 120 . ? 1_555 ? 
# 
_pdbx_validate_close_contact.id               1 
_pdbx_validate_close_contact.PDB_model_num    1 
_pdbx_validate_close_contact.auth_atom_id_1   NH1 
_pdbx_validate_close_contact.auth_asym_id_1   A 
_pdbx_validate_close_contact.auth_comp_id_1   ARG 
_pdbx_validate_close_contact.auth_seq_id_1    99 
_pdbx_validate_close_contact.PDB_ins_code_1   ? 
_pdbx_validate_close_contact.label_alt_id_1   ? 
_pdbx_validate_close_contact.auth_atom_id_2   O 
_pdbx_validate_close_contact.auth_asym_id_2   A 
_pdbx_validate_close_contact.auth_comp_id_2   GLU 
_pdbx_validate_close_contact.auth_seq_id_2    112 
_pdbx_validate_close_contact.PDB_ins_code_2   ? 
_pdbx_validate_close_contact.label_alt_id_2   ? 
_pdbx_validate_close_contact.dist             2.18 
# 
loop_
_space_group_symop.id 
_space_group_symop.operation_xyz 
1  x,y,z          
2  x-y,x,z+1/3    
3  y,-x+y,z+2/3   
4  -y,x-y,z+2/3   
5  -x+y,-x,z+1/3  
6  x-y,-y,-z      
7  -x,-x+y,-z+1/3 
8  -x,-y,z        
9  y,x,-z+2/3     
10 -y,-x,-z+2/3   
11 -x+y,y,-z      
12 x,x-y,-z+1/3   
# 
_pdbx_entry_details.entry_id                 6KYF 
_pdbx_entry_details.has_ligand_of_interest   Y 
_pdbx_entry_details.compound_details         ? 
_pdbx_entry_details.source_details           ? 
_pdbx_entry_details.nonpolymer_details       ? 
_pdbx_entry_details.sequence_details         ? 
# 
loop_
_chem_comp_atom.comp_id 
_chem_comp_atom.atom_id 
_chem_comp_atom.type_symbol 
_chem_comp_atom.pdbx_aromatic_flag 
_chem_comp_atom.pdbx_stereo_config 
_chem_comp_atom.pdbx_ordinal 
ALA N    N N N 1   
ALA CA   C N S 2   
ALA C    C N N 3   
ALA O    O N N 4   
ALA CB   C N N 5   
ALA OXT  O N N 6   
ALA H    H N N 7   
ALA H2   H N N 8   
ALA HA   H N N 9   
ALA HB1  H N N 10  
ALA HB2  H N N 11  
ALA HB3  H N N 12  
ALA HXT  H N N 13  
ARG N    N N N 14  
ARG CA   C N S 15  
ARG C    C N N 16  
ARG O    O N N 17  
ARG CB   C N N 18  
ARG CG   C N N 19  
ARG CD   C N N 20  
ARG NE   N N N 21  
ARG CZ   C N N 22  
ARG NH1  N N N 23  
ARG NH2  N N N 24  
ARG OXT  O N N 25  
ARG H    H N N 26  
ARG H2   H N N 27  
ARG HA   H N N 28  
ARG HB2  H N N 29  
ARG HB3  H N N 30  
ARG HG2  H N N 31  
ARG HG3  H N N 32  
ARG HD2  H N N 33  
ARG HD3  H N N 34  
ARG HE   H N N 35  
ARG HH11 H N N 36  
ARG HH12 H N N 37  
ARG HH21 H N N 38  
ARG HH22 H N N 39  
ARG HXT  H N N 40  
ASN N    N N N 41  
ASN CA   C N S 42  
ASN C    C N N 43  
ASN O    O N N 44  
ASN CB   C N N 45  
ASN CG   C N N 46  
ASN OD1  O N N 47  
ASN ND2  N N N 48  
ASN OXT  O N N 49  
ASN H    H N N 50  
ASN H2   H N N 51  
ASN HA   H N N 52  
ASN HB2  H N N 53  
ASN HB3  H N N 54  
ASN HD21 H N N 55  
ASN HD22 H N N 56  
ASN HXT  H N N 57  
ASP N    N N N 58  
ASP CA   C N S 59  
ASP C    C N N 60  
ASP O    O N N 61  
ASP CB   C N N 62  
ASP CG   C N N 63  
ASP OD1  O N N 64  
ASP OD2  O N N 65  
ASP OXT  O N N 66  
ASP H    H N N 67  
ASP H2   H N N 68  
ASP HA   H N N 69  
ASP HB2  H N N 70  
ASP HB3  H N N 71  
ASP HD2  H N N 72  
ASP HXT  H N N 73  
CYS N    N N N 74  
CYS CA   C N R 75  
CYS C    C N N 76  
CYS O    O N N 77  
CYS CB   C N N 78  
CYS SG   S N N 79  
CYS OXT  O N N 80  
CYS H    H N N 81  
CYS H2   H N N 82  
CYS HA   H N N 83  
CYS HB2  H N N 84  
CYS HB3  H N N 85  
CYS HG   H N N 86  
CYS HXT  H N N 87  
GLN N    N N N 88  
GLN CA   C N S 89  
GLN C    C N N 90  
GLN O    O N N 91  
GLN CB   C N N 92  
GLN CG   C N N 93  
GLN CD   C N N 94  
GLN OE1  O N N 95  
GLN NE2  N N N 96  
GLN OXT  O N N 97  
GLN H    H N N 98  
GLN H2   H N N 99  
GLN HA   H N N 100 
GLN HB2  H N N 101 
GLN HB3  H N N 102 
GLN HG2  H N N 103 
GLN HG3  H N N 104 
GLN HE21 H N N 105 
GLN HE22 H N N 106 
GLN HXT  H N N 107 
GLU N    N N N 108 
GLU CA   C N S 109 
GLU C    C N N 110 
GLU O    O N N 111 
GLU CB   C N N 112 
GLU CG   C N N 113 
GLU CD   C N N 114 
GLU OE1  O N N 115 
GLU OE2  O N N 116 
GLU OXT  O N N 117 
GLU H    H N N 118 
GLU H2   H N N 119 
GLU HA   H N N 120 
GLU HB2  H N N 121 
GLU HB3  H N N 122 
GLU HG2  H N N 123 
GLU HG3  H N N 124 
GLU HE2  H N N 125 
GLU HXT  H N N 126 
GLY N    N N N 127 
GLY CA   C N N 128 
GLY C    C N N 129 
GLY O    O N N 130 
GLY OXT  O N N 131 
GLY H    H N N 132 
GLY H2   H N N 133 
GLY HA2  H N N 134 
GLY HA3  H N N 135 
GLY HXT  H N N 136 
HIS N    N N N 137 
HIS CA   C N S 138 
HIS C    C N N 139 
HIS O    O N N 140 
HIS CB   C N N 141 
HIS CG   C Y N 142 
HIS ND1  N Y N 143 
HIS CD2  C Y N 144 
HIS CE1  C Y N 145 
HIS NE2  N Y N 146 
HIS OXT  O N N 147 
HIS H    H N N 148 
HIS H2   H N N 149 
HIS HA   H N N 150 
HIS HB2  H N N 151 
HIS HB3  H N N 152 
HIS HD1  H N N 153 
HIS HD2  H N N 154 
HIS HE1  H N N 155 
HIS HE2  H N N 156 
HIS HXT  H N N 157 
ILE N    N N N 158 
ILE CA   C N S 159 
ILE C    C N N 160 
ILE O    O N N 161 
ILE CB   C N S 162 
ILE CG1  C N N 163 
ILE CG2  C N N 164 
ILE CD1  C N N 165 
ILE OXT  O N N 166 
ILE H    H N N 167 
ILE H2   H N N 168 
ILE HA   H N N 169 
ILE HB   H N N 170 
ILE HG12 H N N 171 
ILE HG13 H N N 172 
ILE HG21 H N N 173 
ILE HG22 H N N 174 
ILE HG23 H N N 175 
ILE HD11 H N N 176 
ILE HD12 H N N 177 
ILE HD13 H N N 178 
ILE HXT  H N N 179 
LEU N    N N N 180 
LEU CA   C N S 181 
LEU C    C N N 182 
LEU O    O N N 183 
LEU CB   C N N 184 
LEU CG   C N N 185 
LEU CD1  C N N 186 
LEU CD2  C N N 187 
LEU OXT  O N N 188 
LEU H    H N N 189 
LEU H2   H N N 190 
LEU HA   H N N 191 
LEU HB2  H N N 192 
LEU HB3  H N N 193 
LEU HG   H N N 194 
LEU HD11 H N N 195 
LEU HD12 H N N 196 
LEU HD13 H N N 197 
LEU HD21 H N N 198 
LEU HD22 H N N 199 
LEU HD23 H N N 200 
LEU HXT  H N N 201 
LYS N    N N N 202 
LYS CA   C N S 203 
LYS C    C N N 204 
LYS O    O N N 205 
LYS CB   C N N 206 
LYS CG   C N N 207 
LYS CD   C N N 208 
LYS CE   C N N 209 
LYS NZ   N N N 210 
LYS OXT  O N N 211 
LYS H    H N N 212 
LYS H2   H N N 213 
LYS HA   H N N 214 
LYS HB2  H N N 215 
LYS HB3  H N N 216 
LYS HG2  H N N 217 
LYS HG3  H N N 218 
LYS HD2  H N N 219 
LYS HD3  H N N 220 
LYS HE2  H N N 221 
LYS HE3  H N N 222 
LYS HZ1  H N N 223 
LYS HZ2  H N N 224 
LYS HZ3  H N N 225 
LYS HXT  H N N 226 
MET N    N N N 227 
MET CA   C N S 228 
MET C    C N N 229 
MET O    O N N 230 
MET CB   C N N 231 
MET CG   C N N 232 
MET SD   S N N 233 
MET CE   C N N 234 
MET OXT  O N N 235 
MET H    H N N 236 
MET H2   H N N 237 
MET HA   H N N 238 
MET HB2  H N N 239 
MET HB3  H N N 240 
MET HG2  H N N 241 
MET HG3  H N N 242 
MET HE1  H N N 243 
MET HE2  H N N 244 
MET HE3  H N N 245 
MET HXT  H N N 246 
NAD PA   P N S 247 
NAD O1A  O N N 248 
NAD O2A  O N N 249 
NAD O5B  O N N 250 
NAD C5B  C N N 251 
NAD C4B  C N R 252 
NAD O4B  O N N 253 
NAD C3B  C N S 254 
NAD O3B  O N N 255 
NAD C2B  C N R 256 
NAD O2B  O N N 257 
NAD C1B  C N R 258 
NAD N9A  N Y N 259 
NAD C8A  C Y N 260 
NAD N7A  N Y N 261 
NAD C5A  C Y N 262 
NAD C6A  C Y N 263 
NAD N6A  N N N 264 
NAD N1A  N Y N 265 
NAD C2A  C Y N 266 
NAD N3A  N Y N 267 
NAD C4A  C Y N 268 
NAD O3   O N N 269 
NAD PN   P N N 270 
NAD O1N  O N N 271 
NAD O2N  O N N 272 
NAD O5D  O N N 273 
NAD C5D  C N N 274 
NAD C4D  C N R 275 
NAD O4D  O N N 276 
NAD C3D  C N S 277 
NAD O3D  O N N 278 
NAD C2D  C N R 279 
NAD O2D  O N N 280 
NAD C1D  C N R 281 
NAD N1N  N Y N 282 
NAD C2N  C Y N 283 
NAD C3N  C Y N 284 
NAD C7N  C N N 285 
NAD O7N  O N N 286 
NAD N7N  N N N 287 
NAD C4N  C Y N 288 
NAD C5N  C Y N 289 
NAD C6N  C Y N 290 
NAD HOA2 H N N 291 
NAD H51A H N N 292 
NAD H52A H N N 293 
NAD H4B  H N N 294 
NAD H3B  H N N 295 
NAD HO3A H N N 296 
NAD H2B  H N N 297 
NAD HO2A H N N 298 
NAD H1B  H N N 299 
NAD H8A  H N N 300 
NAD H61A H N N 301 
NAD H62A H N N 302 
NAD H2A  H N N 303 
NAD H51N H N N 304 
NAD H52N H N N 305 
NAD H4D  H N N 306 
NAD H3D  H N N 307 
NAD HO3N H N N 308 
NAD H2D  H N N 309 
NAD HO2N H N N 310 
NAD H1D  H N N 311 
NAD H2N  H N N 312 
NAD H71N H N N 313 
NAD H72N H N N 314 
NAD H4N  H N N 315 
NAD H5N  H N N 316 
NAD H6N  H N N 317 
PHE N    N N N 318 
PHE CA   C N S 319 
PHE C    C N N 320 
PHE O    O N N 321 
PHE CB   C N N 322 
PHE CG   C Y N 323 
PHE CD1  C Y N 324 
PHE CD2  C Y N 325 
PHE CE1  C Y N 326 
PHE CE2  C Y N 327 
PHE CZ   C Y N 328 
PHE OXT  O N N 329 
PHE H    H N N 330 
PHE H2   H N N 331 
PHE HA   H N N 332 
PHE HB2  H N N 333 
PHE HB3  H N N 334 
PHE HD1  H N N 335 
PHE HD2  H N N 336 
PHE HE1  H N N 337 
PHE HE2  H N N 338 
PHE HZ   H N N 339 
PHE HXT  H N N 340 
PRO N    N N N 341 
PRO CA   C N S 342 
PRO C    C N N 343 
PRO O    O N N 344 
PRO CB   C N N 345 
PRO CG   C N N 346 
PRO CD   C N N 347 
PRO OXT  O N N 348 
PRO H    H N N 349 
PRO HA   H N N 350 
PRO HB2  H N N 351 
PRO HB3  H N N 352 
PRO HG2  H N N 353 
PRO HG3  H N N 354 
PRO HD2  H N N 355 
PRO HD3  H N N 356 
PRO HXT  H N N 357 
SER N    N N N 358 
SER CA   C N S 359 
SER C    C N N 360 
SER O    O N N 361 
SER CB   C N N 362 
SER OG   O N N 363 
SER OXT  O N N 364 
SER H    H N N 365 
SER H2   H N N 366 
SER HA   H N N 367 
SER HB2  H N N 368 
SER HB3  H N N 369 
SER HG   H N N 370 
SER HXT  H N N 371 
THR N    N N N 372 
THR CA   C N S 373 
THR C    C N N 374 
THR O    O N N 375 
THR CB   C N R 376 
THR OG1  O N N 377 
THR CG2  C N N 378 
THR OXT  O N N 379 
THR H    H N N 380 
THR H2   H N N 381 
THR HA   H N N 382 
THR HB   H N N 383 
THR HG1  H N N 384 
THR HG21 H N N 385 
THR HG22 H N N 386 
THR HG23 H N N 387 
THR HXT  H N N 388 
TRP N    N N N 389 
TRP CA   C N S 390 
TRP C    C N N 391 
TRP O    O N N 392 
TRP CB   C N N 393 
TRP CG   C Y N 394 
TRP CD1  C Y N 395 
TRP CD2  C Y N 396 
TRP NE1  N Y N 397 
TRP CE2  C Y N 398 
TRP CE3  C Y N 399 
TRP CZ2  C Y N 400 
TRP CZ3  C Y N 401 
TRP CH2  C Y N 402 
TRP OXT  O N N 403 
TRP H    H N N 404 
TRP H2   H N N 405 
TRP HA   H N N 406 
TRP HB2  H N N 407 
TRP HB3  H N N 408 
TRP HD1  H N N 409 
TRP HE1  H N N 410 
TRP HE3  H N N 411 
TRP HZ2  H N N 412 
TRP HZ3  H N N 413 
TRP HH2  H N N 414 
TRP HXT  H N N 415 
TYR N    N N N 416 
TYR CA   C N S 417 
TYR C    C N N 418 
TYR O    O N N 419 
TYR CB   C N N 420 
TYR CG   C Y N 421 
TYR CD1  C Y N 422 
TYR CD2  C Y N 423 
TYR CE1  C Y N 424 
TYR CE2  C Y N 425 
TYR CZ   C Y N 426 
TYR OH   O N N 427 
TYR OXT  O N N 428 
TYR H    H N N 429 
TYR H2   H N N 430 
TYR HA   H N N 431 
TYR HB2  H N N 432 
TYR HB3  H N N 433 
TYR HD1  H N N 434 
TYR HD2  H N N 435 
TYR HE1  H N N 436 
TYR HE2  H N N 437 
TYR HH   H N N 438 
TYR HXT  H N N 439 
VAL N    N N N 440 
VAL CA   C N S 441 
VAL C    C N N 442 
VAL O    O N N 443 
VAL CB   C N N 444 
VAL CG1  C N N 445 
VAL CG2  C N N 446 
VAL OXT  O N N 447 
VAL H    H N N 448 
VAL H2   H N N 449 
VAL HA   H N N 450 
VAL HB   H N N 451 
VAL HG11 H N N 452 
VAL HG12 H N N 453 
VAL HG13 H N N 454 
VAL HG21 H N N 455 
VAL HG22 H N N 456 
VAL HG23 H N N 457 
VAL HXT  H N N 458 
# 
loop_
_chem_comp_bond.comp_id 
_chem_comp_bond.atom_id_1 
_chem_comp_bond.atom_id_2 
_chem_comp_bond.value_order 
_chem_comp_bond.pdbx_aromatic_flag 
_chem_comp_bond.pdbx_stereo_config 
_chem_comp_bond.pdbx_ordinal 
ALA N   CA   sing N N 1   
ALA N   H    sing N N 2   
ALA N   H2   sing N N 3   
ALA CA  C    sing N N 4   
ALA CA  CB   sing N N 5   
ALA CA  HA   sing N N 6   
ALA C   O    doub N N 7   
ALA C   OXT  sing N N 8   
ALA CB  HB1  sing N N 9   
ALA CB  HB2  sing N N 10  
ALA CB  HB3  sing N N 11  
ALA OXT HXT  sing N N 12  
ARG N   CA   sing N N 13  
ARG N   H    sing N N 14  
ARG N   H2   sing N N 15  
ARG CA  C    sing N N 16  
ARG CA  CB   sing N N 17  
ARG CA  HA   sing N N 18  
ARG C   O    doub N N 19  
ARG C   OXT  sing N N 20  
ARG CB  CG   sing N N 21  
ARG CB  HB2  sing N N 22  
ARG CB  HB3  sing N N 23  
ARG CG  CD   sing N N 24  
ARG CG  HG2  sing N N 25  
ARG CG  HG3  sing N N 26  
ARG CD  NE   sing N N 27  
ARG CD  HD2  sing N N 28  
ARG CD  HD3  sing N N 29  
ARG NE  CZ   sing N N 30  
ARG NE  HE   sing N N 31  
ARG CZ  NH1  sing N N 32  
ARG CZ  NH2  doub N N 33  
ARG NH1 HH11 sing N N 34  
ARG NH1 HH12 sing N N 35  
ARG NH2 HH21 sing N N 36  
ARG NH2 HH22 sing N N 37  
ARG OXT HXT  sing N N 38  
ASN N   CA   sing N N 39  
ASN N   H    sing N N 40  
ASN N   H2   sing N N 41  
ASN CA  C    sing N N 42  
ASN CA  CB   sing N N 43  
ASN CA  HA   sing N N 44  
ASN C   O    doub N N 45  
ASN C   OXT  sing N N 46  
ASN CB  CG   sing N N 47  
ASN CB  HB2  sing N N 48  
ASN CB  HB3  sing N N 49  
ASN CG  OD1  doub N N 50  
ASN CG  ND2  sing N N 51  
ASN ND2 HD21 sing N N 52  
ASN ND2 HD22 sing N N 53  
ASN OXT HXT  sing N N 54  
ASP N   CA   sing N N 55  
ASP N   H    sing N N 56  
ASP N   H2   sing N N 57  
ASP CA  C    sing N N 58  
ASP CA  CB   sing N N 59  
ASP CA  HA   sing N N 60  
ASP C   O    doub N N 61  
ASP C   OXT  sing N N 62  
ASP CB  CG   sing N N 63  
ASP CB  HB2  sing N N 64  
ASP CB  HB3  sing N N 65  
ASP CG  OD1  doub N N 66  
ASP CG  OD2  sing N N 67  
ASP OD2 HD2  sing N N 68  
ASP OXT HXT  sing N N 69  
CYS N   CA   sing N N 70  
CYS N   H    sing N N 71  
CYS N   H2   sing N N 72  
CYS CA  C    sing N N 73  
CYS CA  CB   sing N N 74  
CYS CA  HA   sing N N 75  
CYS C   O    doub N N 76  
CYS C   OXT  sing N N 77  
CYS CB  SG   sing N N 78  
CYS CB  HB2  sing N N 79  
CYS CB  HB3  sing N N 80  
CYS SG  HG   sing N N 81  
CYS OXT HXT  sing N N 82  
GLN N   CA   sing N N 83  
GLN N   H    sing N N 84  
GLN N   H2   sing N N 85  
GLN CA  C    sing N N 86  
GLN CA  CB   sing N N 87  
GLN CA  HA   sing N N 88  
GLN C   O    doub N N 89  
GLN C   OXT  sing N N 90  
GLN CB  CG   sing N N 91  
GLN CB  HB2  sing N N 92  
GLN CB  HB3  sing N N 93  
GLN CG  CD   sing N N 94  
GLN CG  HG2  sing N N 95  
GLN CG  HG3  sing N N 96  
GLN CD  OE1  doub N N 97  
GLN CD  NE2  sing N N 98  
GLN NE2 HE21 sing N N 99  
GLN NE2 HE22 sing N N 100 
GLN OXT HXT  sing N N 101 
GLU N   CA   sing N N 102 
GLU N   H    sing N N 103 
GLU N   H2   sing N N 104 
GLU CA  C    sing N N 105 
GLU CA  CB   sing N N 106 
GLU CA  HA   sing N N 107 
GLU C   O    doub N N 108 
GLU C   OXT  sing N N 109 
GLU CB  CG   sing N N 110 
GLU CB  HB2  sing N N 111 
GLU CB  HB3  sing N N 112 
GLU CG  CD   sing N N 113 
GLU CG  HG2  sing N N 114 
GLU CG  HG3  sing N N 115 
GLU CD  OE1  doub N N 116 
GLU CD  OE2  sing N N 117 
GLU OE2 HE2  sing N N 118 
GLU OXT HXT  sing N N 119 
GLY N   CA   sing N N 120 
GLY N   H    sing N N 121 
GLY N   H2   sing N N 122 
GLY CA  C    sing N N 123 
GLY CA  HA2  sing N N 124 
GLY CA  HA3  sing N N 125 
GLY C   O    doub N N 126 
GLY C   OXT  sing N N 127 
GLY OXT HXT  sing N N 128 
HIS N   CA   sing N N 129 
HIS N   H    sing N N 130 
HIS N   H2   sing N N 131 
HIS CA  C    sing N N 132 
HIS CA  CB   sing N N 133 
HIS CA  HA   sing N N 134 
HIS C   O    doub N N 135 
HIS C   OXT  sing N N 136 
HIS CB  CG   sing N N 137 
HIS CB  HB2  sing N N 138 
HIS CB  HB3  sing N N 139 
HIS CG  ND1  sing Y N 140 
HIS CG  CD2  doub Y N 141 
HIS ND1 CE1  doub Y N 142 
HIS ND1 HD1  sing N N 143 
HIS CD2 NE2  sing Y N 144 
HIS CD2 HD2  sing N N 145 
HIS CE1 NE2  sing Y N 146 
HIS CE1 HE1  sing N N 147 
HIS NE2 HE2  sing N N 148 
HIS OXT HXT  sing N N 149 
ILE N   CA   sing N N 150 
ILE N   H    sing N N 151 
ILE N   H2   sing N N 152 
ILE CA  C    sing N N 153 
ILE CA  CB   sing N N 154 
ILE CA  HA   sing N N 155 
ILE C   O    doub N N 156 
ILE C   OXT  sing N N 157 
ILE CB  CG1  sing N N 158 
ILE CB  CG2  sing N N 159 
ILE CB  HB   sing N N 160 
ILE CG1 CD1  sing N N 161 
ILE CG1 HG12 sing N N 162 
ILE CG1 HG13 sing N N 163 
ILE CG2 HG21 sing N N 164 
ILE CG2 HG22 sing N N 165 
ILE CG2 HG23 sing N N 166 
ILE CD1 HD11 sing N N 167 
ILE CD1 HD12 sing N N 168 
ILE CD1 HD13 sing N N 169 
ILE OXT HXT  sing N N 170 
LEU N   CA   sing N N 171 
LEU N   H    sing N N 172 
LEU N   H2   sing N N 173 
LEU CA  C    sing N N 174 
LEU CA  CB   sing N N 175 
LEU CA  HA   sing N N 176 
LEU C   O    doub N N 177 
LEU C   OXT  sing N N 178 
LEU CB  CG   sing N N 179 
LEU CB  HB2  sing N N 180 
LEU CB  HB3  sing N N 181 
LEU CG  CD1  sing N N 182 
LEU CG  CD2  sing N N 183 
LEU CG  HG   sing N N 184 
LEU CD1 HD11 sing N N 185 
LEU CD1 HD12 sing N N 186 
LEU CD1 HD13 sing N N 187 
LEU CD2 HD21 sing N N 188 
LEU CD2 HD22 sing N N 189 
LEU CD2 HD23 sing N N 190 
LEU OXT HXT  sing N N 191 
LYS N   CA   sing N N 192 
LYS N   H    sing N N 193 
LYS N   H2   sing N N 194 
LYS CA  C    sing N N 195 
LYS CA  CB   sing N N 196 
LYS CA  HA   sing N N 197 
LYS C   O    doub N N 198 
LYS C   OXT  sing N N 199 
LYS CB  CG   sing N N 200 
LYS CB  HB2  sing N N 201 
LYS CB  HB3  sing N N 202 
LYS CG  CD   sing N N 203 
LYS CG  HG2  sing N N 204 
LYS CG  HG3  sing N N 205 
LYS CD  CE   sing N N 206 
LYS CD  HD2  sing N N 207 
LYS CD  HD3  sing N N 208 
LYS CE  NZ   sing N N 209 
LYS CE  HE2  sing N N 210 
LYS CE  HE3  sing N N 211 
LYS NZ  HZ1  sing N N 212 
LYS NZ  HZ2  sing N N 213 
LYS NZ  HZ3  sing N N 214 
LYS OXT HXT  sing N N 215 
MET N   CA   sing N N 216 
MET N   H    sing N N 217 
MET N   H2   sing N N 218 
MET CA  C    sing N N 219 
MET CA  CB   sing N N 220 
MET CA  HA   sing N N 221 
MET C   O    doub N N 222 
MET C   OXT  sing N N 223 
MET CB  CG   sing N N 224 
MET CB  HB2  sing N N 225 
MET CB  HB3  sing N N 226 
MET CG  SD   sing N N 227 
MET CG  HG2  sing N N 228 
MET CG  HG3  sing N N 229 
MET SD  CE   sing N N 230 
MET CE  HE1  sing N N 231 
MET CE  HE2  sing N N 232 
MET CE  HE3  sing N N 233 
MET OXT HXT  sing N N 234 
NAD PA  O1A  doub N N 235 
NAD PA  O2A  sing N N 236 
NAD PA  O5B  sing N N 237 
NAD PA  O3   sing N N 238 
NAD O2A HOA2 sing N N 239 
NAD O5B C5B  sing N N 240 
NAD C5B C4B  sing N N 241 
NAD C5B H51A sing N N 242 
NAD C5B H52A sing N N 243 
NAD C4B O4B  sing N N 244 
NAD C4B C3B  sing N N 245 
NAD C4B H4B  sing N N 246 
NAD O4B C1B  sing N N 247 
NAD C3B O3B  sing N N 248 
NAD C3B C2B  sing N N 249 
NAD C3B H3B  sing N N 250 
NAD O3B HO3A sing N N 251 
NAD C2B O2B  sing N N 252 
NAD C2B C1B  sing N N 253 
NAD C2B H2B  sing N N 254 
NAD O2B HO2A sing N N 255 
NAD C1B N9A  sing N N 256 
NAD C1B H1B  sing N N 257 
NAD N9A C8A  sing Y N 258 
NAD N9A C4A  sing Y N 259 
NAD C8A N7A  doub Y N 260 
NAD C8A H8A  sing N N 261 
NAD N7A C5A  sing Y N 262 
NAD C5A C6A  sing Y N 263 
NAD C5A C4A  doub Y N 264 
NAD C6A N6A  sing N N 265 
NAD C6A N1A  doub Y N 266 
NAD N6A H61A sing N N 267 
NAD N6A H62A sing N N 268 
NAD N1A C2A  sing Y N 269 
NAD C2A N3A  doub Y N 270 
NAD C2A H2A  sing N N 271 
NAD N3A C4A  sing Y N 272 
NAD O3  PN   sing N N 273 
NAD PN  O1N  doub N N 274 
NAD PN  O2N  sing N N 275 
NAD PN  O5D  sing N N 276 
NAD O5D C5D  sing N N 277 
NAD C5D C4D  sing N N 278 
NAD C5D H51N sing N N 279 
NAD C5D H52N sing N N 280 
NAD C4D O4D  sing N N 281 
NAD C4D C3D  sing N N 282 
NAD C4D H4D  sing N N 283 
NAD O4D C1D  sing N N 284 
NAD C3D O3D  sing N N 285 
NAD C3D C2D  sing N N 286 
NAD C3D H3D  sing N N 287 
NAD O3D HO3N sing N N 288 
NAD C2D O2D  sing N N 289 
NAD C2D C1D  sing N N 290 
NAD C2D H2D  sing N N 291 
NAD O2D HO2N sing N N 292 
NAD C1D N1N  sing N N 293 
NAD C1D H1D  sing N N 294 
NAD N1N C2N  sing Y N 295 
NAD N1N C6N  doub Y N 296 
NAD C2N C3N  doub Y N 297 
NAD C2N H2N  sing N N 298 
NAD C3N C7N  sing N N 299 
NAD C3N C4N  sing Y N 300 
NAD C7N O7N  doub N N 301 
NAD C7N N7N  sing N N 302 
NAD N7N H71N sing N N 303 
NAD N7N H72N sing N N 304 
NAD C4N C5N  doub Y N 305 
NAD C4N H4N  sing N N 306 
NAD C5N C6N  sing Y N 307 
NAD C5N H5N  sing N N 308 
NAD C6N H6N  sing N N 309 
PHE N   CA   sing N N 310 
PHE N   H    sing N N 311 
PHE N   H2   sing N N 312 
PHE CA  C    sing N N 313 
PHE CA  CB   sing N N 314 
PHE CA  HA   sing N N 315 
PHE C   O    doub N N 316 
PHE C   OXT  sing N N 317 
PHE CB  CG   sing N N 318 
PHE CB  HB2  sing N N 319 
PHE CB  HB3  sing N N 320 
PHE CG  CD1  doub Y N 321 
PHE CG  CD2  sing Y N 322 
PHE CD1 CE1  sing Y N 323 
PHE CD1 HD1  sing N N 324 
PHE CD2 CE2  doub Y N 325 
PHE CD2 HD2  sing N N 326 
PHE CE1 CZ   doub Y N 327 
PHE CE1 HE1  sing N N 328 
PHE CE2 CZ   sing Y N 329 
PHE CE2 HE2  sing N N 330 
PHE CZ  HZ   sing N N 331 
PHE OXT HXT  sing N N 332 
PRO N   CA   sing N N 333 
PRO N   CD   sing N N 334 
PRO N   H    sing N N 335 
PRO CA  C    sing N N 336 
PRO CA  CB   sing N N 337 
PRO CA  HA   sing N N 338 
PRO C   O    doub N N 339 
PRO C   OXT  sing N N 340 
PRO CB  CG   sing N N 341 
PRO CB  HB2  sing N N 342 
PRO CB  HB3  sing N N 343 
PRO CG  CD   sing N N 344 
PRO CG  HG2  sing N N 345 
PRO CG  HG3  sing N N 346 
PRO CD  HD2  sing N N 347 
PRO CD  HD3  sing N N 348 
PRO OXT HXT  sing N N 349 
SER N   CA   sing N N 350 
SER N   H    sing N N 351 
SER N   H2   sing N N 352 
SER CA  C    sing N N 353 
SER CA  CB   sing N N 354 
SER CA  HA   sing N N 355 
SER C   O    doub N N 356 
SER C   OXT  sing N N 357 
SER CB  OG   sing N N 358 
SER CB  HB2  sing N N 359 
SER CB  HB3  sing N N 360 
SER OG  HG   sing N N 361 
SER OXT HXT  sing N N 362 
THR N   CA   sing N N 363 
THR N   H    sing N N 364 
THR N   H2   sing N N 365 
THR CA  C    sing N N 366 
THR CA  CB   sing N N 367 
THR CA  HA   sing N N 368 
THR C   O    doub N N 369 
THR C   OXT  sing N N 370 
THR CB  OG1  sing N N 371 
THR CB  CG2  sing N N 372 
THR CB  HB   sing N N 373 
THR OG1 HG1  sing N N 374 
THR CG2 HG21 sing N N 375 
THR CG2 HG22 sing N N 376 
THR CG2 HG23 sing N N 377 
THR OXT HXT  sing N N 378 
TRP N   CA   sing N N 379 
TRP N   H    sing N N 380 
TRP N   H2   sing N N 381 
TRP CA  C    sing N N 382 
TRP CA  CB   sing N N 383 
TRP CA  HA   sing N N 384 
TRP C   O    doub N N 385 
TRP C   OXT  sing N N 386 
TRP CB  CG   sing N N 387 
TRP CB  HB2  sing N N 388 
TRP CB  HB3  sing N N 389 
TRP CG  CD1  doub Y N 390 
TRP CG  CD2  sing Y N 391 
TRP CD1 NE1  sing Y N 392 
TRP CD1 HD1  sing N N 393 
TRP CD2 CE2  doub Y N 394 
TRP CD2 CE3  sing Y N 395 
TRP NE1 CE2  sing Y N 396 
TRP NE1 HE1  sing N N 397 
TRP CE2 CZ2  sing Y N 398 
TRP CE3 CZ3  doub Y N 399 
TRP CE3 HE3  sing N N 400 
TRP CZ2 CH2  doub Y N 401 
TRP CZ2 HZ2  sing N N 402 
TRP CZ3 CH2  sing Y N 403 
TRP CZ3 HZ3  sing N N 404 
TRP CH2 HH2  sing N N 405 
TRP OXT HXT  sing N N 406 
TYR N   CA   sing N N 407 
TYR N   H    sing N N 408 
TYR N   H2   sing N N 409 
TYR CA  C    sing N N 410 
TYR CA  CB   sing N N 411 
TYR CA  HA   sing N N 412 
TYR C   O    doub N N 413 
TYR C   OXT  sing N N 414 
TYR CB  CG   sing N N 415 
TYR CB  HB2  sing N N 416 
TYR CB  HB3  sing N N 417 
TYR CG  CD1  doub Y N 418 
TYR CG  CD2  sing Y N 419 
TYR CD1 CE1  sing Y N 420 
TYR CD1 HD1  sing N N 421 
TYR CD2 CE2  doub Y N 422 
TYR CD2 HD2  sing N N 423 
TYR CE1 CZ   doub Y N 424 
TYR CE1 HE1  sing N N 425 
TYR CE2 CZ   sing Y N 426 
TYR CE2 HE2  sing N N 427 
TYR CZ  OH   sing N N 428 
TYR OH  HH   sing N N 429 
TYR OXT HXT  sing N N 430 
VAL N   CA   sing N N 431 
VAL N   H    sing N N 432 
VAL N   H2   sing N N 433 
VAL CA  C    sing N N 434 
VAL CA  CB   sing N N 435 
VAL CA  HA   sing N N 436 
VAL C   O    doub N N 437 
VAL C   OXT  sing N N 438 
VAL CB  CG1  sing N N 439 
VAL CB  CG2  sing N N 440 
VAL CB  HB   sing N N 441 
VAL CG1 HG11 sing N N 442 
VAL CG1 HG12 sing N N 443 
VAL CG1 HG13 sing N N 444 
VAL CG2 HG21 sing N N 445 
VAL CG2 HG22 sing N N 446 
VAL CG2 HG23 sing N N 447 
VAL OXT HXT  sing N N 448 
# 
_pdbx_audit_support.funding_organization   'National Science Foundation (China)' 
_pdbx_audit_support.country                China 
_pdbx_audit_support.grant_number           31822012 
_pdbx_audit_support.ordinal                1 
# 
_pdbx_entity_instance_feature.ordinal        1 
_pdbx_entity_instance_feature.comp_id        NAD 
_pdbx_entity_instance_feature.asym_id        ? 
_pdbx_entity_instance_feature.seq_num        ? 
_pdbx_entity_instance_feature.auth_comp_id   NAD 
_pdbx_entity_instance_feature.auth_asym_id   ? 
_pdbx_entity_instance_feature.auth_seq_num   ? 
_pdbx_entity_instance_feature.feature_type   'SUBJECT OF INVESTIGATION' 
_pdbx_entity_instance_feature.details        ? 
# 
_space_group.name_H-M_alt     'P 62 2 2' 
_space_group.name_Hall        'P 62 2 (x,y,z+1/3)' 
_space_group.IT_number        180 
_space_group.crystal_system   hexagonal 
_space_group.id               1 
# 
_atom_sites.entry_id                    6KYF 
_atom_sites.Cartn_transf_matrix[1][1]   ? 
_atom_sites.Cartn_transf_matrix[1][2]   ? 
_atom_sites.Cartn_transf_matrix[1][3]   ? 
_atom_sites.Cartn_transf_matrix[2][1]   ? 
_atom_sites.Cartn_transf_matrix[2][2]   ? 
_atom_sites.Cartn_transf_matrix[2][3]   ? 
_atom_sites.Cartn_transf_matrix[3][1]   ? 
_atom_sites.Cartn_transf_matrix[3][2]   ? 
_atom_sites.Cartn_transf_matrix[3][3]   ? 
_atom_sites.Cartn_transf_vector[1]      ? 
_atom_sites.Cartn_transf_vector[2]      ? 
_atom_sites.Cartn_transf_vector[3]      ? 
_atom_sites.fract_transf_matrix[1][1]   0.01077453 
_atom_sites.fract_transf_matrix[1][2]   -0.00167341 
_atom_sites.fract_transf_matrix[1][3]   -0.00167190 
_atom_sites.fract_transf_matrix[2][1]   0.00741500 
_atom_sites.fract_transf_matrix[2][2]   0.00472913 
_atom_sites.fract_transf_matrix[2][3]   0.00665853 
_atom_sites.fract_transf_matrix[3][1]   -0.00025658 
_atom_sites.fract_transf_matrix[3][2]   -0.00667182 
_atom_sites.fract_transf_matrix[3][3]   0.00502431 
_atom_sites.fract_transf_vector[1]      0.838359 
_atom_sites.fract_transf_vector[2]      1.339180 
_atom_sites.fract_transf_vector[3]      1.246066 
_atom_sites.solution_primary            ? 
_atom_sites.solution_secondary          ? 
_atom_sites.solution_hydrogens          ? 
_atom_sites.special_details             ? 
# 
loop_
_atom_type.symbol 
_atom_type.scat_dispersion_real 
_atom_type.scat_dispersion_imag 
_atom_type.scat_Cromer_Mann_a1 
_atom_type.scat_Cromer_Mann_a2 
_atom_type.scat_Cromer_Mann_a3 
_atom_type.scat_Cromer_Mann_a4 
_atom_type.scat_Cromer_Mann_b1 
_atom_type.scat_Cromer_Mann_b2 
_atom_type.scat_Cromer_Mann_b3 
_atom_type.scat_Cromer_Mann_b4 
_atom_type.scat_Cromer_Mann_c 
_atom_type.scat_source 
_atom_type.scat_dispersion_source 
C ? ? 3.54356 2.42580 ? ? 25.62398 1.50364  ? ? 0.0 
;2-Gaussian fit: Grosse-Kunstleve RW, Sauter NK, Adams PD: Newsletter of the IUCr Commission on Crystallographic Computing 2004, 3, 22-31.
;
? 
N ? ? 6.96715 ?       ? ? 11.43723 ?        ? ? 0.0 
;1-Gaussian fit: Grosse-Kunstleve RW, Sauter NK, Adams PD: Newsletter of the IUCr Commission on Crystallographic Computing 2004, 3, 22-31.
;
? 
O ? ? 7.96527 ?       ? ? 9.05267  ?        ? ? 0.0 
;1-Gaussian fit: Grosse-Kunstleve RW, Sauter NK, Adams PD: Newsletter of the IUCr Commission on Crystallographic Computing 2004, 3, 22-31.
;
? 
P ? ? 9.51135 5.44231 ? ? 1.42069  35.72801 ? ? 0.0 
;2-Gaussian fit: Grosse-Kunstleve RW, Sauter NK, Adams PD: Newsletter of the IUCr Commission on Crystallographic Computing 2004, 3, 22-31.
;
? 
S ? ? 9.55732 6.39887 ? ? 1.23737  29.19336 ? ? 0.0 
;2-Gaussian fit: Grosse-Kunstleve RW, Sauter NK, Adams PD: Newsletter of the IUCr Commission on Crystallographic Computing 2004, 3, 22-31.
;
? 
# 
loop_
_atom_site.group_PDB 
_atom_site.id 
_atom_site.type_symbol 
_atom_site.label_atom_id 
_atom_site.label_alt_id 
_atom_site.label_comp_id 
_atom_site.label_asym_id 
_atom_site.label_entity_id 
_atom_site.label_seq_id 
_atom_site.pdbx_PDB_ins_code 
_atom_site.Cartn_x 
_atom_site.Cartn_y 
_atom_site.Cartn_z 
_atom_site.occupancy 
_atom_site.B_iso_or_equiv 
_atom_site.pdbx_formal_charge 
_atom_site.auth_seq_id 
_atom_site.auth_comp_id 
_atom_site.auth_asym_id 
_atom_site.auth_atom_id 
_atom_site.pdbx_PDB_model_num 
ATOM   1    N N   . GLY A 1 1   ? 17.73366  9.23855   -0.13215  1.000 77.38036  ? -4  GLY A N   1 
ATOM   2    C CA  . GLY A 1 1   ? 17.72481  10.20385  0.95438   1.000 89.08832  ? -4  GLY A CA  1 
ATOM   3    C C   . GLY A 1 1   ? 17.69623  9.61134   2.35413   1.000 94.94528  ? -4  GLY A C   1 
ATOM   4    O O   . GLY A 1 1   ? 17.18578  8.50268   2.53923   1.000 96.10914  ? -4  GLY A O   1 
ATOM   5    N N   . PRO A 1 2   ? 18.22540  10.35324  3.33304   1.000 86.72664  ? -3  PRO A N   1 
ATOM   6    C CA  . PRO A 1 2   ? 18.32699  9.82264   4.70204   1.000 78.87943  ? -3  PRO A CA  1 
ATOM   7    C C   . PRO A 1 2   ? 16.97087  9.35850   5.20964   1.000 82.47055  ? -3  PRO A C   1 
ATOM   8    O O   . PRO A 1 2   ? 15.96938  10.06764  5.08997   1.000 82.73490  ? -3  PRO A O   1 
ATOM   9    C CB  . PRO A 1 2   ? 18.85991  11.01328  5.50917   1.000 73.87611  ? -3  PRO A CB  1 
ATOM   10   C CG  . PRO A 1 2   ? 18.57910  12.21516  4.66238   1.000 83.07395  ? -3  PRO A CG  1 
ATOM   11   C CD  . PRO A 1 2   ? 18.68095  11.75001  3.24816   1.000 83.16682  ? -3  PRO A CD  1 
ATOM   12   N N   . LEU A 1 3   ? 16.94405  8.15053   5.77054   1.000 84.89963  ? -2  LEU A N   1 
ATOM   13   C CA  . LEU A 1 3   ? 15.67335  7.49871   6.05459   1.000 82.87336  ? -2  LEU A CA  1 
ATOM   14   C C   . LEU A 1 3   ? 14.91561  8.26270   7.12664   1.000 76.74181  ? -2  LEU A C   1 
ATOM   15   O O   . LEU A 1 3   ? 15.48136  8.65018   8.15312   1.000 79.05614  ? -2  LEU A O   1 
ATOM   16   C CB  . LEU A 1 3   ? 15.89365  6.04867   6.48387   1.000 90.27068  ? -2  LEU A CB  1 
ATOM   17   C CG  . LEU A 1 3   ? 14.88596  5.08691   5.84479   1.000 90.29500  ? -2  LEU A CG  1 
ATOM   18   C CD1 . LEU A 1 3   ? 14.76832  5.38489   4.35676   1.000 83.29788  ? -2  LEU A CD1 1 
ATOM   19   C CD2 . LEU A 1 3   ? 15.25579  3.62491   6.07941   1.000 88.52868  ? -2  LEU A CD2 1 
ATOM   20   N N   . GLY A 1 4   ? 13.63170  8.48769   6.87498   1.000 75.80076  ? -1  GLY A N   1 
ATOM   21   C CA  . GLY A 1 4   ? 12.81417  9.32186   7.71317   1.000 77.08428  ? -1  GLY A CA  1 
ATOM   22   C C   . GLY A 1 4   ? 12.52331  10.68984  7.13681   1.000 77.34136  ? -1  GLY A C   1 
ATOM   23   O O   . GLY A 1 4   ? 11.51584  11.29866  7.51110   1.000 84.20362  ? -1  GLY A O   1 
ATOM   24   N N   . SER A 1 5   ? 13.36933  11.18201  6.22596   1.000 76.57938  ? 0   SER A N   1 
ATOM   25   C CA  . SER A 1 5   ? 13.18198  12.52033  5.67246   1.000 71.08197  ? 0   SER A CA  1 
ATOM   26   C C   . SER A 1 5   ? 11.89458  12.64473  4.87663   1.000 73.48532  ? 0   SER A C   1 
ATOM   27   O O   . SER A 1 5   ? 11.41766  13.76373  4.65604   1.000 72.36188  ? 0   SER A O   1 
ATOM   28   C CB  . SER A 1 5   ? 14.35709  12.89600  4.77150   1.000 73.34019  ? 0   SER A CB  1 
ATOM   29   O OG  . SER A 1 5   ? 14.71282  11.81826  3.92472   1.000 78.06311  ? 0   SER A OG  1 
ATOM   30   N N   . MET A 1 6   ? 11.33035  11.52738  4.42669   1.000 75.86876  ? 1   MET A N   1 
ATOM   31   C CA  . MET A 1 6   ? 10.11079  11.54877  3.63534   1.000 69.31309  ? 1   MET A CA  1 
ATOM   32   C C   . MET A 1 6   ? 8.95876   10.83414  4.32531   1.000 69.56801  ? 1   MET A C   1 
ATOM   33   O O   . MET A 1 6   ? 7.94443   10.55647  3.67316   1.000 66.33311  ? 1   MET A O   1 
ATOM   34   C CB  . MET A 1 6   ? 10.37321  10.93307  2.25860   1.000 69.81233  ? 1   MET A CB  1 
ATOM   35   C CG  . MET A 1 6   ? 11.55535  11.56346  1.54048   1.000 67.84414  ? 1   MET A CG  1 
ATOM   36   S SD  . MET A 1 6   ? 11.19188  13.25333  1.03284   1.000 61.83079  ? 1   MET A SD  1 
ATOM   37   C CE  . MET A 1 6   ? 12.84593  13.88313  0.83100   1.000 73.83781  ? 1   MET A CE  1 
ATOM   38   N N   . SER A 1 7   ? 9.07875   10.55494  5.62587   1.000 70.56371  ? 2   SER A N   1 
ATOM   39   C CA  . SER A 1 7   ? 8.09973   9.73098   6.32127   1.000 66.00313  ? 2   SER A CA  1 
ATOM   40   C C   . SER A 1 7   ? 6.73007   10.39654  6.33523   1.000 67.52378  ? 2   SER A C   1 
ATOM   41   O O   . SER A 1 7   ? 6.61534   11.61621  6.48172   1.000 67.11139  ? 2   SER A O   1 
ATOM   42   C CB  . SER A 1 7   ? 8.56516   9.46669   7.75028   1.000 67.29810  ? 2   SER A CB  1 
ATOM   43   O OG  . SER A 1 7   ? 9.75797   8.70661   7.76790   1.000 74.22776  ? 2   SER A OG  1 
ATOM   44   N N   . MET A 1 8   ? 5.68285   9.58821   6.17427   1.000 64.42272  ? 3   MET A N   1 
ATOM   45   C CA  . MET A 1 8   ? 4.32141   10.06758  6.34656   1.000 62.60111  ? 3   MET A CA  1 
ATOM   46   C C   . MET A 1 8   ? 3.65191   9.26226   7.45298   1.000 68.47073  ? 3   MET A C   1 
ATOM   47   O O   . MET A 1 8   ? 3.97957   8.09314   7.68373   1.000 63.13223  ? 3   MET A O   1 
ATOM   48   C CB  . MET A 1 8   ? 3.51316   10.00991  5.02630   1.000 63.38373  ? 3   MET A CB  1 
ATOM   49   C CG  . MET A 1 8   ? 2.50427   8.88238   4.86685   1.000 65.07865  ? 3   MET A CG  1 
ATOM   50   S SD  . MET A 1 8   ? 1.70139   8.93342   3.23344   1.000 55.48765  ? 3   MET A SD  1 
ATOM   51   C CE  . MET A 1 8   ? 1.22309   10.65209  3.11711   1.000 66.97584  ? 3   MET A CE  1 
ATOM   52   N N   . GLU A 1 9   ? 2.73517   9.91958   8.15774   1.000 67.16852  ? 4   GLU A N   1 
ATOM   53   C CA  . GLU A 1 9   ? 2.11493   9.39698   9.36933   1.000 63.50793  ? 4   GLU A CA  1 
ATOM   54   C C   . GLU A 1 9   ? 0.67157   9.01196   9.07560   1.000 68.81531  ? 4   GLU A C   1 
ATOM   55   O O   . GLU A 1 9   ? -0.11729  9.84751   8.62233   1.000 73.53374  ? 4   GLU A O   1 
ATOM   56   C CB  . GLU A 1 9   ? 2.17816   10.43660  10.48672  1.000 69.42494  ? 4   GLU A CB  1 
ATOM   57   C CG  . GLU A 1 9   ? 1.54382   10.01002  11.79294  1.000 77.06116  ? 4   GLU A CG  1 
ATOM   58   C CD  . GLU A 1 9   ? 1.26337   11.19291  12.70128  1.000 83.26737  ? 4   GLU A CD  1 
ATOM   59   O OE1 . GLU A 1 9   ? 0.89579   12.26675  12.17587  1.000 81.65225  ? 4   GLU A OE1 1 
ATOM   60   O OE2 . GLU A 1 9   ? 1.41127   11.05192  13.93421  1.000 85.47201  ? 4   GLU A OE2 1 
ATOM   61   N N   . LEU A 1 10  ? 0.32944   7.75432   9.34325   1.000 69.19252  ? 5   LEU A N   1 
ATOM   62   C CA  . LEU A 1 10  ? -1.00169  7.21582   9.10306   1.000 68.55192  ? 5   LEU A CA  1 
ATOM   63   C C   . LEU A 1 10  ? -1.46531  6.44492   10.33158  1.000 70.80818  ? 5   LEU A C   1 
ATOM   64   O O   . LEU A 1 10  ? -0.69781  6.20473   11.26764  1.000 72.10460  ? 5   LEU A O   1 
ATOM   65   C CB  . LEU A 1 10  ? -1.01930  6.30867   7.86668   1.000 74.08250  ? 5   LEU A CB  1 
ATOM   66   C CG  . LEU A 1 10  ? -0.47999  6.94159   6.58933   1.000 73.16338  ? 5   LEU A CG  1 
ATOM   67   C CD1 . LEU A 1 10  ? -0.34049  5.89772   5.50144   1.000 73.98531  ? 5   LEU A CD1 1 
ATOM   68   C CD2 . LEU A 1 10  ? -1.41312  8.05782   6.14786   1.000 71.06265  ? 5   LEU A CD2 1 
ATOM   69   N N   . PHE A 1 11  ? -2.73653  6.04289   10.31991  1.000 68.62656  ? 6   PHE A N   1 
ATOM   70   C CA  . PHE A 1 11  ? -3.33441  5.34423   11.44746  1.000 67.84085  ? 6   PHE A CA  1 
ATOM   71   C C   . PHE A 1 11  ? -4.06120  4.09493   10.97502  1.000 70.66018  ? 6   PHE A C   1 
ATOM   72   O O   . PHE A 1 11  ? -4.64019  4.06476   9.88736   1.000 73.89460  ? 6   PHE A O   1 
ATOM   73   C CB  . PHE A 1 11  ? -4.29377  6.25373   12.21433  1.000 71.38864  ? 6   PHE A CB  1 
ATOM   74   C CG  . PHE A 1 11  ? -3.68569  7.56708   12.60255  1.000 78.80946  ? 6   PHE A CG  1 
ATOM   75   C CD1 . PHE A 1 11  ? -2.80685  7.64727   13.67128  1.000 73.46887  ? 6   PHE A CD1 1 
ATOM   76   C CD2 . PHE A 1 11  ? -3.97566  8.71930   11.88880  1.000 80.83117  ? 6   PHE A CD2 1 
ATOM   77   C CE1 . PHE A 1 11  ? -2.23724  8.85123   14.02876  1.000 74.07916  ? 6   PHE A CE1 1 
ATOM   78   C CE2 . PHE A 1 11  ? -3.40806  9.92910   12.24160  1.000 77.20574  ? 6   PHE A CE2 1 
ATOM   79   C CZ  . PHE A 1 11  ? -2.53773  9.99464   13.31332  1.000 77.25637  ? 6   PHE A CZ  1 
ATOM   80   N N   . HIS A 1 12  ? -4.02639  3.06376   11.81547  1.000 76.33108  ? 7   HIS A N   1 
ATOM   81   C CA  . HIS A 1 12  ? -4.60895  1.76271   11.51733  1.000 72.68722  ? 7   HIS A CA  1 
ATOM   82   C C   . HIS A 1 12  ? -5.41620  1.29029   12.71489  1.000 73.15562  ? 7   HIS A C   1 
ATOM   83   O O   . HIS A 1 12  ? -4.91101  1.28473   13.84161  1.000 75.13725  ? 7   HIS A O   1 
ATOM   84   C CB  . HIS A 1 12  ? -3.51705  0.73932   11.18274  1.000 73.06959  ? 7   HIS A CB  1 
ATOM   85   C CG  . HIS A 1 12  ? -4.03910  -0.62113  10.83744  1.000 75.14221  ? 7   HIS A CG  1 
ATOM   86   N ND1 . HIS A 1 12  ? -4.45986  -0.95828  9.56833   1.000 74.44139  ? 7   HIS A ND1 1 
ATOM   87   C CD2 . HIS A 1 12  ? -4.20174  -1.73231  11.59467  1.000 73.40921  ? 7   HIS A CD2 1 
ATOM   88   C CE1 . HIS A 1 12  ? -4.86220  -2.21607  9.55950   1.000 75.48161  ? 7   HIS A CE1 1 
ATOM   89   N NE2 . HIS A 1 12  ? -4.71639  -2.70915  10.77700  1.000 77.55053  ? 7   HIS A NE2 1 
ATOM   90   N N   . GLY A 1 13  ? -6.65975  0.89595   12.47189  1.000 74.77643  ? 8   GLY A N   1 
ATOM   91   C CA  . GLY A 1 13  ? -7.50895  0.31927   13.50234  1.000 73.41608  ? 8   GLY A CA  1 
ATOM   92   C C   . GLY A 1 13  ? -7.59430  -1.18461  13.32953  1.000 74.97709  ? 8   GLY A C   1 
ATOM   93   O O   . GLY A 1 13  ? -7.66938  -1.68918  12.20774  1.000 80.45371  ? 8   GLY A O   1 
ATOM   94   N N   . SER A 1 14  ? -7.56912  -1.90150  14.45006  1.000 75.62536  ? 9   SER A N   1 
ATOM   95   C CA  . SER A 1 14  ? -7.58129  -3.35657  14.40066  1.000 80.58683  ? 9   SER A CA  1 
ATOM   96   C C   . SER A 1 14  ? -8.14210  -3.90279  15.70720  1.000 79.37760  ? 9   SER A C   1 
ATOM   97   O O   . SER A 1 14  ? -8.29938  -3.18005  16.69408  1.000 78.58294  ? 9   SER A O   1 
ATOM   98   C CB  . SER A 1 14  ? -6.17751  -3.90604  14.13062  1.000 77.05377  ? 9   SER A CB  1 
ATOM   99   O OG  . SER A 1 14  ? -6.14794  -5.31392  14.25454  1.000 80.05608  ? 9   SER A OG  1 
ATOM   100  N N   . TYR A 1 15  ? -8.45956  -5.19859  15.68961  1.000 78.47105  ? 10  TYR A N   1 
ATOM   101  C CA  . TYR A 1 15  ? -8.83600  -5.89917  16.91119  1.000 79.48884  ? 10  TYR A CA  1 
ATOM   102  C C   . TYR A 1 15  ? -7.60701  -6.32817  17.70476  1.000 81.74495  ? 10  TYR A C   1 
ATOM   103  O O   . TYR A 1 15  ? -7.63898  -6.33192  18.94022  1.000 81.05604  ? 10  TYR A O   1 
ATOM   104  C CB  . TYR A 1 15  ? -9.69846  -7.11878  16.57541  1.000 77.45114  ? 10  TYR A CB  1 
ATOM   105  C CG  . TYR A 1 15  ? -8.98373  -8.17570  15.75033  1.000 85.55146  ? 10  TYR A CG  1 
ATOM   106  C CD1 . TYR A 1 15  ? -8.76139  -7.99341  14.39104  1.000 85.32755  ? 10  TYR A CD1 1 
ATOM   107  C CD2 . TYR A 1 15  ? -8.54380  -9.36167  16.33003  1.000 81.23081  ? 10  TYR A CD2 1 
ATOM   108  C CE1 . TYR A 1 15  ? -8.11185  -8.95237  13.63648  1.000 86.84445  ? 10  TYR A CE1 1 
ATOM   109  C CE2 . TYR A 1 15  ? -7.89628  -10.32989 15.57980  1.000 84.97467  ? 10  TYR A CE2 1 
ATOM   110  C CZ  . TYR A 1 15  ? -7.68012  -10.11879 14.23529  1.000 91.14839  ? 10  TYR A CZ  1 
ATOM   111  O OH  . TYR A 1 15  ? -7.03431  -11.07948 13.48632  1.000 94.78923  ? 10  TYR A OH  1 
ATOM   112  N N   . GLU A 1 16  ? -6.52550  -6.68281  17.01297  1.000 80.00905  ? 11  GLU A N   1 
ATOM   113  C CA  . GLU A 1 16  ? -5.25860  -7.04887  17.62155  1.000 76.56211  ? 11  GLU A CA  1 
ATOM   114  C C   . GLU A 1 16  ? -4.49858  -5.80891  18.08172  1.000 82.95375  ? 11  GLU A C   1 
ATOM   115  O O   . GLU A 1 16  ? -4.89948  -4.66743  17.84215  1.000 85.10894  ? 11  GLU A O   1 
ATOM   116  C CB  . GLU A 1 16  ? -4.38323  -7.81284  16.62733  1.000 79.98114  ? 11  GLU A CB  1 
ATOM   117  C CG  . GLU A 1 16  ? -4.77689  -9.24759  16.36046  1.000 89.05187  ? 11  GLU A CG  1 
ATOM   118  C CD  . GLU A 1 16  ? -3.96685  -9.86495  15.23213  1.000 95.69151  ? 11  GLU A CD  1 
ATOM   119  O OE1 . GLU A 1 16  ? -3.52683  -9.11206  14.33398  1.000 86.26657  ? 11  GLU A OE1 1 
ATOM   120  O OE2 . GLU A 1 16  ? -3.77213  -11.10099 15.24268  1.000 104.11671 ? 11  GLU A OE2 1 
ATOM   121  N N   . GLU A 1 17  ? -3.37241  -6.05296  18.74265  1.000 82.17489  ? 12  GLU A N   1 
ATOM   122  C CA  . GLU A 1 17  ? -2.31402  -5.06545  18.89807  1.000 79.36495  ? 12  GLU A CA  1 
ATOM   123  C C   . GLU A 1 17  ? -1.16386  -5.48753  17.99319  1.000 81.93738  ? 12  GLU A C   1 
ATOM   124  O O   . GLU A 1 17  ? -0.57843  -6.55848  18.18887  1.000 82.16307  ? 12  GLU A O   1 
ATOM   125  C CB  . GLU A 1 17  ? -1.85314  -4.95355  20.35089  1.000 78.13332  ? 12  GLU A CB  1 
ATOM   126  C CG  . GLU A 1 17  ? -0.52755  -4.21614  20.50686  1.000 86.46719  ? 12  GLU A CG  1 
ATOM   127  C CD  . GLU A 1 17  ? -0.10572  -4.03715  21.95735  1.000 98.91228  ? 12  GLU A CD  1 
ATOM   128  O OE1 . GLU A 1 17  ? -0.86699  -4.44967  22.86058  1.000 99.04565  ? 12  GLU A OE1 1 
ATOM   129  O OE2 . GLU A 1 17  ? 0.99187   -3.48298  22.19173  1.000 94.19924  ? 12  GLU A OE2 1 
ATOM   130  N N   . ILE A 1 18  ? -0.85466  -4.65992  17.00015  1.000 77.74873  ? 13  ILE A N   1 
ATOM   131  C CA  . ILE A 1 18  ? 0.14027   -5.01127  15.99361  1.000 75.88909  ? 13  ILE A CA  1 
ATOM   132  C C   . ILE A 1 18  ? 1.52623   -4.64059  16.50329  1.000 74.66091  ? 13  ILE A C   1 
ATOM   133  O O   . ILE A 1 18  ? 1.77206   -3.49472  16.89850  1.000 75.95914  ? 13  ILE A O   1 
ATOM   134  C CB  . ILE A 1 18  ? -0.16044  -4.31079  14.65808  1.000 82.45000  ? 13  ILE A CB  1 
ATOM   135  C CG1 . ILE A 1 18  ? -1.66727  -4.25845  14.38321  1.000 78.33711  ? 13  ILE A CG1 1 
ATOM   136  C CG2 . ILE A 1 18  ? 0.56717   -5.01227  13.51914  1.000 80.29334  ? 13  ILE A CG2 1 
ATOM   137  C CD1 . ILE A 1 18  ? -2.30476  -5.59988  14.13831  1.000 80.56360  ? 13  ILE A CD1 1 
ATOM   138  N N   . SER A 1 19  ? 2.43959   -5.61050  16.48799  1.000 77.95382  ? 14  SER A N   1 
ATOM   139  C CA  . SER A 1 19  ? 3.83058   -5.37650  16.86251  1.000 71.75869  ? 14  SER A CA  1 
ATOM   140  C C   . SER A 1 19  ? 4.64368   -4.89919  15.66078  1.000 72.27052  ? 14  SER A C   1 
ATOM   141  O O   . SER A 1 19  ? 5.24494   -3.82055  15.69442  1.000 73.20427  ? 14  SER A O   1 
ATOM   142  C CB  . SER A 1 19  ? 4.43015   -6.65607  17.45887  1.000 80.98863  ? 14  SER A CB  1 
ATOM   143  O OG  . SER A 1 19  ? 5.52179   -6.36609  18.31560  1.000 90.33956  ? 14  SER A OG  1 
ATOM   144  N N   . GLU A 1 20  ? 4.66468   -5.69367  14.59239  1.000 72.10750  ? 15  GLU A N   1 
ATOM   145  C CA  . GLU A 1 20  ? 5.28706   -5.28615  13.34544  1.000 75.05733  ? 15  GLU A CA  1 
ATOM   146  C C   . GLU A 1 20  ? 4.39354   -5.70152  12.18418  1.000 78.55885  ? 15  GLU A C   1 
ATOM   147  O O   . GLU A 1 20  ? 3.37470   -6.37384  12.36311  1.000 74.85672  ? 15  GLU A O   1 
ATOM   148  C CB  . GLU A 1 20  ? 6.69815   -5.86439  13.20550  1.000 73.26760  ? 15  GLU A CB  1 
ATOM   149  C CG  . GLU A 1 20  ? 7.78013   -4.90597  13.69772  1.000 94.54954  ? 15  GLU A CG  1 
ATOM   150  C CD  . GLU A 1 20  ? 7.70567   -3.52748  13.03330  1.000 99.51958  ? 15  GLU A CD  1 
ATOM   151  O OE1 . GLU A 1 20  ? 7.34254   -3.44030  11.83365  1.000 86.51164  ? 15  GLU A OE1 1 
ATOM   152  O OE2 . GLU A 1 20  ? 7.99992   -2.52483  13.72286  1.000 90.09041  ? 15  GLU A OE2 1 
ATOM   153  N N   . ILE A 1 21  ? 4.77639   -5.27566  10.98413  1.000 73.79651  ? 16  ILE A N   1 
ATOM   154  C CA  . ILE A 1 21  ? 4.02389   -5.55948  9.76881   1.000 64.94011  ? 16  ILE A CA  1 
ATOM   155  C C   . ILE A 1 21  ? 4.69422   -6.75375  9.09989   1.000 69.99026  ? 16  ILE A C   1 
ATOM   156  O O   . ILE A 1 21  ? 5.69768   -6.61062  8.39485   1.000 72.59454  ? 16  ILE A O   1 
ATOM   157  C CB  . ILE A 1 21  ? 3.96028   -4.34229  8.84299   1.000 67.79218  ? 16  ILE A CB  1 
ATOM   158  C CG1 . ILE A 1 21  ? 3.15965   -3.21750  9.50193   1.000 66.78839  ? 16  ILE A CG1 1 
ATOM   159  C CG2 . ILE A 1 21  ? 3.33674   -4.71618  7.50692   1.000 64.00119  ? 16  ILE A CG2 1 
ATOM   160  C CD1 . ILE A 1 21  ? 2.98296   -1.99713  8.62609   1.000 62.22195  ? 16  ILE A CD1 1 
ATOM   161  N N   . ARG A 1 22  ? 4.14356   -7.94093  9.33514   1.000 75.02336  ? 17  ARG A N   1 
ATOM   162  C CA  . ARG A 1 22  ? 4.65004   -9.15108  8.70662   1.000 75.25762  ? 17  ARG A CA  1 
ATOM   163  C C   . ARG A 1 22  ? 4.39068   -9.14092  7.20291   1.000 74.81975  ? 17  ARG A C   1 
ATOM   164  O O   . ARG A 1 22  ? 3.46001   -8.49664  6.70963   1.000 72.00140  ? 17  ARG A O   1 
ATOM   165  C CB  . ARG A 1 22  ? 3.99727   -10.38616 9.32964   1.000 84.51575  ? 17  ARG A CB  1 
ATOM   166  C CG  . ARG A 1 22  ? 4.72035   -10.94795 10.54644  1.000 99.43519  ? 17  ARG A CG  1 
ATOM   167  C CD  . ARG A 1 22  ? 5.74844   -12.00357 10.13652  1.000 114.57778 ? 17  ARG A CD  1 
ATOM   168  N NE  . ARG A 1 22  ? 5.12742   -13.13911 9.45361   1.000 120.54327 ? 17  ARG A NE  1 
ATOM   169  C CZ  . ARG A 1 22  ? 5.79061   -14.19543 8.98951   1.000 121.24552 ? 17  ARG A CZ  1 
ATOM   170  N NH1 . ARG A 1 22  ? 7.10755   -14.27378 9.13178   1.000 119.38117 ? 17  ARG A NH1 1 
ATOM   171  N NH2 . ARG A 1 22  ? 5.13517   -15.17611 8.38076   1.000 115.10808 ? 17  ARG A NH2 1 
ATOM   172  N N   . ASP A 1 23  ? 5.23518   -9.87000  6.47182   1.000 76.68256  ? 18  ASP A N   1 
ATOM   173  C CA  . ASP A 1 23  ? 5.00154   -10.15786 5.05740   1.000 72.61555  ? 18  ASP A CA  1 
ATOM   174  C C   . ASP A 1 23  ? 3.98681   -11.29539 4.92653   1.000 74.51628  ? 18  ASP A C   1 
ATOM   175  O O   . ASP A 1 23  ? 4.27936   -12.39177 4.45139   1.000 83.25181  ? 18  ASP A O   1 
ATOM   176  C CB  . ASP A 1 23  ? 6.31117   -10.49938 4.35971   1.000 72.85713  ? 18  ASP A CB  1 
ATOM   177  C CG  . ASP A 1 23  ? 6.12680   -10.78599 2.88040   1.000 81.64218  ? 18  ASP A CG  1 
ATOM   178  O OD1 . ASP A 1 23  ? 5.07843   -10.39501 2.32124   1.000 84.21765  ? 18  ASP A OD1 1 
ATOM   179  O OD2 . ASP A 1 23  ? 7.02313   -11.41931 2.28076   1.000 83.73227  ? 18  ASP A OD2 1 
ATOM   180  N N   . SER A 1 24  ? 2.76910   -11.00971 5.37280   1.000 74.65978  ? 19  SER A N   1 
ATOM   181  C CA  . SER A 1 24  ? 1.71470   -12.00857 5.43842   1.000 75.32878  ? 19  SER A CA  1 
ATOM   182  C C   . SER A 1 24  ? 0.37524   -11.30150 5.27599   1.000 79.36238  ? 19  SER A C   1 
ATOM   183  O O   . SER A 1 24  ? 0.31775   -10.09656 5.01445   1.000 82.40864  ? 19  SER A O   1 
ATOM   184  C CB  . SER A 1 24  ? 1.80351   -12.78980 6.75417   1.000 84.30458  ? 19  SER A CB  1 
ATOM   185  O OG  . SER A 1 24  ? 1.42452   -11.97094 7.85145   1.000 85.16080  ? 19  SER A OG  1 
ATOM   186  N N   . GLY A 1 25  ? -0.70805  -12.05170 5.44810   1.000 76.82630  ? 20  GLY A N   1 
ATOM   187  C CA  . GLY A 1 25  ? -2.03482  -11.51216 5.25045   1.000 75.49189  ? 20  GLY A CA  1 
ATOM   188  C C   . GLY A 1 25  ? -2.42109  -11.47778 3.78741   1.000 77.79422  ? 20  GLY A C   1 
ATOM   189  O O   . GLY A 1 25  ? -1.64827  -11.81460 2.88719   1.000 76.65720  ? 20  GLY A O   1 
ATOM   190  N N   . VAL A 1 26  ? -3.66343  -11.05097 3.55325   1.000 76.64066  ? 21  VAL A N   1 
ATOM   191  C CA  . VAL A 1 26  ? -4.18395  -10.99627 2.19124   1.000 70.37297  ? 21  VAL A CA  1 
ATOM   192  C C   . VAL A 1 26  ? -3.37687  -10.02027 1.34633   1.000 71.88870  ? 21  VAL A C   1 
ATOM   193  O O   . VAL A 1 26  ? -3.12252  -10.26546 0.16142   1.000 72.50237  ? 21  VAL A O   1 
ATOM   194  C CB  . VAL A 1 26  ? -5.67679  -10.62336 2.20327   1.000 68.81185  ? 21  VAL A CB  1 
ATOM   195  C CG1 . VAL A 1 26  ? -6.28171  -10.82212 0.82360   1.000 73.00480  ? 21  VAL A CG1 1 
ATOM   196  C CG2 . VAL A 1 26  ? -6.41622  -11.43933 3.24542   1.000 77.20548  ? 21  VAL A CG2 1 
ATOM   197  N N   . PHE A 1 27  ? -2.94941  -8.90726  1.94166   1.000 74.04675  ? 22  PHE A N   1 
ATOM   198  C CA  . PHE A 1 27  ? -2.35871  -7.81773  1.18045   1.000 72.19183  ? 22  PHE A CA  1 
ATOM   199  C C   . PHE A 1 27  ? -0.85386  -7.69485  1.36334   1.000 70.43203  ? 22  PHE A C   1 
ATOM   200  O O   . PHE A 1 27  ? -0.21499  -6.94988  0.60898   1.000 65.30834  ? 22  PHE A O   1 
ATOM   201  C CB  . PHE A 1 27  ? -3.02053  -6.48578  1.56547   1.000 69.02402  ? 22  PHE A CB  1 
ATOM   202  C CG  . PHE A 1 27  ? -4.51942  -6.50996  1.47919   1.000 70.21513  ? 22  PHE A CG  1 
ATOM   203  C CD1 . PHE A 1 27  ? -5.27901  -7.05508  2.50053   1.000 76.90497  ? 22  PHE A CD1 1 
ATOM   204  C CD2 . PHE A 1 27  ? -5.16954  -6.00683  0.36770   1.000 75.34463  ? 22  PHE A CD2 1 
ATOM   205  C CE1 . PHE A 1 27  ? -6.65443  -7.08538  2.42006   1.000 76.50131  ? 22  PHE A CE1 1 
ATOM   206  C CE2 . PHE A 1 27  ? -6.54517  -6.03784  0.28211   1.000 73.15744  ? 22  PHE A CE2 1 
ATOM   207  C CZ  . PHE A 1 27  ? -7.28766  -6.57577  1.30898   1.000 72.60522  ? 22  PHE A CZ  1 
ATOM   208  N N   . GLY A 1 28  ? -0.27219  -8.39886  2.33027   1.000 71.79787  ? 23  GLY A N   1 
ATOM   209  C CA  . GLY A 1 28  ? 1.13654   -8.22994  2.61131   1.000 68.30182  ? 23  GLY A CA  1 
ATOM   210  C C   . GLY A 1 28  ? 1.46117   -6.97860  3.38466   1.000 71.55961  ? 23  GLY A C   1 
ATOM   211  O O   . GLY A 1 28  ? 2.60283   -6.51234  3.33156   1.000 71.64545  ? 23  GLY A O   1 
ATOM   212  N N   . GLY A 1 29  ? 0.48820   -6.41842  4.09308   1.000 72.40682  ? 24  GLY A N   1 
ATOM   213  C CA  . GLY A 1 29  ? 0.72630   -5.22388  4.87761   1.000 70.77664  ? 24  GLY A CA  1 
ATOM   214  C C   . GLY A 1 29  ? -0.55420  -4.72801  5.50956   1.000 71.82918  ? 24  GLY A C   1 
ATOM   215  O O   . GLY A 1 29  ? -1.56012  -5.44011  5.54909   1.000 75.95808  ? 24  GLY A O   1 
ATOM   216  N N   . LEU A 1 30  ? -0.50775  -3.49208  6.00480   1.000 67.31425  ? 25  LEU A N   1 
ATOM   217  C CA  . LEU A 1 30  ? -1.64922  -2.85124  6.64142   1.000 68.26512  ? 25  LEU A CA  1 
ATOM   218  C C   . LEU A 1 30  ? -2.10190  -1.64483  5.83315   1.000 67.81601  ? 25  LEU A C   1 
ATOM   219  O O   . LEU A 1 30  ? -1.30655  -1.01078  5.13356   1.000 69.36076  ? 25  LEU A O   1 
ATOM   220  C CB  . LEU A 1 30  ? -1.31850  -2.39695  8.06753   1.000 68.55926  ? 25  LEU A CB  1 
ATOM   221  C CG  . LEU A 1 30  ? -0.72687  -3.45316  8.99121   1.000 68.59573  ? 25  LEU A CG  1 
ATOM   222  C CD1 . LEU A 1 30  ? -0.47984  -2.87637  10.37327  1.000 69.87699  ? 25  LEU A CD1 1 
ATOM   223  C CD2 . LEU A 1 30  ? -1.66220  -4.63932  9.06063   1.000 70.98258  ? 25  LEU A CD2 1 
ATOM   224  N N   . PHE A 1 31  ? -3.38716  -1.32303  5.94752   1.000 69.18257  ? 26  PHE A N   1 
ATOM   225  C CA  . PHE A 1 31  ? -3.92726  -0.11675  5.33924   1.000 72.62456  ? 26  PHE A CA  1 
ATOM   226  C C   . PHE A 1 31  ? -3.93607  1.01893   6.35363   1.000 73.09101  ? 26  PHE A C   1 
ATOM   227  O O   . PHE A 1 31  ? -4.33853  0.83751   7.50778   1.000 74.66620  ? 26  PHE A O   1 
ATOM   228  C CB  . PHE A 1 31  ? -5.33822  -0.36136  4.79955   1.000 73.25483  ? 26  PHE A CB  1 
ATOM   229  C CG  . PHE A 1 31  ? -5.36335  -0.91748  3.40394   1.000 73.11791  ? 26  PHE A CG  1 
ATOM   230  C CD1 . PHE A 1 31  ? -5.28396  -0.07519  2.30673   1.000 76.65344  ? 26  PHE A CD1 1 
ATOM   231  C CD2 . PHE A 1 31  ? -5.45643  -2.28290  3.18828   1.000 76.15857  ? 26  PHE A CD2 1 
ATOM   232  C CE1 . PHE A 1 31  ? -5.30153  -0.58331  1.01788   1.000 78.82196  ? 26  PHE A CE1 1 
ATOM   233  C CE2 . PHE A 1 31  ? -5.47479  -2.79864  1.90421   1.000 76.70239  ? 26  PHE A CE2 1 
ATOM   234  C CZ  . PHE A 1 31  ? -5.39764  -1.94684  0.81693   1.000 79.45831  ? 26  PHE A CZ  1 
ATOM   235  N N   . GLY A 1 32  ? -3.47836  2.18862   5.92170   1.000 73.78867  ? 27  GLY A N   1 
ATOM   236  C CA  . GLY A 1 32  ? -3.43118  3.36452   6.77046   1.000 70.52854  ? 27  GLY A CA  1 
ATOM   237  C C   . GLY A 1 32  ? -4.32660  4.45799   6.24674   1.000 70.71654  ? 27  GLY A C   1 
ATOM   238  O O   . GLY A 1 32  ? -4.54178  4.59141   5.03683   1.000 74.49507  ? 27  GLY A O   1 
ATOM   239  N N   . ALA A 1 33  ? -4.87015  5.25455   7.16669   1.000 66.10670  ? 28  ALA A N   1 
ATOM   240  C CA  . ALA A 1 33  ? -5.69228  6.40492   6.84244   1.000 66.31486  ? 28  ALA A CA  1 
ATOM   241  C C   . ALA A 1 33  ? -5.03111  7.66786   7.37837   1.000 73.96770  ? 28  ALA A C   1 
ATOM   242  O O   . ALA A 1 33  ? -4.19318  7.61684   8.28304   1.000 75.54115  ? 28  ALA A O   1 
ATOM   243  C CB  . ALA A 1 33  ? -7.10406  6.26217   7.42100   1.000 69.47630  ? 28  ALA A CB  1 
ATOM   244  N N   . HIS A 1 34  ? -5.40691  8.81134   6.80396   1.000 73.23626  ? 29  HIS A N   1 
ATOM   245  C CA  . HIS A 1 34  ? -4.88522  10.08701  7.28109   1.000 70.72343  ? 29  HIS A CA  1 
ATOM   246  C C   . HIS A 1 34  ? -5.57199  10.58134  8.54634   1.000 75.58903  ? 29  HIS A C   1 
ATOM   247  O O   . HIS A 1 34  ? -5.03446  11.47704  9.20520   1.000 82.07894  ? 29  HIS A O   1 
ATOM   248  C CB  . HIS A 1 34  ? -5.00370  11.16758  6.20086   1.000 68.91194  ? 29  HIS A CB  1 
ATOM   249  C CG  . HIS A 1 34  ? -4.24671  10.86338  4.94454   1.000 74.09083  ? 29  HIS A CG  1 
ATOM   250  N ND1 . HIS A 1 34  ? -2.94026  11.25910  4.75130   1.000 71.50113  ? 29  HIS A ND1 1 
ATOM   251  C CD2 . HIS A 1 34  ? -4.61758  10.22444  3.80891   1.000 72.04107  ? 29  HIS A CD2 1 
ATOM   252  C CE1 . HIS A 1 34  ? -2.53526  10.86873  3.55592   1.000 70.20472  ? 29  HIS A CE1 1 
ATOM   253  N NE2 . HIS A 1 34  ? -3.53429  10.23933  2.96337   1.000 70.92871  ? 29  HIS A NE2 1 
ATOM   254  N N   . GLU A 1 35  ? -6.72752  10.02615  8.90466   1.000 80.97431  ? 30  GLU A N   1 
ATOM   255  C CA  . GLU A 1 35  ? -7.51657  10.49723  10.03489  1.000 84.42504  ? 30  GLU A CA  1 
ATOM   256  C C   . GLU A 1 35  ? -7.70694  9.36592   11.03635  1.000 82.68043  ? 30  GLU A C   1 
ATOM   257  O O   . GLU A 1 35  ? -8.12559  8.26559   10.66010  1.000 80.54284  ? 30  GLU A O   1 
ATOM   258  C CB  . GLU A 1 35  ? -8.87427  11.02690  9.55950   1.000 83.55645  ? 30  GLU A CB  1 
ATOM   259  C CG  . GLU A 1 35  ? -8.87861  12.49723  9.13962   1.000 95.97702  ? 30  GLU A CG  1 
ATOM   260  C CD  . GLU A 1 35  ? -8.91399  13.46462  10.32052  1.000 119.33331 ? 30  GLU A CD  1 
ATOM   261  O OE1 . GLU A 1 35  ? -8.14525  13.27436  11.28868  1.000 117.41259 ? 30  GLU A OE1 1 
ATOM   262  O OE2 . GLU A 1 35  ? -9.71802  14.42250  10.27772  1.000 125.26557 ? 30  GLU A OE2 1 
ATOM   263  N N   . LYS A 1 36  ? -7.39544  9.63770   12.30927  1.000 81.90083  ? 31  LYS A N   1 
ATOM   264  C CA  . LYS A 1 36  ? -7.62169  8.64324   13.35619  1.000 81.04942  ? 31  LYS A CA  1 
ATOM   265  C C   . LYS A 1 36  ? -9.06610  8.16171   13.35505  1.000 80.65789  ? 31  LYS A C   1 
ATOM   266  O O   . LYS A 1 36  ? -9.33460  6.96876   13.54161  1.000 75.79908  ? 31  LYS A O   1 
ATOM   267  C CB  . LYS A 1 36  ? -7.26959  9.21457   14.73457  1.000 76.64548  ? 31  LYS A CB  1 
ATOM   268  C CG  . LYS A 1 36  ? -5.82831  9.66663   14.92553  1.000 73.43885  ? 31  LYS A CG  1 
ATOM   269  C CD  . LYS A 1 36  ? -5.58478  10.08171  16.37833  1.000 73.45198  ? 31  LYS A CD  1 
ATOM   270  C CE  . LYS A 1 36  ? -4.12278  10.43505  16.63538  1.000 78.61963  ? 31  LYS A CE  1 
ATOM   271  N NZ  . LYS A 1 36  ? -3.84058  10.70763  18.07677  1.000 69.56612  ? 31  LYS A NZ  1 
ATOM   272  N N   . GLU A 1 37  ? -10.00992 9.08530   13.15400  1.000 86.53203  ? 32  GLU A N   1 
ATOM   273  C CA  . GLU A 1 37  ? -11.42378 8.72646   13.10735  1.000 85.70747  ? 32  GLU A CA  1 
ATOM   274  C C   . GLU A 1 37  ? -11.69224 7.64665   12.06590  1.000 83.44618  ? 32  GLU A C   1 
ATOM   275  O O   . GLU A 1 37  ? -12.48056 6.72306   12.30251  1.000 82.32975  ? 32  GLU A O   1 
ATOM   276  C CB  . GLU A 1 37  ? -12.25927 9.97386   12.81640  1.000 88.85796  ? 32  GLU A CB  1 
ATOM   277  C CG  . GLU A 1 37  ? -13.73076 9.70505   12.57251  1.000 102.65181 ? 32  GLU A CG  1 
ATOM   278  C CD  . GLU A 1 37  ? -14.41064 10.83840  11.82576  1.000 114.22011 ? 32  GLU A CD  1 
ATOM   279  O OE1 . GLU A 1 37  ? -13.69438 11.67858  11.23731  1.000 117.90828 ? 32  GLU A OE1 1 
ATOM   280  O OE2 . GLU A 1 37  ? -15.66033 10.88645  11.82232  1.000 113.30433 ? 32  GLU A OE2 1 
ATOM   281  N N   . THR A 1 38  ? -11.03546 7.74046   10.90855  1.000 81.38955  ? 33  THR A N   1 
ATOM   282  C CA  . THR A 1 38  ? -11.22958 6.73751   9.86678   1.000 78.32318  ? 33  THR A CA  1 
ATOM   283  C C   . THR A 1 38  ? -10.66607 5.38507   10.28863  1.000 79.85298  ? 33  THR A C   1 
ATOM   284  O O   . THR A 1 38  ? -11.27692 4.34118   10.02876  1.000 79.45492  ? 33  THR A O   1 
ATOM   285  C CB  . THR A 1 38  ? -10.58478 7.20832   8.56302   1.000 74.14175  ? 33  THR A CB  1 
ATOM   286  O OG1 . THR A 1 38  ? -11.18089 8.44620   8.15715   1.000 85.22764  ? 33  THR A OG1 1 
ATOM   287  C CG2 . THR A 1 38  ? -10.77996 6.18203   7.46914   1.000 71.19659  ? 33  THR A CG2 1 
ATOM   288  N N   . ALA A 1 39  ? -9.50721  5.38188   10.94989  1.000 82.86807  ? 34  ALA A N   1 
ATOM   289  C CA  . ALA A 1 39  ? -8.89706  4.11985   11.35501  1.000 76.27967  ? 34  ALA A CA  1 
ATOM   290  C C   . ALA A 1 39  ? -9.72397  3.42077   12.42791  1.000 78.93206  ? 34  ALA A C   1 
ATOM   291  O O   . ALA A 1 39  ? -9.83534  2.18930   12.42668  1.000 83.34648  ? 34  ALA A O   1 
ATOM   292  C CB  . ALA A 1 39  ? -7.46983  4.36095   11.84451  1.000 74.55800  ? 34  ALA A CB  1 
ATOM   293  N N   . LEU A 1 40  ? -10.31906 4.18845   13.34611  1.000 79.24072  ? 35  LEU A N   1 
ATOM   294  C CA  . LEU A 1 40  ? -11.09975 3.58817   14.42400  1.000 73.71996  ? 35  LEU A CA  1 
ATOM   295  C C   . LEU A 1 40  ? -12.34110 2.87591   13.90594  1.000 77.02991  ? 35  LEU A C   1 
ATOM   296  O O   . LEU A 1 40  ? -12.80737 1.91917   14.53325  1.000 80.63486  ? 35  LEU A O   1 
ATOM   297  C CB  . LEU A 1 40  ? -11.49631 4.65095   15.44636  1.000 73.69830  ? 35  LEU A CB  1 
ATOM   298  C CG  . LEU A 1 40  ? -10.36419 5.19501   16.31127  1.000 75.08238  ? 35  LEU A CG  1 
ATOM   299  C CD1 . LEU A 1 40  ? -10.86088 6.33043   17.18656  1.000 78.32433  ? 35  LEU A CD1 1 
ATOM   300  C CD2 . LEU A 1 40  ? -9.78403  4.07634   17.15742  1.000 68.69551  ? 35  LEU A CD2 1 
ATOM   301  N N   . SER A 1 41  ? -12.89684 3.31770   12.77749  1.000 77.46595  ? 36  SER A N   1 
ATOM   302  C CA  . SER A 1 41  ? -14.05510 2.62026   12.23359  1.000 79.46387  ? 36  SER A CA  1 
ATOM   303  C C   . SER A 1 41  ? -13.72272 1.20498   11.78148  1.000 80.04570  ? 36  SER A C   1 
ATOM   304  O O   . SER A 1 41  ? -14.64355 0.42838   11.50498  1.000 85.76870  ? 36  SER A O   1 
ATOM   305  C CB  . SER A 1 41  ? -14.65687 3.41356   11.07094  1.000 80.05800  ? 36  SER A CB  1 
ATOM   306  O OG  . SER A 1 41  ? -13.67220 3.74006   10.10639  1.000 85.34704  ? 36  SER A OG  1 
ATOM   307  N N   . HIS A 1 42  ? -12.44003 0.84950   11.71631  1.000 81.09929  ? 37  HIS A N   1 
ATOM   308  C CA  . HIS A 1 42  ? -12.01204 -0.47098  11.28166  1.000 80.20380  ? 37  HIS A CA  1 
ATOM   309  C C   . HIS A 1 42  ? -11.57346 -1.37328  12.42556  1.000 81.36333  ? 37  HIS A C   1 
ATOM   310  O O   . HIS A 1 42  ? -11.41906 -2.58117  12.21208  1.000 86.03344  ? 37  HIS A O   1 
ATOM   311  C CB  . HIS A 1 42  ? -10.86765 -0.34391  10.27242  1.000 79.84966  ? 37  HIS A CB  1 
ATOM   312  C CG  . HIS A 1 42  ? -11.32452 0.00704   8.89300   1.000 82.83838  ? 37  HIS A CG  1 
ATOM   313  N ND1 . HIS A 1 42  ? -11.51911 -0.94022  7.91119   1.000 85.96392  ? 37  HIS A ND1 1 
ATOM   314  C CD2 . HIS A 1 42  ? -11.63807 1.19925   8.33432   1.000 79.75252  ? 37  HIS A CD2 1 
ATOM   315  C CE1 . HIS A 1 42  ? -11.93131 -0.34669  6.80586   1.000 82.26723  ? 37  HIS A CE1 1 
ATOM   316  N NE2 . HIS A 1 42  ? -12.00984 0.95118   7.03555   1.000 83.57785  ? 37  HIS A NE2 1 
ATOM   317  N N   . GLY A 1 43  ? -11.36925 -0.82867  13.61954  1.000 78.45355  ? 38  GLY A N   1 
ATOM   318  C CA  . GLY A 1 43  ? -10.92467 -1.64406  14.73529  1.000 78.87190  ? 38  GLY A CA  1 
ATOM   319  C C   . GLY A 1 43  ? -10.96945 -0.86384  16.02861  1.000 78.23144  ? 38  GLY A C   1 
ATOM   320  O O   . GLY A 1 43  ? -11.16226 0.35453   16.04560  1.000 79.33163  ? 38  GLY A O   1 
ATOM   321  N N   . GLU A 1 44  ? -10.77971 -1.59312  17.12312  1.000 79.47132  ? 39  GLU A N   1 
ATOM   322  C CA  . GLU A 1 44  ? -10.85239 -1.00449  18.45326  1.000 83.36429  ? 39  GLU A CA  1 
ATOM   323  C C   . GLU A 1 44  ? -9.50892  -0.44923  18.91565  1.000 83.03431  ? 39  GLU A C   1 
ATOM   324  O O   . GLU A 1 44  ? -9.46808  0.59114   19.57966  1.000 78.78328  ? 39  GLU A O   1 
ATOM   325  C CB  . GLU A 1 44  ? -11.37365 -2.04776  19.44920  1.000 91.39050  ? 39  GLU A CB  1 
ATOM   326  C CG  . GLU A 1 44  ? -11.53225 -1.55795  20.88363  1.000 105.13773 ? 39  GLU A CG  1 
ATOM   327  C CD  . GLU A 1 44  ? -11.52580 -2.69717  21.89735  1.000 113.85257 ? 39  GLU A CD  1 
ATOM   328  O OE1 . GLU A 1 44  ? -11.42750 -3.87257  21.47826  1.000 110.26809 ? 39  GLU A OE1 1 
ATOM   329  O OE2 . GLU A 1 44  ? -11.62028 -2.41500  23.11356  1.000 119.17609 ? 39  GLU A OE2 1 
ATOM   330  N N   . THR A 1 45  ? -8.40606  -1.11168  18.57359  1.000 79.74636  ? 40  THR A N   1 
ATOM   331  C CA  . THR A 1 45  ? -7.07670  -0.69692  19.00590  1.000 79.22351  ? 40  THR A CA  1 
ATOM   332  C C   . THR A 1 45  ? -6.42067  0.12298   17.89924  1.000 79.76018  ? 40  THR A C   1 
ATOM   333  O O   . THR A 1 45  ? -6.23470  -0.36795  16.77960  1.000 77.00653  ? 40  THR A O   1 
ATOM   334  C CB  . THR A 1 45  ? -6.21448  -1.90577  19.37415  1.000 78.83892  ? 40  THR A CB  1 
ATOM   335  O OG1 . THR A 1 45  ? -6.19891  -2.83595  18.28595  1.000 89.52497  ? 40  THR A OG1 1 
ATOM   336  C CG2 . THR A 1 45  ? -6.77243  -2.60039  20.61031  1.000 84.60496  ? 40  THR A CG2 1 
ATOM   337  N N   . LEU A 1 46  ? -6.07348  1.36780   18.21862  1.000 79.81627  ? 41  LEU A N   1 
ATOM   338  C CA  . LEU A 1 46  ? -5.52119  2.30162   17.24894  1.000 72.42208  ? 41  LEU A CA  1 
ATOM   339  C C   . LEU A 1 46  ? -4.00461  2.18668   17.18574  1.000 76.86099  ? 41  LEU A C   1 
ATOM   340  O O   . LEU A 1 46  ? -3.33777  1.99788   18.20722  1.000 77.37388  ? 41  LEU A O   1 
ATOM   341  C CB  . LEU A 1 46  ? -5.92052  3.73259   17.60515  1.000 74.79693  ? 41  LEU A CB  1 
ATOM   342  C CG  . LEU A 1 46  ? -5.50377  4.82921   16.62719  1.000 77.07600  ? 41  LEU A CG  1 
ATOM   343  C CD1 . LEU A 1 46  ? -6.19135  4.64696   15.28809  1.000 77.49368  ? 41  LEU A CD1 1 
ATOM   344  C CD2 . LEU A 1 46  ? -5.82169  6.19215   17.20912  1.000 72.74063  ? 41  LEU A CD2 1 
ATOM   345  N N   . HIS A 1 47  ? -3.46518  2.30664   15.97560  1.000 76.75721  ? 42  HIS A N   1 
ATOM   346  C CA  . HIS A 1 47  ? -2.03361  2.21113   15.74664  1.000 75.80603  ? 42  HIS A CA  1 
ATOM   347  C C   . HIS A 1 47  ? -1.56077  3.40233   14.92934  1.000 76.99863  ? 42  HIS A C   1 
ATOM   348  O O   . HIS A 1 47  ? -2.33299  4.03983   14.20960  1.000 73.89029  ? 42  HIS A O   1 
ATOM   349  C CB  . HIS A 1 47  ? -1.65871  0.91541   15.01969  1.000 73.13416  ? 42  HIS A CB  1 
ATOM   350  C CG  . HIS A 1 47  ? -2.06495  -0.32468  15.74879  1.000 74.50310  ? 42  HIS A CG  1 
ATOM   351  N ND1 . HIS A 1 47  ? -3.38034  -0.72049  15.86664  1.000 77.07549  ? 42  HIS A ND1 1 
ATOM   352  C CD2 . HIS A 1 47  ? -1.33065  -1.26103  16.39374  1.000 71.41873  ? 42  HIS A CD2 1 
ATOM   353  C CE1 . HIS A 1 47  ? -3.43854  -1.84589  16.55497  1.000 78.28736  ? 42  HIS A CE1 1 
ATOM   354  N NE2 . HIS A 1 47  ? -2.20869  -2.19419  16.88791  1.000 76.79598  ? 42  HIS A NE2 1 
ATOM   355  N N   . ARG A 1 48  ? -0.27005  3.68935   15.05015  1.000 76.36660  ? 43  ARG A N   1 
ATOM   356  C CA  . ARG A 1 48  ? 0.39635   4.70831   14.25376  1.000 69.58096  ? 43  ARG A CA  1 
ATOM   357  C C   . ARG A 1 48  ? 1.36692   4.00962   13.31370  1.000 68.29476  ? 43  ARG A C   1 
ATOM   358  O O   . ARG A 1 48  ? 2.28752   3.32180   13.76774  1.000 73.83895  ? 43  ARG A O   1 
ATOM   359  C CB  . ARG A 1 48  ? 1.13123   5.70797   15.14530  1.000 75.65081  ? 43  ARG A CB  1 
ATOM   360  C CG  . ARG A 1 48  ? 2.00410   6.69687   14.38963  1.000 74.59075  ? 43  ARG A CG  1 
ATOM   361  C CD  . ARG A 1 48  ? 2.41419   7.84934   15.29022  1.000 72.68637  ? 43  ARG A CD  1 
ATOM   362  N NE  . ARG A 1 48  ? 1.27221   8.35230   16.04682  1.000 79.57934  ? 43  ARG A NE  1 
ATOM   363  C CZ  . ARG A 1 48  ? 1.24142   9.51898   16.68096  1.000 88.49304  ? 43  ARG A CZ  1 
ATOM   364  N NH1 . ARG A 1 48  ? 2.29224   10.33031  16.63919  1.000 100.09950 ? 43  ARG A NH1 1 
ATOM   365  N NH2 . ARG A 1 48  ? 0.14990   9.88192   17.34379  1.000 81.18853  ? 43  ARG A NH2 1 
ATOM   366  N N   . ILE A 1 49  ? 1.15057   4.16672   12.01226  1.000 67.46284  ? 44  ILE A N   1 
ATOM   367  C CA  . ILE A 1 49  ? 2.04375   3.62595   10.99598  1.000 68.61824  ? 44  ILE A CA  1 
ATOM   368  C C   . ILE A 1 49  ? 2.86365   4.77351   10.43048  1.000 68.76703  ? 44  ILE A C   1 
ATOM   369  O O   . ILE A 1 49  ? 2.33820   5.86550   10.18784  1.000 74.91254  ? 44  ILE A O   1 
ATOM   370  C CB  . ILE A 1 49  ? 1.28055   2.89078   9.87682   1.000 69.13911  ? 44  ILE A CB  1 
ATOM   371  C CG1 . ILE A 1 49  ? 0.35703   1.82672   10.46834  1.000 73.07773  ? 44  ILE A CG1 1 
ATOM   372  C CG2 . ILE A 1 49  ? 2.25338   2.24741   8.90840   1.000 70.76547  ? 44  ILE A CG2 1 
ATOM   373  C CD1 . ILE A 1 49  ? -0.23469  0.89169   9.43419   1.000 70.54454  ? 44  ILE A CD1 1 
ATOM   374  N N   . ILE A 1 50  ? 4.15419   4.52944   10.23162  1.000 67.77781  ? 45  ILE A N   1 
ATOM   375  C CA  . ILE A 1 50  ? 5.07250   5.53079   9.71013   1.000 71.90153  ? 45  ILE A CA  1 
ATOM   376  C C   . ILE A 1 50  ? 5.82550   4.89727   8.54926   1.000 71.70821  ? 45  ILE A C   1 
ATOM   377  O O   . ILE A 1 50  ? 6.67544   4.02149   8.75713   1.000 70.16911  ? 45  ILE A O   1 
ATOM   378  C CB  . ILE A 1 50  ? 6.03447   6.03927   10.78924  1.000 70.39842  ? 45  ILE A CB  1 
ATOM   379  C CG1 . ILE A 1 50  ? 5.26291   6.90692   11.78569  1.000 69.58427  ? 45  ILE A CG1 1 
ATOM   380  C CG2 . ILE A 1 50  ? 7.17471   6.83256   10.16661  1.000 69.78324  ? 45  ILE A CG2 1 
ATOM   381  C CD1 . ILE A 1 50  ? 5.79288   6.84008   13.19387  1.000 85.44764  ? 45  ILE A CD1 1 
ATOM   382  N N   . SER A 1 51  ? 5.49741   5.32132   7.32928   1.000 66.36279  ? 46  SER A N   1 
ATOM   383  C CA  . SER A 1 51  ? 6.14839   4.79590   6.13744   1.000 65.62639  ? 46  SER A CA  1 
ATOM   384  C C   . SER A 1 51  ? 7.35106   5.65662   5.79049   1.000 70.33756  ? 46  SER A C   1 
ATOM   385  O O   . SER A 1 51  ? 7.18110   6.83677   5.45832   1.000 71.05384  ? 46  SER A O   1 
ATOM   386  C CB  . SER A 1 51  ? 5.18433   4.77213   4.96969   1.000 65.29049  ? 46  SER A CB  1 
ATOM   387  O OG  . SER A 1 51  ? 5.76649   4.12776   3.85013   1.000 68.09164  ? 46  SER A OG  1 
ATOM   388  N N   . PRO A 1 52  ? 8.57649   5.12092   5.84555   1.000 67.99574  ? 47  PRO A N   1 
ATOM   389  C CA  . PRO A 1 52  ? 9.75325   5.95824   5.57130   1.000 63.02706  ? 47  PRO A CA  1 
ATOM   390  C C   . PRO A 1 52  ? 9.76970   6.55344   4.17698   1.000 71.73927  ? 47  PRO A C   1 
ATOM   391  O O   . PRO A 1 52  ? 10.30372  7.65553   3.99918   1.000 77.53134  ? 47  PRO A O   1 
ATOM   392  C CB  . PRO A 1 52  ? 10.92669  4.99137   5.77935   1.000 65.49954  ? 47  PRO A CB  1 
ATOM   393  C CG  . PRO A 1 52  ? 10.38292  3.91875   6.65878   1.000 77.72510  ? 47  PRO A CG  1 
ATOM   394  C CD  . PRO A 1 52  ? 8.94964   3.75934   6.25692   1.000 70.34354  ? 47  PRO A CD  1 
ATOM   395  N N   . LEU A 1 53  ? 9.20759   5.86689   3.18350   1.000 67.31931  ? 48  LEU A N   1 
ATOM   396  C CA  . LEU A 1 53  ? 9.19622   6.37213   1.80550   1.000 72.24821  ? 48  LEU A CA  1 
ATOM   397  C C   . LEU A 1 53  ? 7.99356   5.81579   1.04500   1.000 69.81311  ? 48  LEU A C   1 
ATOM   398  O O   . LEU A 1 53  ? 8.03202   4.68978   0.52751   1.000 62.72522  ? 48  LEU A O   1 
ATOM   399  C CB  . LEU A 1 53  ? 10.50927  6.06863   1.09635   1.000 72.37698  ? 48  LEU A CB  1 
ATOM   400  C CG  . LEU A 1 53  ? 11.03120  4.63827   1.09319   1.000 77.17560  ? 48  LEU A CG  1 
ATOM   401  C CD1 . LEU A 1 53  ? 11.66269  4.35390   -0.23318  1.000 85.26407  ? 48  LEU A CD1 1 
ATOM   402  C CD2 . LEU A 1 53  ? 12.03578  4.45224   2.20196   1.000 73.02753  ? 48  LEU A CD2 1 
ATOM   403  N N   . PRO A 1 54  ? 6.92116   6.59184   0.94824   1.000 67.27498  ? 49  PRO A N   1 
ATOM   404  C CA  . PRO A 1 54  ? 5.72082   6.12998   0.24387   1.000 63.56192  ? 49  PRO A CA  1 
ATOM   405  C C   . PRO A 1 54  ? 5.81563   6.35114   -1.25673  1.000 67.57845  ? 49  PRO A C   1 
ATOM   406  O O   . PRO A 1 54  ? 6.54383   7.21614   -1.74684  1.000 73.31817  ? 49  PRO A O   1 
ATOM   407  C CB  . PRO A 1 54  ? 4.61572   7.00135   0.84679   1.000 68.44398  ? 49  PRO A CB  1 
ATOM   408  C CG  . PRO A 1 54  ? 5.31453   8.26096   1.21227   1.000 67.88395  ? 49  PRO A CG  1 
ATOM   409  C CD  . PRO A 1 54  ? 6.70534   7.87557   1.63107   1.000 61.66607  ? 49  PRO A CD  1 
ATOM   410  N N   . LEU A 1 55  ? 5.03406   5.55541   -1.98438  1.000 66.82266  ? 50  LEU A N   1 
ATOM   411  C CA  . LEU A 1 55  ? 4.99083   5.58769   -3.44211  1.000 65.34525  ? 50  LEU A CA  1 
ATOM   412  C C   . LEU A 1 55  ? 3.66532   6.22303   -3.84682  1.000 66.70930  ? 50  LEU A C   1 
ATOM   413  O O   . LEU A 1 55  ? 2.60819   5.59386   -3.72688  1.000 69.67990  ? 50  LEU A O   1 
ATOM   414  C CB  . LEU A 1 55  ? 5.12287   4.17864   -4.01916  1.000 66.79163  ? 50  LEU A CB  1 
ATOM   415  C CG  . LEU A 1 55  ? 5.61350   3.93799   -5.45560  1.000 68.63405  ? 50  LEU A CG  1 
ATOM   416  C CD1 . LEU A 1 55  ? 5.55686   2.45083   -5.80432  1.000 70.90755  ? 50  LEU A CD1 1 
ATOM   417  C CD2 . LEU A 1 55  ? 4.88466   4.75252   -6.49932  1.000 67.89878  ? 50  LEU A CD2 1 
ATOM   418  N N   . THR A 1 56  ? 3.71642   7.46363   -4.32157  1.000 67.56496  ? 51  THR A N   1 
ATOM   419  C CA  . THR A 1 56  ? 2.50680   8.11483   -4.80151  1.000 65.26308  ? 51  THR A CA  1 
ATOM   420  C C   . THR A 1 56  ? 2.13179   7.57651   -6.17650  1.000 67.38832  ? 51  THR A C   1 
ATOM   421  O O   . THR A 1 56  ? 2.98838   7.13437   -6.94834  1.000 65.43989  ? 51  THR A O   1 
ATOM   422  C CB  . THR A 1 56  ? 2.68532   9.63326   -4.87063  1.000 60.10497  ? 51  THR A CB  1 
ATOM   423  O OG1 . THR A 1 56  ? 3.62201   9.96275   -5.90269  1.000 65.80207  ? 51  THR A OG1 1 
ATOM   424  C CG2 . THR A 1 56  ? 3.18467   10.17777  -3.54648  1.000 61.50025  ? 51  THR A CG2 1 
ATOM   425  N N   . ASP A 1 57  ? 0.83112   7.61830   -6.48064  1.000 68.97659  ? 52  ASP A N   1 
ATOM   426  C CA  . ASP A 1 57  ? 0.36955   7.14102   -7.78202  1.000 69.41821  ? 52  ASP A CA  1 
ATOM   427  C C   . ASP A 1 57  ? 0.97232   7.94802   -8.92416  1.000 67.08767  ? 52  ASP A C   1 
ATOM   428  O O   . ASP A 1 57  ? 1.32056   7.38208   -9.96645  1.000 67.51150  ? 52  ASP A O   1 
ATOM   429  C CB  . ASP A 1 57  ? -1.15518  7.17137   -7.85629  1.000 73.41456  ? 52  ASP A CB  1 
ATOM   430  C CG  . ASP A 1 57  ? -1.69318  6.51379   -9.12027  1.000 77.59850  ? 52  ASP A CG  1 
ATOM   431  O OD1 . ASP A 1 57  ? -1.72524  5.26404   -9.18769  1.000 78.26223  ? 52  ASP A OD1 1 
ATOM   432  O OD2 . ASP A 1 57  ? -2.10927  7.25223   -10.03745 1.000 76.53282  ? 52  ASP A OD2 1 
ATOM   433  N N   . TYR A 1 58  ? 1.10300   9.26792   -8.75354  1.000 63.19405  ? 53  TYR A N   1 
ATOM   434  C CA  . TYR A 1 58  ? 1.72737   10.07612  -9.79576  1.000 64.94064  ? 53  TYR A CA  1 
ATOM   435  C C   . TYR A 1 58  ? 3.15443   9.61609   -10.05777 1.000 70.84568  ? 53  TYR A C   1 
ATOM   436  O O   . TYR A 1 58  ? 3.54778   9.40158   -11.21083 1.000 72.27542  ? 53  TYR A O   1 
ATOM   437  C CB  . TYR A 1 58  ? 1.70732   11.55968  -9.42527  1.000 65.33092  ? 53  TYR A CB  1 
ATOM   438  C CG  . TYR A 1 58  ? 2.52408   12.39179  -10.39078 1.000 68.36255  ? 53  TYR A CG  1 
ATOM   439  C CD1 . TYR A 1 58  ? 1.99553   12.79763  -11.60782 1.000 71.41098  ? 53  TYR A CD1 1 
ATOM   440  C CD2 . TYR A 1 58  ? 3.83502   12.74277  -10.09824 1.000 71.69781  ? 53  TYR A CD2 1 
ATOM   441  C CE1 . TYR A 1 58  ? 2.74414   13.54279  -12.49913 1.000 71.51593  ? 53  TYR A CE1 1 
ATOM   442  C CE2 . TYR A 1 58  ? 4.59262   13.48506  -10.98112 1.000 77.94151  ? 53  TYR A CE2 1 
ATOM   443  C CZ  . TYR A 1 58  ? 4.04371   13.88229  -12.18078 1.000 79.20437  ? 53  TYR A CZ  1 
ATOM   444  O OH  . TYR A 1 58  ? 4.80581   14.61971  -13.05846 1.000 82.46742  ? 53  TYR A OH  1 
ATOM   445  N N   . ALA A 1 59  ? 3.94843   9.46257   -8.99415  1.000 69.35302  ? 54  ALA A N   1 
ATOM   446  C CA  . ALA A 1 59  ? 5.32860   9.02339   -9.16607  1.000 68.27329  ? 54  ALA A CA  1 
ATOM   447  C C   . ALA A 1 59  ? 5.39998   7.66206   -9.84332  1.000 70.43972  ? 54  ALA A C   1 
ATOM   448  O O   . ALA A 1 59  ? 6.33748   7.39508   -10.60529 1.000 72.51641  ? 54  ALA A O   1 
ATOM   449  C CB  . ALA A 1 59  ? 6.04111   8.98834   -7.81555  1.000 65.65071  ? 54  ALA A CB  1 
ATOM   450  N N   . LEU A 1 60  ? 4.40943   6.80272   -9.60033  1.000 66.08805  ? 55  LEU A N   1 
ATOM   451  C CA  . LEU A 1 60  ? 4.39872   5.48216   -10.21820 1.000 67.52973  ? 55  LEU A CA  1 
ATOM   452  C C   . LEU A 1 60  ? 4.23746   5.57894   -11.73035 1.000 71.46626  ? 55  LEU A C   1 
ATOM   453  O O   . LEU A 1 60  ? 5.03715   5.02226   -12.49041 1.000 74.01190  ? 55  LEU A O   1 
ATOM   454  C CB  . LEU A 1 60  ? 3.27821   4.63647   -9.61919  1.000 64.48058  ? 55  LEU A CB  1 
ATOM   455  C CG  . LEU A 1 60  ? 3.23365   3.21049   -10.15094 1.000 65.54480  ? 55  LEU A CG  1 
ATOM   456  C CD1 . LEU A 1 60  ? 4.58818   2.56138   -9.97028  1.000 65.14373  ? 55  LEU A CD1 1 
ATOM   457  C CD2 . LEU A 1 60  ? 2.15198   2.40967   -9.45158  1.000 64.72583  ? 55  LEU A CD2 1 
ATOM   458  N N   . ASN A 1 61  ? 3.19916   6.28090   -12.18738 1.000 69.33834  ? 56  ASN A N   1 
ATOM   459  C CA  . ASN A 1 61  ? 2.86611   6.29846   -13.60706 1.000 66.19293  ? 56  ASN A CA  1 
ATOM   460  C C   . ASN A 1 61  ? 3.66542   7.31650   -14.40869 1.000 71.36414  ? 56  ASN A C   1 
ATOM   461  O O   . ASN A 1 61  ? 3.72320   7.19888   -15.63749 1.000 79.67001  ? 56  ASN A O   1 
ATOM   462  C CB  . ASN A 1 61  ? 1.37387   6.58628   -13.81481 1.000 68.46375  ? 56  ASN A CB  1 
ATOM   463  C CG  . ASN A 1 61  ? 0.47843   5.44877   -13.35107 1.000 73.69352  ? 56  ASN A CG  1 
ATOM   464  O OD1 . ASN A 1 61  ? -0.09156  4.71872   -14.16696 1.000 76.86346  ? 56  ASN A OD1 1 
ATOM   465  N ND2 . ASN A 1 61  ? 0.31918   5.31669   -12.03878 1.000 69.61334  ? 56  ASN A ND2 1 
ATOM   466  N N   . TYR A 1 62  ? 4.27389   8.31000   -13.76661 1.000 71.05215  ? 57  TYR A N   1 
ATOM   467  C CA  . TYR A 1 62  ? 4.80569   9.44499   -14.50934 1.000 69.22239  ? 57  TYR A CA  1 
ATOM   468  C C   . TYR A 1 62  ? 6.27132   9.74785   -14.24690 1.000 71.96995  ? 57  TYR A C   1 
ATOM   469  O O   . TYR A 1 62  ? 6.91354   10.35368  -15.10621 1.000 75.58763  ? 57  TYR A O   1 
ATOM   470  C CB  . TYR A 1 62  ? 3.97761   10.70114  -14.20414 1.000 68.46143  ? 57  TYR A CB  1 
ATOM   471  C CG  . TYR A 1 62  ? 2.62723   10.68125  -14.87759 1.000 71.34937  ? 57  TYR A CG  1 
ATOM   472  C CD1 . TYR A 1 62  ? 2.50665   10.84856  -16.25307 1.000 72.32682  ? 57  TYR A CD1 1 
ATOM   473  C CD2 . TYR A 1 62  ? 1.47488   10.43381  -14.14545 1.000 69.73477  ? 57  TYR A CD2 1 
ATOM   474  C CE1 . TYR A 1 62  ? 1.26643   10.81023  -16.87229 1.000 67.46134  ? 57  TYR A CE1 1 
ATOM   475  C CE2 . TYR A 1 62  ? 0.23473   10.38999  -14.75513 1.000 72.38073  ? 57  TYR A CE2 1 
ATOM   476  C CZ  . TYR A 1 62  ? 0.13471   10.57717  -16.11632 1.000 67.72048  ? 57  TYR A CZ  1 
ATOM   477  O OH  . TYR A 1 62  ? -1.10426  10.53154  -16.71538 1.000 77.96435  ? 57  TYR A OH  1 
ATOM   478  N N   . GLU A 1 63  ? 6.82533   9.34648   -13.10115 1.000 71.78724  ? 58  GLU A N   1 
ATOM   479  C CA  . GLU A 1 63  ? 8.17155   9.76485   -12.73774 1.000 74.73744  ? 58  GLU A CA  1 
ATOM   480  C C   . GLU A 1 63  ? 9.16012   8.61772   -12.60647 1.000 72.24474  ? 58  GLU A C   1 
ATOM   481  O O   . GLU A 1 63  ? 10.35905  8.87467   -12.45804 1.000 79.00132  ? 58  GLU A O   1 
ATOM   482  C CB  . GLU A 1 63  ? 8.15403   10.55307  -11.41828 1.000 74.35045  ? 58  GLU A CB  1 
ATOM   483  C CG  . GLU A 1 63  ? 7.67109   11.99454  -11.54914 1.000 77.36984  ? 58  GLU A CG  1 
ATOM   484  C CD  . GLU A 1 63  ? 8.61823   12.89523  -12.33080 1.000 88.80813  ? 58  GLU A CD  1 
ATOM   485  O OE1 . GLU A 1 63  ? 8.17977   14.00004  -12.71801 1.000 88.64852  ? 58  GLU A OE1 1 
ATOM   486  O OE2 . GLU A 1 63  ? 9.79038   12.51462  -12.55390 1.000 88.83882  ? 58  GLU A OE2 1 
ATOM   487  N N   . ILE A 1 64  ? 8.70425   7.37316   -12.65264 1.000 70.39644  ? 59  ILE A N   1 
ATOM   488  C CA  . ILE A 1 64  ? 9.56995   6.20934   -12.50067 1.000 74.29665  ? 59  ILE A CA  1 
ATOM   489  C C   . ILE A 1 64  ? 9.74163   5.58782   -13.87812 1.000 77.50676  ? 59  ILE A C   1 
ATOM   490  O O   . ILE A 1 64  ? 8.78906   5.03830   -14.44660 1.000 79.27310  ? 59  ILE A O   1 
ATOM   491  C CB  . ILE A 1 64  ? 9.00136   5.18957   -11.50596 1.000 74.84701  ? 59  ILE A CB  1 
ATOM   492  C CG1 . ILE A 1 64  ? 9.08711   5.71512   -10.07867 1.000 67.49094  ? 59  ILE A CG1 1 
ATOM   493  C CG2 . ILE A 1 64  ? 9.74275   3.86611   -11.62928 1.000 70.91857  ? 59  ILE A CG2 1 
ATOM   494  C CD1 . ILE A 1 64  ? 8.39632   4.81980   -9.07729  1.000 67.17996  ? 59  ILE A CD1 1 
ATOM   495  N N   . GLU A 1 65  ? 10.95917  5.66467   -14.40970 1.000 80.95002  ? 60  GLU A N   1 
ATOM   496  C CA  . GLU A 1 65  ? 11.25330  5.09833   -15.71997 1.000 84.79666  ? 60  GLU A CA  1 
ATOM   497  C C   . GLU A 1 65  ? 11.00112  3.59481   -15.73737 1.000 85.12003  ? 60  GLU A C   1 
ATOM   498  O O   . GLU A 1 65  ? 11.47882  2.86116   -14.86632 1.000 88.17551  ? 60  GLU A O   1 
ATOM   499  C CB  . GLU A 1 65  ? 12.70682  5.39229   -16.10458 1.000 86.63354  ? 60  GLU A CB  1 
ATOM   500  C CG  . GLU A 1 65  ? 12.92981  6.73527   -16.79978 1.000 93.56085  ? 60  GLU A CG  1 
ATOM   501  C CD  . GLU A 1 65  ? 12.41035  6.76577   -18.23291 1.000 97.04195  ? 60  GLU A CD  1 
ATOM   502  O OE1 . GLU A 1 65  ? 12.11517  5.68606   -18.79351 1.000 94.83899  ? 60  GLU A OE1 1 
ATOM   503  O OE2 . GLU A 1 65  ? 12.30440  7.87316   -18.80337 1.000 96.56524  ? 60  GLU A OE2 1 
ATOM   504  N N   . SER A 1 66  ? 10.23735  3.14750   -16.73623 1.000 84.88803  ? 61  SER A N   1 
ATOM   505  C CA  . SER A 1 66  ? 10.02346  1.72611   -17.01888 1.000 89.90272  ? 61  SER A CA  1 
ATOM   506  C C   . SER A 1 66  ? 9.49263   0.97179   -15.79940 1.000 91.18600  ? 61  SER A C   1 
ATOM   507  O O   . SER A 1 66  ? 9.89672   -0.15716  -15.51219 1.000 92.92622  ? 61  SER A O   1 
ATOM   508  C CB  . SER A 1 66  ? 11.30284  1.07639   -17.55057 1.000 91.08330  ? 61  SER A CB  1 
ATOM   509  O OG  . SER A 1 66  ? 12.27956  0.95635   -16.53010 1.000 103.20033 ? 61  SER A OG  1 
ATOM   510  N N   . ALA A 1 67  ? 8.57303   1.60338   -15.06790 1.000 90.05591  ? 62  ALA A N   1 
ATOM   511  C CA  . ALA A 1 67  ? 7.82112   0.86910   -14.05884 1.000 81.60853  ? 62  ALA A CA  1 
ATOM   512  C C   . ALA A 1 67  ? 6.84380   -0.10525  -14.69634 1.000 85.20758  ? 62  ALA A C   1 
ATOM   513  O O   . ALA A 1 67  ? 6.42981   -1.07206  -14.04663 1.000 84.99372  ? 62  ALA A O   1 
ATOM   514  C CB  . ALA A 1 67  ? 7.07236   1.83696   -13.14205 1.000 75.09566  ? 62  ALA A CB  1 
ATOM   515  N N   . TRP A 1 68  ? 6.47956   0.12837   -15.95855 1.000 84.95186  ? 63  TRP A N   1 
ATOM   516  C CA  . TRP A 1 68  ? 5.54931   -0.75629  -16.64883 1.000 86.20364  ? 63  TRP A CA  1 
ATOM   517  C C   . TRP A 1 68  ? 6.12019   -2.16411  -16.77547 1.000 85.81400  ? 63  TRP A C   1 
ATOM   518  O O   . TRP A 1 68  ? 5.42205   -3.15402  -16.52729 1.000 83.83410  ? 63  TRP A O   1 
ATOM   519  C CB  . TRP A 1 68  ? 5.21358   -0.17883  -18.02348 1.000 86.75091  ? 63  TRP A CB  1 
ATOM   520  C CG  . TRP A 1 68  ? 4.54049   -1.15249  -18.92746 1.000 88.39233  ? 63  TRP A CG  1 
ATOM   521  C CD1 . TRP A 1 68  ? 5.07739   -1.75898  -20.02457 1.000 90.29358  ? 63  TRP A CD1 1 
ATOM   522  C CD2 . TRP A 1 68  ? 3.19816   -1.63832  -18.81580 1.000 87.65459  ? 63  TRP A CD2 1 
ATOM   523  N NE1 . TRP A 1 68  ? 4.15227   -2.59292  -20.60385 1.000 93.48975  ? 63  TRP A NE1 1 
ATOM   524  C CE2 . TRP A 1 68  ? 2.98998   -2.53672  -19.88024 1.000 91.06716  ? 63  TRP A CE2 1 
ATOM   525  C CE3 . TRP A 1 68  ? 2.15166   -1.40035  -17.91931 1.000 88.86308  ? 63  TRP A CE3 1 
ATOM   526  C CZ2 . TRP A 1 68  ? 1.77904   -3.19845  -20.07242 1.000 91.62467  ? 63  TRP A CZ2 1 
ATOM   527  C CZ3 . TRP A 1 68  ? 0.94913   -2.05755  -18.11232 1.000 87.96804  ? 63  TRP A CZ3 1 
ATOM   528  C CH2 . TRP A 1 68  ? 0.77328   -2.94550  -19.17970 1.000 89.65109  ? 63  TRP A CH2 1 
ATOM   529  N N   . GLU A 1 69  ? 7.39512   -2.27260  -17.16034 1.000 86.41946  ? 64  GLU A N   1 
ATOM   530  C CA  . GLU A 1 69  ? 8.01080   -3.59097  -17.28372 1.000 86.74122  ? 64  GLU A CA  1 
ATOM   531  C C   . GLU A 1 69  ? 8.08079   -4.30359  -15.93906 1.000 82.94645  ? 64  GLU A C   1 
ATOM   532  O O   . GLU A 1 69  ? 7.97659   -5.53479  -15.88673 1.000 87.50868  ? 64  GLU A O   1 
ATOM   533  C CB  . GLU A 1 69  ? 9.40946   -3.47561  -17.90181 1.000 90.37205  ? 64  GLU A CB  1 
ATOM   534  C CG  . GLU A 1 69  ? 9.43550   -3.29578  -19.42539 1.000 91.16303  ? 64  GLU A CG  1 
ATOM   535  C CD  . GLU A 1 69  ? 9.11299   -1.87684  -19.88110 1.000 103.09533 ? 64  GLU A CD  1 
ATOM   536  O OE1 . GLU A 1 69  ? 8.78538   -1.02252  -19.02873 1.000 101.63868 ? 64  GLU A OE1 1 
ATOM   537  O OE2 . GLU A 1 69  ? 9.18912   -1.61462  -21.10190 1.000 105.75720 ? 64  GLU A OE2 1 
ATOM   538  N N   . VAL A 1 70  ? 8.24692   -3.55761  -14.84532 1.000 83.23496  ? 65  VAL A N   1 
ATOM   539  C CA  . VAL A 1 70  ? 8.26282   -4.18307  -13.52685 1.000 79.92523  ? 65  VAL A CA  1 
ATOM   540  C C   . VAL A 1 70  ? 6.86374   -4.63998  -13.14099 1.000 79.37164  ? 65  VAL A C   1 
ATOM   541  O O   . VAL A 1 70  ? 6.68341   -5.72814  -12.58397 1.000 81.23811  ? 65  VAL A O   1 
ATOM   542  C CB  . VAL A 1 70  ? 8.85145   -3.22166  -12.48039 1.000 80.26509  ? 65  VAL A CB  1 
ATOM   543  C CG1 . VAL A 1 70  ? 8.94624   -3.91020  -11.12860 1.000 73.70096  ? 65  VAL A CG1 1 
ATOM   544  C CG2 . VAL A 1 70  ? 10.21201  -2.72098  -12.92744 1.000 84.03151  ? 65  VAL A CG2 1 
ATOM   545  N N   . ALA A 1 71  ? 5.85125   -3.81900  -13.42781 1.000 78.12319  ? 66  ALA A N   1 
ATOM   546  C CA  . ALA A 1 71  ? 4.47635   -4.24310  -13.19273 1.000 79.86037  ? 66  ALA A CA  1 
ATOM   547  C C   . ALA A 1 71  ? 4.11129   -5.44113  -14.05780 1.000 82.52501  ? 66  ALA A C   1 
ATOM   548  O O   . ALA A 1 71  ? 3.27900   -6.26461  -13.66211 1.000 81.31959  ? 66  ALA A O   1 
ATOM   549  C CB  . ALA A 1 71  ? 3.51777   -3.08157  -13.45365 1.000 77.59055  ? 66  ALA A CB  1 
ATOM   550  N N   . LEU A 1 72  ? 4.71986   -5.55265  -15.23915 1.000 83.57331  ? 67  LEU A N   1 
ATOM   551  C CA  . LEU A 1 72  ? 4.48381   -6.71277  -16.08892 1.000 81.18574  ? 67  LEU A CA  1 
ATOM   552  C C   . LEU A 1 72  ? 5.07342   -7.97550  -15.47740 1.000 80.87820  ? 67  LEU A C   1 
ATOM   553  O O   . LEU A 1 72  ? 4.43809   -9.03586  -15.49990 1.000 82.80073  ? 67  LEU A O   1 
ATOM   554  C CB  . LEU A 1 72  ? 5.07267   -6.46907  -17.47614 1.000 84.55153  ? 67  LEU A CB  1 
ATOM   555  C CG  . LEU A 1 72  ? 4.41294   -7.22513  -18.62615 1.000 82.65308  ? 67  LEU A CG  1 
ATOM   556  C CD1 . LEU A 1 72  ? 3.03356   -6.66028  -18.91775 1.000 84.70078  ? 67  LEU A CD1 1 
ATOM   557  C CD2 . LEU A 1 72  ? 5.30153   -7.15881  -19.85844 1.000 87.15822  ? 67  LEU A CD2 1 
ATOM   558  N N   . ASP A 1 73  ? 6.29003   -7.88163  -14.93243 1.000 78.27928  ? 68  ASP A N   1 
ATOM   559  C CA  . ASP A 1 73  ? 6.94554   -9.05600  -14.36839 1.000 80.22899  ? 68  ASP A CA  1 
ATOM   560  C C   . ASP A 1 73  ? 6.18228   -9.60443  -13.17040 1.000 85.76088  ? 68  ASP A C   1 
ATOM   561  O O   . ASP A 1 73  ? 6.17047   -10.82053 -12.94674 1.000 87.99852  ? 68  ASP A O   1 
ATOM   562  C CB  . ASP A 1 73  ? 8.38210   -8.71275  -13.97568 1.000 79.96358  ? 68  ASP A CB  1 
ATOM   563  C CG  . ASP A 1 73  ? 9.26059   -9.94134  -13.84291 1.000 92.35392  ? 68  ASP A CG  1 
ATOM   564  O OD1 . ASP A 1 73  ? 8.87135   -11.01712 -14.35053 1.000 98.45724  ? 68  ASP A OD1 1 
ATOM   565  O OD2 . ASP A 1 73  ? 10.34265  -9.83043  -13.22868 1.000 94.95757  ? 68  ASP A OD2 1 
ATOM   566  N N   . VAL A 1 74  ? 5.54005   -8.73176  -12.39155 1.000 83.74544  ? 69  VAL A N   1 
ATOM   567  C CA  . VAL A 1 74  ? 4.75699   -9.19955  -11.25507 1.000 80.68448  ? 69  VAL A CA  1 
ATOM   568  C C   . VAL A 1 74  ? 3.37012   -9.65460  -11.67757 1.000 82.33418  ? 69  VAL A C   1 
ATOM   569  O O   . VAL A 1 74  ? 2.69612   -10.35598 -10.91317 1.000 88.66538  ? 69  VAL A O   1 
ATOM   570  C CB  . VAL A 1 74  ? 4.64318   -8.10948  -10.17706 1.000 81.85011  ? 69  VAL A CB  1 
ATOM   571  C CG1 . VAL A 1 74  ? 5.98293   -7.42278  -9.97562  1.000 81.95027  ? 69  VAL A CG1 1 
ATOM   572  C CG2 . VAL A 1 74  ? 3.57411   -7.10383  -10.54884 1.000 83.20570  ? 69  VAL A CG2 1 
ATOM   573  N N   . ALA A 1 75  ? 2.92418   -9.27508  -12.87165 1.000 84.02642  ? 70  ALA A N   1 
ATOM   574  C CA  . ALA A 1 75  ? 1.63137   -9.69121  -13.39192 1.000 82.79886  ? 70  ALA A CA  1 
ATOM   575  C C   . ALA A 1 75  ? 1.71367   -10.98796 -14.18472 1.000 87.15896  ? 70  ALA A C   1 
ATOM   576  O O   . ALA A 1 75  ? 0.71896   -11.39098 -14.79680 1.000 88.49887  ? 70  ALA A O   1 
ATOM   577  C CB  . ALA A 1 75  ? 1.03317   -8.58603  -14.26506 1.000 79.88324  ? 70  ALA A CB  1 
ATOM   578  N N   . GLY A 1 76  ? 2.87247   -11.64372 -14.18977 1.000 85.87031  ? 71  GLY A N   1 
ATOM   579  C CA  . GLY A 1 76  ? 3.04300   -12.86396 -14.95491 1.000 84.76027  ? 71  GLY A CA  1 
ATOM   580  C C   . GLY A 1 76  ? 2.94336   -12.67051 -16.45082 1.000 86.68713  ? 71  GLY A C   1 
ATOM   581  O O   . GLY A 1 76  ? 2.57653   -13.60778 -17.16810 1.000 91.71137  ? 71  GLY A O   1 
ATOM   582  N N   . GLY A 1 77  ? 3.26479   -11.47496 -16.94373 1.000 82.61835  ? 72  GLY A N   1 
ATOM   583  C CA  . GLY A 1 77  ? 3.12549   -11.15894 -18.34675 1.000 85.83852  ? 72  GLY A CA  1 
ATOM   584  C C   . GLY A 1 77  ? 1.72655   -10.79520 -18.78136 1.000 87.57787  ? 72  GLY A C   1 
ATOM   585  O O   . GLY A 1 77  ? 1.54149   -10.39026 -19.93689 1.000 93.03518  ? 72  GLY A O   1 
ATOM   586  N N   . ASP A 1 78  ? 0.73780   -10.92967 -17.90343 1.000 81.98137  ? 73  ASP A N   1 
ATOM   587  C CA  . ASP A 1 78  ? -0.64373  -10.60186 -18.23798 1.000 84.92699  ? 73  ASP A CA  1 
ATOM   588  C C   . ASP A 1 78  ? -0.75418  -9.08479  -18.26799 1.000 85.76207  ? 73  ASP A C   1 
ATOM   589  O O   . ASP A 1 78  ? -0.92899  -8.44315  -17.23078 1.000 88.44844  ? 73  ASP A O   1 
ATOM   590  C CB  . ASP A 1 78  ? -1.59039  -11.23143 -17.22217 1.000 81.53956  ? 73  ASP A CB  1 
ATOM   591  C CG  . ASP A 1 78  ? -3.05480  -10.94496 -17.50847 1.000 86.21739  ? 73  ASP A CG  1 
ATOM   592  O OD1 . ASP A 1 78  ? -3.40866  -9.78882  -17.82478 1.000 89.16067  ? 73  ASP A OD1 1 
ATOM   593  O OD2 . ASP A 1 78  ? -3.86619  -11.88723 -17.39227 1.000 88.84807  ? 73  ASP A OD2 1 
ATOM   594  N N   . GLU A 1 79  ? -0.65271  -8.49986  -19.46198 1.000 90.67913  ? 74  GLU A N   1 
ATOM   595  C CA  . GLU A 1 79  ? -0.65917  -7.04823  -19.55989 1.000 91.37855  ? 74  GLU A CA  1 
ATOM   596  C C   . GLU A 1 79  ? -2.00517  -6.43453  -19.19600 1.000 88.21408  ? 74  GLU A C   1 
ATOM   597  O O   . GLU A 1 79  ? -2.10084  -5.20588  -19.11675 1.000 90.13544  ? 74  GLU A O   1 
ATOM   598  C CB  . GLU A 1 79  ? -0.24994  -6.62276  -20.96632 1.000 96.37615  ? 74  GLU A CB  1 
ATOM   599  C CG  . GLU A 1 79  ? -1.00113  -7.32418  -22.08010 1.000 102.41942 ? 74  GLU A CG  1 
ATOM   600  C CD  . GLU A 1 79  ? -0.77473  -6.66114  -23.42302 1.000 109.74152 ? 74  GLU A CD  1 
ATOM   601  O OE1 . GLU A 1 79  ? -1.76332  -6.21067  -24.04199 1.000 111.61615 ? 74  GLU A OE1 1 
ATOM   602  O OE2 . GLU A 1 79  ? 0.39371   -6.58607  -23.85724 1.000 108.35447 ? 74  GLU A OE2 1 
ATOM   603  N N   . ASN A 1 80  ? -3.04042  -7.24578  -18.96501 1.000 86.08441  ? 75  ASN A N   1 
ATOM   604  C CA  . ASN A 1 80  ? -4.32884  -6.68718  -18.57037 1.000 88.18121  ? 75  ASN A CA  1 
ATOM   605  C C   . ASN A 1 80  ? -4.40200  -6.40415  -17.07654 1.000 86.13867  ? 75  ASN A C   1 
ATOM   606  O O   . ASN A 1 80  ? -5.06999  -5.44747  -16.66627 1.000 87.60018  ? 75  ASN A O   1 
ATOM   607  C CB  . ASN A 1 80  ? -5.46729  -7.62270  -18.97134 1.000 87.59894  ? 75  ASN A CB  1 
ATOM   608  C CG  . ASN A 1 80  ? -6.70258  -6.86917  -19.40807 1.000 95.46236  ? 75  ASN A CG  1 
ATOM   609  O OD1 . ASN A 1 80  ? -7.76136  -6.97661  -18.78872 1.000 99.33113  ? 75  ASN A OD1 1 
ATOM   610  N ND2 . ASN A 1 80  ? -6.57348  -6.09381  -20.48067 1.000 95.04491  ? 75  ASN A ND2 1 
ATOM   611  N N   . VAL A 1 81  ? -3.74500  -7.21840  -16.25481 1.000 81.13675  ? 76  VAL A N   1 
ATOM   612  C CA  . VAL A 1 81  ? -3.70833  -6.96234  -14.81880 1.000 82.25383  ? 76  VAL A CA  1 
ATOM   613  C C   . VAL A 1 81  ? -2.60680  -5.97232  -14.46245 1.000 81.70270  ? 76  VAL A C   1 
ATOM   614  O O   . VAL A 1 81  ? -2.79289  -5.12165  -13.58786 1.000 82.52734  ? 76  VAL A O   1 
ATOM   615  C CB  . VAL A 1 81  ? -3.55715  -8.28744  -14.04263 1.000 79.66873  ? 76  VAL A CB  1 
ATOM   616  C CG1 . VAL A 1 81  ? -2.48628  -9.13159  -14.64647 1.000 80.73767  ? 76  VAL A CG1 1 
ATOM   617  C CG2 . VAL A 1 81  ? -3.21227  -8.02173  -12.59417 1.000 82.89303  ? 76  VAL A CG2 1 
ATOM   618  N N   . ALA A 1 82  ? -1.45449  -6.06001  -15.13386 1.000 77.73794  ? 77  ALA A N   1 
ATOM   619  C CA  . ALA A 1 82  ? -0.39878  -5.07603  -14.92008 1.000 76.37581  ? 77  ALA A CA  1 
ATOM   620  C C   . ALA A 1 82  ? -0.92348  -3.66394  -15.12696 1.000 77.07425  ? 77  ALA A C   1 
ATOM   621  O O   . ALA A 1 82  ? -0.61121  -2.75330  -14.35172 1.000 77.61924  ? 77  ALA A O   1 
ATOM   622  C CB  . ALA A 1 82  ? 0.77741   -5.35040  -15.85701 1.000 80.60144  ? 77  ALA A CB  1 
ATOM   623  N N   . GLU A 1 83  ? -1.73712  -3.46850  -16.16512 1.000 84.84364  ? 78  GLU A N   1 
ATOM   624  C CA  . GLU A 1 83  ? -2.38003  -2.17756  -16.37503 1.000 81.67131  ? 78  GLU A CA  1 
ATOM   625  C C   . GLU A 1 83  ? -3.29745  -1.81502  -15.21329 1.000 75.84512  ? 78  GLU A C   1 
ATOM   626  O O   . GLU A 1 83  ? -3.40073  -0.63845  -14.84811 1.000 74.13588  ? 78  GLU A O   1 
ATOM   627  C CB  . GLU A 1 83  ? -3.15488  -2.20468  -17.69176 1.000 81.34316  ? 78  GLU A CB  1 
ATOM   628  C CG  . GLU A 1 83  ? -3.82524  -0.90314  -18.06798 1.000 87.09756  ? 78  GLU A CG  1 
ATOM   629  C CD  . GLU A 1 83  ? -4.48495  -0.98072  -19.42918 1.000 97.35478  ? 78  GLU A CD  1 
ATOM   630  O OE1 . GLU A 1 83  ? -4.10653  -1.87433  -20.21996 1.000 94.22908  ? 78  GLU A OE1 1 
ATOM   631  O OE2 . GLU A 1 83  ? -5.37780  -0.15166  -19.70798 1.000 99.41769  ? 78  GLU A OE2 1 
ATOM   632  N N   . ALA A 1 84  ? -3.95103  -2.80948  -14.60735 1.000 75.55236  ? 79  ALA A N   1 
ATOM   633  C CA  . ALA A 1 84  ? -4.88763  -2.54048  -13.52237 1.000 77.55706  ? 79  ALA A CA  1 
ATOM   634  C C   . ALA A 1 84  ? -4.18289  -2.18117  -12.22102 1.000 77.18638  ? 79  ALA A C   1 
ATOM   635  O O   . ALA A 1 84  ? -4.71385  -1.38739  -11.43501 1.000 79.23362  ? 79  ALA A O   1 
ATOM   636  C CB  . ALA A 1 84  ? -5.79811  -3.74863  -13.30310 1.000 81.12819  ? 79  ALA A CB  1 
ATOM   637  N N   . ILE A 1 85  ? -2.99851  -2.75014  -11.97098 1.000 75.22557  ? 80  ILE A N   1 
ATOM   638  C CA  . ILE A 1 85  ? -2.28341  -2.48216  -10.72564 1.000 72.12046  ? 80  ILE A CA  1 
ATOM   639  C C   . ILE A 1 85  ? -1.40978  -1.23870  -10.80123 1.000 72.03433  ? 80  ILE A C   1 
ATOM   640  O O   . ILE A 1 85  ? -0.95519  -0.75285  -9.75514  1.000 72.99104  ? 80  ILE A O   1 
ATOM   641  C CB  . ILE A 1 85  ? -1.41284  -3.68113  -10.30120 1.000 67.76987  ? 80  ILE A CB  1 
ATOM   642  C CG1 . ILE A 1 85  ? -0.22435  -3.84304  -11.24359 1.000 71.41180  ? 80  ILE A CG1 1 
ATOM   643  C CG2 . ILE A 1 85  ? -2.23630  -4.95091  -10.27934 1.000 70.38011  ? 80  ILE A CG2 1 
ATOM   644  C CD1 . ILE A 1 85  ? 0.62651   -5.04091  -10.92334 1.000 72.43405  ? 80  ILE A CD1 1 
ATOM   645  N N   . MET A 1 86  ? -1.15303  -0.70554  -11.99758 1.000 70.61961  ? 81  MET A N   1 
ATOM   646  C CA  . MET A 1 86  ? -0.49283  0.59077   -12.08659 1.000 71.48353  ? 81  MET A CA  1 
ATOM   647  C C   . MET A 1 86  ? -1.39007  1.73137   -11.61815 1.000 74.04549  ? 81  MET A C   1 
ATOM   648  O O   . MET A 1 86  ? -0.89535  2.84813   -11.43690 1.000 74.14316  ? 81  MET A O   1 
ATOM   649  C CB  . MET A 1 86  ? -0.02939  0.85820   -13.52306 1.000 71.90185  ? 81  MET A CB  1 
ATOM   650  C CG  . MET A 1 86  ? 1.14713   0.00836   -14.00202 1.000 69.61258  ? 81  MET A CG  1 
ATOM   651  S SD  . MET A 1 86  ? 2.76035   0.53722   -13.38544 1.000 66.35970  ? 81  MET A SD  1 
ATOM   652  C CE  . MET A 1 86  ? 2.84168   2.19803   -14.03973 1.000 71.62599  ? 81  MET A CE  1 
ATOM   653  N N   . ALA A 1 87  ? -2.68195  1.47957   -11.40876 1.000 71.57360  ? 82  ALA A N   1 
ATOM   654  C CA  . ALA A 1 87  ? -3.64453  2.50929   -11.04794 1.000 74.83023  ? 82  ALA A CA  1 
ATOM   655  C C   . ALA A 1 87  ? -4.22079  2.23158   -9.66509  1.000 78.03890  ? 82  ALA A C   1 
ATOM   656  O O   . ALA A 1 87  ? -4.36314  1.07352   -9.25894  1.000 77.36963  ? 82  ALA A O   1 
ATOM   657  C CB  . ALA A 1 87  ? -4.77500  2.58865   -12.07855 1.000 72.17461  ? 82  ALA A CB  1 
ATOM   658  N N   . LYS A 1 88  ? -4.57048  3.31136   -8.95224  1.000 77.23628  ? 83  LYS A N   1 
ATOM   659  C CA  . LYS A 1 88  ? -4.98110  3.18329   -7.55409  1.000 78.31078  ? 83  LYS A CA  1 
ATOM   660  C C   . LYS A 1 88  ? -6.21223  2.30630   -7.40865  1.000 83.18333  ? 83  LYS A C   1 
ATOM   661  O O   . LYS A 1 88  ? -6.30202  1.49918   -6.47448  1.000 88.47332  ? 83  LYS A O   1 
ATOM   662  C CB  . LYS A 1 88  ? -5.27697  4.55201   -6.94243  1.000 76.88515  ? 83  LYS A CB  1 
ATOM   663  C CG  . LYS A 1 88  ? -4.20975  5.58800   -7.14383  1.000 80.44374  ? 83  LYS A CG  1 
ATOM   664  C CD  . LYS A 1 88  ? -4.80606  6.98211   -7.29514  1.000 83.80942  ? 83  LYS A CD  1 
ATOM   665  C CE  . LYS A 1 88  ? -5.78089  7.29167   -6.16654  1.000 92.30861  ? 83  LYS A CE  1 
ATOM   666  N NZ  . LYS A 1 88  ? -6.37330  8.65084   -6.29427  1.000 96.24313  ? 83  LYS A NZ  1 
ATOM   667  N N   . ALA A 1 89  ? -7.17901  2.46753   -8.31532  1.000 82.47682  ? 84  ALA A N   1 
ATOM   668  C CA  . ALA A 1 89  ? -8.47770  1.82676   -8.15520  1.000 86.10132  ? 84  ALA A CA  1 
ATOM   669  C C   . ALA A 1 89  ? -8.35350  0.31907   -8.00396  1.000 87.74969  ? 84  ALA A C   1 
ATOM   670  O O   . ALA A 1 89  ? -9.16715  -0.30213  -7.30795  1.000 89.98127  ? 84  ALA A O   1 
ATOM   671  C CB  . ALA A 1 89  ? -9.37559  2.17426   -9.34332  1.000 92.13647  ? 84  ALA A CB  1 
ATOM   672  N N   . CYS A 1 90  ? -7.33001  -0.27772  -8.61349  1.000 81.70482  ? 85  CYS A N   1 
ATOM   673  C CA  . CYS A 1 90  ? -7.13452  -1.72216  -8.58695  1.000 86.01727  ? 85  CYS A CA  1 
ATOM   674  C C   . CYS A 1 90  ? -8.43133  -2.42987  -8.97146  1.000 95.04483  ? 85  CYS A C   1 
ATOM   675  O O   . CYS A 1 90  ? -8.98424  -3.24132  -8.22616  1.000 96.43512  ? 85  CYS A O   1 
ATOM   676  C CB  . CYS A 1 90  ? -6.63416  -2.18332  -7.21561  1.000 83.49374  ? 85  CYS A CB  1 
ATOM   677  S SG  . CYS A 1 90  ? -4.90164  -1.79235  -6.87014  1.000 74.94132  ? 85  CYS A SG  1 
ATOM   678  N N   . GLU A 1 91  ? -8.93412  -2.07059  -10.14937 1.000 93.10679  ? 86  GLU A N   1 
ATOM   679  C CA  . GLU A 1 91  ? -10.20188 -2.58807  -10.64230 1.000 90.96801  ? 86  GLU A CA  1 
ATOM   680  C C   . GLU A 1 91  ? -10.01373 -3.23195  -12.00463 1.000 93.25445  ? 86  GLU A C   1 
ATOM   681  O O   . GLU A 1 91  ? -9.31749  -2.68922  -12.86959 1.000 92.19395  ? 86  GLU A O   1 
ATOM   682  C CB  . GLU A 1 91  ? -11.27024 -1.49071  -10.73259 1.000 89.54125  ? 86  GLU A CB  1 
ATOM   683  C CG  . GLU A 1 91  ? -11.69338 -0.92479  -9.38869  1.000 100.97519 ? 86  GLU A CG  1 
ATOM   684  C CD  . GLU A 1 91  ? -12.42586 0.39583   -9.51663  1.000 109.61882 ? 86  GLU A CD  1 
ATOM   685  O OE1 . GLU A 1 91  ? -12.47785 0.94060   -10.64173 1.000 105.76178 ? 86  GLU A OE1 1 
ATOM   686  O OE2 . GLU A 1 91  ? -12.96268 0.87981   -8.49508  1.000 108.99311 ? 86  GLU A OE2 1 
ATOM   687  N N   . SER A 1 92  ? -10.62845 -4.39712  -12.17618 1.000 94.54458  ? 87  SER A N   1 
ATOM   688  C CA  . SER A 1 92  ? -10.76969 -5.03854  -13.47170 1.000 94.37059  ? 87  SER A CA  1 
ATOM   689  C C   . SER A 1 92  ? -11.89289 -6.05465  -13.35413 1.000 101.70161 ? 87  SER A C   1 
ATOM   690  O O   . SER A 1 92  ? -12.09424 -6.65688  -12.29503 1.000 103.99918 ? 87  SER A O   1 
ATOM   691  C CB  . SER A 1 92  ? -9.47474  -5.71495  -13.92900 1.000 93.71694  ? 87  SER A CB  1 
ATOM   692  O OG  . SER A 1 92  ? -9.29968  -6.95939  -13.28050 1.000 93.60898  ? 87  SER A OG  1 
ATOM   693  N N   . ASP A 1 93  ? -12.63005 -6.22865  -14.44941 1.000 105.29099 ? 88  ASP A N   1 
ATOM   694  C CA  . ASP A 1 93  ? -13.76169 -7.14413  -14.44237 1.000 104.99027 ? 88  ASP A CA  1 
ATOM   695  C C   . ASP A 1 93  ? -13.34185 -8.60471  -14.36293 1.000 102.91250 ? 88  ASP A C   1 
ATOM   696  O O   . ASP A 1 93  ? -14.19581 -9.46116  -14.11043 1.000 99.85324  ? 88  ASP A O   1 
ATOM   697  C CB  . ASP A 1 93  ? -14.61659 -6.91946  -15.69016 1.000 109.47653 ? 88  ASP A CB  1 
ATOM   698  C CG  . ASP A 1 93  ? -15.19688 -5.51812  -15.75504 1.000 117.34220 ? 88  ASP A CG  1 
ATOM   699  O OD1 . ASP A 1 93  ? -15.76908 -5.06282  -14.74195 1.000 114.59884 ? 88  ASP A OD1 1 
ATOM   700  O OD2 . ASP A 1 93  ? -15.07099 -4.86999  -16.81521 1.000 118.43195 ? 88  ASP A OD2 1 
ATOM   701  N N   . SER A 1 94  ? -12.05793 -8.90777  -14.55523 1.000 101.27857 ? 89  SER A N   1 
ATOM   702  C CA  . SER A 1 94  ? -11.60228 -10.28077 -14.68949 1.000 102.14362 ? 89  SER A CA  1 
ATOM   703  C C   . SER A 1 94  ? -10.82992 -10.79866 -13.48506 1.000 102.99881 ? 89  SER A C   1 
ATOM   704  O O   . SER A 1 94  ? -10.57912 -12.00702 -13.41190 1.000 98.83105  ? 89  SER A O   1 
ATOM   705  C CB  . SER A 1 94  ? -10.72566 -10.42056 -15.94332 1.000 102.02247 ? 89  SER A CB  1 
ATOM   706  O OG  . SER A 1 94  ? -11.19577 -9.59518  -16.99596 1.000 107.83601 ? 89  SER A OG  1 
ATOM   707  N N   . ASN A 1 95  ? -10.44159 -9.93380  -12.54881 1.000 100.33425 ? 90  ASN A N   1 
ATOM   708  C CA  . ASN A 1 95  ? -9.62649  -10.34489 -11.41644 1.000 95.91072  ? 90  ASN A CA  1 
ATOM   709  C C   . ASN A 1 95  ? -10.22830 -9.84302  -10.11260 1.000 93.21060  ? 90  ASN A C   1 
ATOM   710  O O   . ASN A 1 95  ? -11.04550 -8.91624  -10.08353 1.000 87.13301  ? 90  ASN A O   1 
ATOM   711  C CB  . ASN A 1 95  ? -8.17845  -9.84700  -11.54061 1.000 90.79739  ? 90  ASN A CB  1 
ATOM   712  C CG  . ASN A 1 95  ? -7.68080  -9.85058  -12.97035 1.000 92.75173  ? 90  ASN A CG  1 
ATOM   713  O OD1 . ASN A 1 95  ? -7.97722  -8.94281  -13.74640 1.000 94.72976  ? 90  ASN A OD1 1 
ATOM   714  N ND2 . ASN A 1 95  ? -6.91591  -10.87779 -13.32666 1.000 87.65688  ? 90  ASN A ND2 1 
ATOM   715  N N   . ASP A 1 96  ? -9.79654  -10.48346 -9.02951  1.000 92.12812  ? 91  ASP A N   1 
ATOM   716  C CA  . ASP A 1 96  ? -10.24119 -10.11145 -7.69573  1.000 89.19200  ? 91  ASP A CA  1 
ATOM   717  C C   . ASP A 1 96  ? -9.59222  -8.79915  -7.27200  1.000 83.24185  ? 91  ASP A C   1 
ATOM   718  O O   . ASP A 1 96  ? -8.36650  -8.65202  -7.33155  1.000 81.09679  ? 91  ASP A O   1 
ATOM   719  C CB  . ASP A 1 96  ? -9.90243  -11.22540 -6.70618  1.000 88.24276  ? 91  ASP A CB  1 
ATOM   720  C CG  . ASP A 1 96  ? -10.59329 -12.53673 -7.04830  1.000 93.32204  ? 91  ASP A CG  1 
ATOM   721  O OD1 . ASP A 1 96  ? -11.68972 -12.48718 -7.64747  1.000 96.84197  ? 91  ASP A OD1 1 
ATOM   722  O OD2 . ASP A 1 96  ? -10.03780 -13.61285 -6.72831  1.000 90.83938  ? 91  ASP A OD2 1 
ATOM   723  N N   . GLY A 1 97  ? -10.42151 -7.84682  -6.83873  1.000 79.46442  ? 92  GLY A N   1 
ATOM   724  C CA  . GLY A 1 97  ? -9.90854  -6.53451  -6.48489  1.000 78.55212  ? 92  GLY A CA  1 
ATOM   725  C C   . GLY A 1 97  ? -8.80787  -6.57652  -5.44190  1.000 82.91328  ? 92  GLY A C   1 
ATOM   726  O O   . GLY A 1 97  ? -7.82184  -5.84489  -5.54636  1.000 83.07960  ? 92  GLY A O   1 
ATOM   727  N N   . TRP A 1 98  ? -8.95710  -7.43113  -4.42216  1.000 82.19925  ? 93  TRP A N   1 
ATOM   728  C CA  . TRP A 1 98  ? -7.96890  -7.45527  -3.34746  1.000 75.26496  ? 93  TRP A CA  1 
ATOM   729  C C   . TRP A 1 98  ? -6.65748  -8.06710  -3.80760  1.000 76.37834  ? 93  TRP A C   1 
ATOM   730  O O   . TRP A 1 98  ? -5.58973  -7.65651  -3.33998  1.000 79.41516  ? 93  TRP A O   1 
ATOM   731  C CB  . TRP A 1 98  ? -8.49772  -8.21823  -2.13462  1.000 78.99640  ? 93  TRP A CB  1 
ATOM   732  C CG  . TRP A 1 98  ? -8.79421  -9.66588  -2.38378  1.000 83.96241  ? 93  TRP A CG  1 
ATOM   733  C CD1 . TRP A 1 98  ? -7.93995  -10.72458 -2.22885  1.000 84.78567  ? 93  TRP A CD1 1 
ATOM   734  C CD2 . TRP A 1 98  ? -10.03194 -10.21464 -2.83982  1.000 82.92003  ? 93  TRP A CD2 1 
ATOM   735  N NE1 . TRP A 1 98  ? -8.57742  -11.90005 -2.55242  1.000 76.96236  ? 93  TRP A NE1 1 
ATOM   736  C CE2 . TRP A 1 98  ? -9.86177  -11.61355 -2.93316  1.000 78.90271  ? 93  TRP A CE2 1 
ATOM   737  C CE3 . TRP A 1 98  ? -11.27026 -9.65966  -3.17562  1.000 77.65838  ? 93  TRP A CE3 1 
ATOM   738  C CZ2 . TRP A 1 98  ? -10.88299 -12.46100 -3.35077  1.000 80.09130  ? 93  TRP A CZ2 1 
ATOM   739  C CZ3 . TRP A 1 98  ? -12.28056 -10.50004 -3.58945  1.000 84.37519  ? 93  TRP A CZ3 1 
ATOM   740  C CH2 . TRP A 1 98  ? -12.08216 -11.88663 -3.67601  1.000 88.94064  ? 93  TRP A CH2 1 
ATOM   741  N N   . GLU A 1 99  ? -6.70972  -9.04648  -4.71229  1.000 77.72528  ? 94  GLU A N   1 
ATOM   742  C CA  . GLU A 1 99  ? -5.46949  -9.55915  -5.27686  1.000 79.05054  ? 94  GLU A CA  1 
ATOM   743  C C   . GLU A 1 99  ? -4.78007  -8.50904  -6.13270  1.000 76.61434  ? 94  GLU A C   1 
ATOM   744  O O   . GLU A 1 99  ? -3.54478  -8.45270  -6.16840  1.000 76.96534  ? 94  GLU A O   1 
ATOM   745  C CB  . GLU A 1 99  ? -5.73184  -10.83104 -6.07918  1.000 77.79005  ? 94  GLU A CB  1 
ATOM   746  C CG  . GLU A 1 99  ? -4.46952  -11.42197 -6.68971  1.000 76.73321  ? 94  GLU A CG  1 
ATOM   747  C CD  . GLU A 1 99  ? -3.52233  -12.01523 -5.65380  1.000 86.26555  ? 94  GLU A CD  1 
ATOM   748  O OE1 . GLU A 1 99  ? -3.94454  -12.23045 -4.49409  1.000 90.21688  ? 94  GLU A OE1 1 
ATOM   749  O OE2 . GLU A 1 99  ? -2.34651  -12.26278 -6.00360  1.000 84.98993  ? 94  GLU A OE2 1 
ATOM   750  N N   . LEU A 1 100 ? -5.55496  -7.66502  -6.81607  1.000 76.05525  ? 95  LEU A N   1 
ATOM   751  C CA  . LEU A 1 100 ? -4.96681  -6.51574  -7.49488  1.000 79.04553  ? 95  LEU A CA  1 
ATOM   752  C C   . LEU A 1 100 ? -4.25415  -5.61211  -6.49862  1.000 77.38051  ? 95  LEU A C   1 
ATOM   753  O O   . LEU A 1 100 ? -3.11676  -5.18260  -6.72953  1.000 74.15460  ? 95  LEU A O   1 
ATOM   754  C CB  . LEU A 1 100 ? -6.04646  -5.74074  -8.25062  1.000 82.51256  ? 95  LEU A CB  1 
ATOM   755  C CG  . LEU A 1 100 ? -6.74221  -6.49395  -9.38037  1.000 82.57600  ? 95  LEU A CG  1 
ATOM   756  C CD1 . LEU A 1 100 ? -7.64208  -5.56713  -10.17949 1.000 82.93192  ? 95  LEU A CD1 1 
ATOM   757  C CD2 . LEU A 1 100 ? -5.70745  -7.13588  -10.27374 1.000 72.81944  ? 95  LEU A CD2 1 
ATOM   758  N N   . GLN A 1 101 ? -4.91116  -5.32666  -5.37040  1.000 77.67021  ? 96  GLN A N   1 
ATOM   759  C CA  . GLN A 1 101 ? -4.29297  -4.50190  -4.33837  1.000 73.43447  ? 96  GLN A CA  1 
ATOM   760  C C   . GLN A 1 101 ? -3.01262  -5.14088  -3.81339  1.000 71.98252  ? 96  GLN A C   1 
ATOM   761  O O   . GLN A 1 101 ? -1.99581  -4.45629  -3.64171  1.000 68.26487  ? 96  GLN A O   1 
ATOM   762  C CB  . GLN A 1 101 ? -5.28764  -4.24983  -3.20352  1.000 71.96183  ? 96  GLN A CB  1 
ATOM   763  C CG  . GLN A 1 101 ? -6.46396  -3.36099  -3.61132  1.000 76.87277  ? 96  GLN A CG  1 
ATOM   764  C CD  . GLN A 1 101 ? -7.33872  -2.95020  -2.43557  1.000 81.61311  ? 96  GLN A CD  1 
ATOM   765  O OE1 . GLN A 1 101 ? -7.58285  -1.76413  -2.21038  1.000 81.03151  ? 96  GLN A OE1 1 
ATOM   766  N NE2 . GLN A 1 101 ? -7.82896  -3.93328  -1.69175  1.000 78.81968  ? 96  GLN A NE2 1 
ATOM   767  N N   . ARG A 1 102 ? -3.03293  -6.45601  -3.57473  1.000 71.55432  ? 97  ARG A N   1 
ATOM   768  C CA  . ARG A 1 102 ? -1.83319  -7.13438  -3.09106  1.000 69.08610  ? 97  ARG A CA  1 
ATOM   769  C C   . ARG A 1 102 ? -0.70054  -7.03173  -4.10456  1.000 69.66455  ? 97  ARG A C   1 
ATOM   770  O O   . ARG A 1 102 ? 0.44666   -6.74212  -3.74385  1.000 71.50061  ? 97  ARG A O   1 
ATOM   771  C CB  . ARG A 1 102 ? -2.12841  -8.60131  -2.77950  1.000 71.11026  ? 97  ARG A CB  1 
ATOM   772  C CG  . ARG A 1 102 ? -0.87767  -9.38305  -2.39106  1.000 76.18824  ? 97  ARG A CG  1 
ATOM   773  C CD  . ARG A 1 102 ? -1.13686  -10.87140 -2.20716  1.000 75.68006  ? 97  ARG A CD  1 
ATOM   774  N NE  . ARG A 1 102 ? -0.98512  -11.60270 -3.46181  1.000 82.29705  ? 97  ARG A NE  1 
ATOM   775  C CZ  . ARG A 1 102 ? 0.18408   -11.98183 -3.97063  1.000 86.75424  ? 97  ARG A CZ  1 
ATOM   776  N NH1 . ARG A 1 102 ? 1.31475   -11.69376 -3.33715  1.000 83.77735  ? 97  ARG A NH1 1 
ATOM   777  N NH2 . ARG A 1 102 ? 0.22535   -12.64146 -5.12016  1.000 89.11110  ? 97  ARG A NH2 1 
ATOM   778  N N   . LEU A 1 103 ? -1.00577  -7.26655  -5.38429  1.000 68.38692  ? 98  LEU A N   1 
ATOM   779  C CA  . LEU A 1 103 ? 0.02052   -7.16301  -6.41654  1.000 69.18084  ? 98  LEU A CA  1 
ATOM   780  C C   . LEU A 1 103 ? 0.55323   -5.74331  -6.53504  1.000 72.87589  ? 98  LEU A C   1 
ATOM   781  O O   . LEU A 1 103 ? 1.73180   -5.54662  -6.85589  1.000 70.06815  ? 98  LEU A O   1 
ATOM   782  C CB  . LEU A 1 103 ? -0.53068  -7.63983  -7.75947  1.000 72.90196  ? 98  LEU A CB  1 
ATOM   783  C CG  . LEU A 1 103 ? -0.84129  -9.13541  -7.85056  1.000 73.99629  ? 98  LEU A CG  1 
ATOM   784  C CD1 . LEU A 1 103 ? -1.45338  -9.48817  -9.19566  1.000 71.51476  ? 98  LEU A CD1 1 
ATOM   785  C CD2 . LEU A 1 103 ? 0.41793   -9.94851  -7.61447  1.000 66.08335  ? 98  LEU A CD2 1 
ATOM   786  N N   . ARG A 1 104 ? -0.29407  -4.74220  -6.28505  1.000 74.97417  ? 99  ARG A N   1 
ATOM   787  C CA  . ARG A 1 104 ? 0.19270   -3.36904  -6.26719  1.000 70.80028  ? 99  ARG A CA  1 
ATOM   788  C C   . ARG A 1 104 ? 1.17851   -3.15634  -5.13073  1.000 69.80011  ? 99  ARG A C   1 
ATOM   789  O O   . ARG A 1 104 ? 2.13159   -2.38229  -5.27422  1.000 71.31717  ? 99  ARG A O   1 
ATOM   790  C CB  . ARG A 1 104 ? -0.97316  -2.39131  -6.14410  1.000 74.13058  ? 99  ARG A CB  1 
ATOM   791  C CG  . ARG A 1 104 ? -0.57806  -0.94791  -6.40450  1.000 76.08024  ? 99  ARG A CG  1 
ATOM   792  C CD  . ARG A 1 104 ? -1.79028  -0.05973  -6.62877  1.000 75.24616  ? 99  ARG A CD  1 
ATOM   793  N NE  . ARG A 1 104 ? -1.50180  0.98883   -7.60392  1.000 76.43557  ? 99  ARG A NE  1 
ATOM   794  C CZ  . ARG A 1 104 ? -1.29299  2.26591   -7.30524  1.000 74.51773  ? 99  ARG A CZ  1 
ATOM   795  N NH1 . ARG A 1 104 ? -1.34277  2.67416   -6.04971  1.000 73.83391  ? 99  ARG A NH1 1 
ATOM   796  N NH2 . ARG A 1 104 ? -1.03606  3.13845   -8.26994  1.000 80.09206  ? 99  ARG A NH2 1 
ATOM   797  N N   . GLY A 1 105 ? 0.96326   -3.82992  -3.99829  1.000 67.49900  ? 100 GLY A N   1 
ATOM   798  C CA  . GLY A 1 105 ? 1.94600   -3.78923  -2.93067  1.000 67.33871  ? 100 GLY A CA  1 
ATOM   799  C C   . GLY A 1 105 ? 3.25983   -4.41674  -3.34643  1.000 68.84983  ? 100 GLY A C   1 
ATOM   800  O O   . GLY A 1 105 ? 4.33381   -3.88619  -3.05121  1.000 71.00752  ? 100 GLY A O   1 
ATOM   801  N N   . VAL A 1 106 ? 3.19072   -5.54520  -4.05624  1.000 64.51795  ? 101 VAL A N   1 
ATOM   802  C CA  . VAL A 1 106 ? 4.40356   -6.19411  -4.54104  1.000 64.16550  ? 101 VAL A CA  1 
ATOM   803  C C   . VAL A 1 106 ? 5.19657   -5.24325  -5.42846  1.000 69.80565  ? 101 VAL A C   1 
ATOM   804  O O   . VAL A 1 106 ? 6.42944   -5.17660  -5.34160  1.000 70.71240  ? 101 VAL A O   1 
ATOM   805  C CB  . VAL A 1 106 ? 4.05135   -7.49674  -5.27961  1.000 59.98349  ? 101 VAL A CB  1 
ATOM   806  C CG1 . VAL A 1 106 ? 5.31692   -8.21819  -5.69779  1.000 63.78993  ? 101 VAL A CG1 1 
ATOM   807  C CG2 . VAL A 1 106 ? 3.17672   -8.38144  -4.40923  1.000 61.72758  ? 101 VAL A CG2 1 
ATOM   808  N N   . LEU A 1 107 ? 4.50263   -4.49009  -6.29053  1.000 67.25162  ? 102 LEU A N   1 
ATOM   809  C CA  . LEU A 1 107 ? 5.17074   -3.49719  -7.13005  1.000 66.59950  ? 102 LEU A CA  1 
ATOM   810  C C   . LEU A 1 107 ? 6.04771   -2.56095  -6.31544  1.000 68.02254  ? 102 LEU A C   1 
ATOM   811  O O   . LEU A 1 107 ? 7.21045   -2.32457  -6.65971  1.000 71.39673  ? 102 LEU A O   1 
ATOM   812  C CB  . LEU A 1 107 ? 4.14934   -2.67600  -7.91372  1.000 69.67965  ? 102 LEU A CB  1 
ATOM   813  C CG  . LEU A 1 107 ? 4.19276   -2.80882  -9.42951  1.000 72.54288  ? 102 LEU A CG  1 
ATOM   814  C CD1 . LEU A 1 107 ? 3.44739   -1.64634  -10.06167 1.000 72.32272  ? 102 LEU A CD1 1 
ATOM   815  C CD2 . LEU A 1 107 ? 5.63293   -2.83314  -9.89907  1.000 73.94740  ? 102 LEU A CD2 1 
ATOM   816  N N   . ALA A 1 108 ? 5.49620   -1.99162  -5.24416  1.000 67.04858  ? 103 ALA A N   1 
ATOM   817  C CA  . ALA A 1 108 ? 6.24998   -0.99563  -4.49434  1.000 69.92621  ? 103 ALA A CA  1 
ATOM   818  C C   . ALA A 1 108 ? 7.46630   -1.61389  -3.82631  1.000 70.56934  ? 103 ALA A C   1 
ATOM   819  O O   . ALA A 1 108 ? 8.54161   -1.00349  -3.79632  1.000 73.11692  ? 103 ALA A O   1 
ATOM   820  C CB  . ALA A 1 108 ? 5.36106   -0.32605  -3.45820  1.000 68.14604  ? 103 ALA A CB  1 
ATOM   821  N N   . VAL A 1 109 ? 7.31919   -2.82106  -3.28201  1.000 66.82566  ? 104 VAL A N   1 
ATOM   822  C CA  . VAL A 1 109 ? 8.47906   -3.50068  -2.71993  1.000 70.58308  ? 104 VAL A CA  1 
ATOM   823  C C   . VAL A 1 109 ? 9.53019   -3.71864  -3.79850  1.000 71.34585  ? 104 VAL A C   1 
ATOM   824  O O   . VAL A 1 109 ? 10.72131  -3.46235  -3.58418  1.000 72.81883  ? 104 VAL A O   1 
ATOM   825  C CB  . VAL A 1 109 ? 8.05887   -4.82081  -2.05215  1.000 65.39400  ? 104 VAL A CB  1 
ATOM   826  C CG1 . VAL A 1 109 ? 9.26714   -5.50309  -1.43925  1.000 63.77746  ? 104 VAL A CG1 1 
ATOM   827  C CG2 . VAL A 1 109 ? 7.00022   -4.55605  -0.99245  1.000 61.84201  ? 104 VAL A CG2 1 
ATOM   828  N N   . ARG A 1 110 ? 9.10338   -4.17086  -4.98120  1.000 71.28231  ? 105 ARG A N   1 
ATOM   829  C CA  . ARG A 1 110 ? 10.04031  -4.34447  -6.08651  1.000 74.50406  ? 105 ARG A CA  1 
ATOM   830  C C   . ARG A 1 110 ? 10.73174  -3.03093  -6.43066  1.000 75.72169  ? 105 ARG A C   1 
ATOM   831  O O   . ARG A 1 110 ? 11.95195  -2.99808  -6.62959  1.000 78.61160  ? 105 ARG A O   1 
ATOM   832  C CB  . ARG A 1 110 ? 9.31456   -4.90046  -7.31164  1.000 74.50320  ? 105 ARG A CB  1 
ATOM   833  C CG  . ARG A 1 110 ? 8.73488   -6.29469  -7.13183  1.000 73.76057  ? 105 ARG A CG  1 
ATOM   834  C CD  . ARG A 1 110 ? 9.78053   -7.37377  -7.34809  1.000 85.24633  ? 105 ARG A CD  1 
ATOM   835  N NE  . ARG A 1 110 ? 10.43741  -7.24658  -8.64708  1.000 89.02444  ? 105 ARG A NE  1 
ATOM   836  C CZ  . ARG A 1 110 ? 10.10256  -7.94042  -9.72947  1.000 86.54725  ? 105 ARG A CZ  1 
ATOM   837  N NH1 . ARG A 1 110 ? 9.10461   -8.81262  -9.67737  1.000 86.87846  ? 105 ARG A NH1 1 
ATOM   838  N NH2 . ARG A 1 110 ? 10.76326  -7.75716  -10.86547 1.000 81.60569  ? 105 ARG A NH2 1 
ATOM   839  N N   . LEU A 1 111 ? 9.97052   -1.93570  -6.49487  1.000 72.03931  ? 106 LEU A N   1 
ATOM   840  C CA  . LEU A 1 111 ? 10.52542  -0.62811  -6.82138  1.000 71.90030  ? 106 LEU A CA  1 
ATOM   841  C C   . LEU A 1 111 ? 11.27690  0.01005   -5.66120  1.000 71.71448  ? 106 LEU A C   1 
ATOM   842  O O   . LEU A 1 111 ? 11.88538  1.07100   -5.85092  1.000 68.38369  ? 106 LEU A O   1 
ATOM   843  C CB  . LEU A 1 111 ? 9.41285   0.31270   -7.28759  1.000 68.88563  ? 106 LEU A CB  1 
ATOM   844  C CG  . LEU A 1 111 ? 8.70952   -0.09318  -8.58139  1.000 69.85768  ? 106 LEU A CG  1 
ATOM   845  C CD1 . LEU A 1 111 ? 7.52274   0.81725   -8.85826  1.000 70.78892  ? 106 LEU A CD1 1 
ATOM   846  C CD2 . LEU A 1 111 ? 9.68513   -0.08235  -9.74318  1.000 62.41494  ? 106 LEU A CD2 1 
ATOM   847  N N   . GLY A 1 112 ? 11.24317  -0.59719  -4.47705  1.000 70.69930  ? 107 GLY A N   1 
ATOM   848  C CA  . GLY A 1 112 ? 11.99720  -0.09355  -3.34906  1.000 68.59296  ? 107 GLY A CA  1 
ATOM   849  C C   . GLY A 1 112 ? 11.25121  0.84679   -2.43165  1.000 68.40880  ? 107 GLY A C   1 
ATOM   850  O O   . GLY A 1 112 ? 11.89174  1.62070   -1.71422  1.000 72.15516  ? 107 GLY A O   1 
ATOM   851  N N   . TYR A 1 113 ? 9.92406   0.81257   -2.43027  1.000 69.26480  ? 108 TYR A N   1 
ATOM   852  C CA  . TYR A 1 113 ? 9.09823   1.66138   -1.58442  1.000 66.33792  ? 108 TYR A CA  1 
ATOM   853  C C   . TYR A 1 113 ? 8.49014   0.83409   -0.45875  1.000 66.54913  ? 108 TYR A C   1 
ATOM   854  O O   . TYR A 1 113 ? 8.60339   -0.39307  -0.42025  1.000 66.81871  ? 108 TYR A O   1 
ATOM   855  C CB  . TYR A 1 113 ? 8.00647   2.34913   -2.40824  1.000 67.50882  ? 108 TYR A CB  1 
ATOM   856  C CG  . TYR A 1 113 ? 8.52596   3.38061   -3.38368  1.000 67.41540  ? 108 TYR A CG  1 
ATOM   857  C CD1 . TYR A 1 113 ? 8.94016   3.01409   -4.65669  1.000 68.52863  ? 108 TYR A CD1 1 
ATOM   858  C CD2 . TYR A 1 113 ? 8.59238   4.72136   -3.03511  1.000 68.50029  ? 108 TYR A CD2 1 
ATOM   859  C CE1 . TYR A 1 113 ? 9.41132   3.95192   -5.55297  1.000 69.10568  ? 108 TYR A CE1 1 
ATOM   860  C CE2 . TYR A 1 113 ? 9.06142   5.66787   -3.92631  1.000 72.37744  ? 108 TYR A CE2 1 
ATOM   861  C CZ  . TYR A 1 113 ? 9.46984   5.27599   -5.18492  1.000 69.54286  ? 108 TYR A CZ  1 
ATOM   862  O OH  . TYR A 1 113 ? 9.94136   6.20989   -6.07867  1.000 69.99401  ? 108 TYR A OH  1 
ATOM   863  N N   . THR A 1 114 ? 7.82359   1.52608   0.46324   1.000 70.24964  ? 109 THR A N   1 
ATOM   864  C CA  . THR A 1 114 ? 7.24415   0.88704   1.63331   1.000 64.64470  ? 109 THR A CA  1 
ATOM   865  C C   . THR A 1 114 ? 5.76290   1.17552   1.84712   1.000 71.19284  ? 109 THR A C   1 
ATOM   866  O O   . THR A 1 114 ? 5.16129   0.56195   2.73638   1.000 73.76419  ? 109 THR A O   1 
ATOM   867  C CB  . THR A 1 114 ? 8.03308   1.27715   2.89470   1.000 65.12728  ? 109 THR A CB  1 
ATOM   868  O OG1 . THR A 1 114 ? 7.29783   0.89966   4.06379   1.000 79.18451  ? 109 THR A OG1 1 
ATOM   869  C CG2 . THR A 1 114 ? 8.33031   2.75434   2.92056   1.000 68.20242  ? 109 THR A CG2 1 
ATOM   870  N N   . SER A 1 115 ? 5.15445   2.06901   1.07141   1.000 68.15936  ? 110 SER A N   1 
ATOM   871  C CA  . SER A 1 115 ? 3.70321   2.18185   1.05049   1.000 67.00389  ? 110 SER A CA  1 
ATOM   872  C C   . SER A 1 115 ? 3.28771   2.70998   -0.31289  1.000 65.79166  ? 110 SER A C   1 
ATOM   873  O O   . SER A 1 115 ? 4.08283   3.33329   -1.02233  1.000 69.50836  ? 110 SER A O   1 
ATOM   874  C CB  . SER A 1 115 ? 3.17297   3.07611   2.17739   1.000 64.52889  ? 110 SER A CB  1 
ATOM   875  O OG  . SER A 1 115 ? 3.79494   4.34426   2.17387   1.000 65.79132  ? 110 SER A OG  1 
ATOM   876  N N   . VAL A 1 116 ? 2.03619   2.43389   -0.68663  1.000 64.60246  ? 111 VAL A N   1 
ATOM   877  C CA  . VAL A 1 116 ? 1.53221   2.74956   -2.01880  1.000 63.44481  ? 111 VAL A CA  1 
ATOM   878  C C   . VAL A 1 116 ? 0.22065   3.49832   -1.87672  1.000 68.48996  ? 111 VAL A C   1 
ATOM   879  O O   . VAL A 1 116 ? -0.65351  3.07787   -1.11093  1.000 71.78947  ? 111 VAL A O   1 
ATOM   880  C CB  . VAL A 1 116 ? 1.29110   1.48843   -2.86584  1.000 68.85552  ? 111 VAL A CB  1 
ATOM   881  C CG1 . VAL A 1 116 ? 1.25603   1.84274   -4.35528  1.000 68.78816  ? 111 VAL A CG1 1 
ATOM   882  C CG2 . VAL A 1 116 ? 2.26626   0.39343   -2.52213  1.000 72.62054  ? 111 VAL A CG2 1 
ATOM   883  N N   . GLU A 1 117 ? 0.06790   4.58413   -2.62881  1.000 66.35297  ? 112 GLU A N   1 
ATOM   884  C CA  . GLU A 1 117 ? -1.23105  5.23620   -2.71101  1.000 69.16833  ? 112 GLU A CA  1 
ATOM   885  C C   . GLU A 1 117 ? -2.27646  4.25100   -3.21783  1.000 72.99656  ? 112 GLU A C   1 
ATOM   886  O O   . GLU A 1 117 ? -2.02084  3.47183   -4.13641  1.000 81.27409  ? 112 GLU A O   1 
ATOM   887  C CB  . GLU A 1 117 ? -1.15718  6.45227   -3.63187  1.000 69.38856  ? 112 GLU A CB  1 
ATOM   888  C CG  . GLU A 1 117 ? -2.35647  7.36518   -3.53742  1.000 71.17877  ? 112 GLU A CG  1 
ATOM   889  C CD  . GLU A 1 117 ? -2.19631  8.60840   -4.37778  1.000 73.07935  ? 112 GLU A CD  1 
ATOM   890  O OE1 . GLU A 1 117 ? -1.14109  8.75167   -5.03592  1.000 71.11079  ? 112 GLU A OE1 1 
ATOM   891  O OE2 . GLU A 1 117 ? -3.13437  9.43372   -4.39466  1.000 77.22213  ? 112 GLU A OE2 1 
ATOM   892  N N   . MET A 1 118 ? -3.45544  4.27089   -2.60431  1.000 74.85229  ? 113 MET A N   1 
ATOM   893  C CA  . MET A 1 118 ? -4.53352  3.36885   -2.98014  1.000 77.10654  ? 113 MET A CA  1 
ATOM   894  C C   . MET A 1 118 ? -5.83743  4.15233   -3.04778  1.000 80.89296  ? 113 MET A C   1 
ATOM   895  O O   . MET A 1 118 ? -5.94183  5.27682   -2.55121  1.000 80.86874  ? 113 MET A O   1 
ATOM   896  C CB  . MET A 1 118 ? -4.67044  2.20445   -1.98750  1.000 76.11805  ? 113 MET A CB  1 
ATOM   897  C CG  . MET A 1 118 ? -3.41678  1.34613   -1.82142  1.000 73.58974  ? 113 MET A CG  1 
ATOM   898  S SD  . MET A 1 118 ? -3.20751  0.02977   -3.03222  1.000 62.20458  ? 113 MET A SD  1 
ATOM   899  C CE  . MET A 1 118 ? -4.89463  -0.17790  -3.59024  1.000 81.98619  ? 113 MET A CE  1 
ATOM   900  N N   . GLU A 1 119 ? -6.84391  3.54891   -3.67247  1.000 91.02989  ? 114 GLU A N   1 
ATOM   901  C CA  . GLU A 1 119 ? -8.17333  4.13479   -3.72481  1.000 90.52890  ? 114 GLU A CA  1 
ATOM   902  C C   . GLU A 1 119 ? -9.17969  3.15089   -3.15158  1.000 91.39646  ? 114 GLU A C   1 
ATOM   903  O O   . GLU A 1 119 ? -9.04851  1.93256   -3.30984  1.000 86.32833  ? 114 GLU A O   1 
ATOM   904  C CB  . GLU A 1 119 ? -8.56769  4.53660   -5.14436  1.000 91.02230  ? 114 GLU A CB  1 
ATOM   905  C CG  . GLU A 1 119 ? -9.82240  5.38754   -5.19678  1.000 94.27089  ? 114 GLU A CG  1 
ATOM   906  C CD  . GLU A 1 119 ? -9.68910  6.57802   -6.12421  1.000 107.64459 ? 114 GLU A CD  1 
ATOM   907  O OE1 . GLU A 1 119 ? -10.17959 6.50020   -7.27226  1.000 107.06716 ? 114 GLU A OE1 1 
ATOM   908  O OE2 . GLU A 1 119 ? -9.10497  7.59919   -5.70059  1.000 108.49404 ? 114 GLU A OE2 1 
ATOM   909  N N   . ASP A 1 120 ? -10.19122 3.70116   -2.49394  1.000 96.21270  ? 115 ASP A N   1 
ATOM   910  C CA  . ASP A 1 120 ? -11.09250 2.93206   -1.64766  1.000 96.51513  ? 115 ASP A CA  1 
ATOM   911  C C   . ASP A 1 120 ? -12.29941 3.82616   -1.36071  1.000 99.94523  ? 115 ASP A C   1 
ATOM   912  O O   . ASP A 1 120 ? -12.34581 4.98470   -1.78706  1.000 101.64627 ? 115 ASP A O   1 
ATOM   913  C CB  . ASP A 1 120 ? -10.34255 2.48267   -0.38688  1.000 95.90600  ? 115 ASP A CB  1 
ATOM   914  C CG  . ASP A 1 120 ? -11.25878 2.02791   0.71821   1.000 109.38254 ? 115 ASP A CG  1 
ATOM   915  O OD1 . ASP A 1 120 ? -11.45488 0.80319   0.86547   1.000 116.29132 ? 115 ASP A OD1 1 
ATOM   916  O OD2 . ASP A 1 120 ? -11.82059 2.90146   1.40907   1.000 108.21726 ? 115 ASP A OD2 1 
ATOM   917  N N   . GLU A 1 121 ? -13.28918 3.27356   -0.65077  1.000 105.78032 ? 116 GLU A N   1 
ATOM   918  C CA  . GLU A 1 121 ? -14.46193 4.05118   -0.25494  1.000 107.74775 ? 116 GLU A CA  1 
ATOM   919  C C   . GLU A 1 121 ? -14.07694 5.35001   0.44819   1.000 107.36264 ? 116 GLU A C   1 
ATOM   920  O O   . GLU A 1 121 ? -14.65782 6.40592   0.17173   1.000 108.23258 ? 116 GLU A O   1 
ATOM   921  C CB  . GLU A 1 121 ? -15.36708 3.21874   0.65711   1.000 112.90913 ? 116 GLU A CB  1 
ATOM   922  C CG  . GLU A 1 121 ? -15.35552 1.71901   0.39365   1.000 116.39863 ? 116 GLU A CG  1 
ATOM   923  C CD  . GLU A 1 121 ? -16.00491 1.34701   -0.92637  1.000 124.31197 ? 116 GLU A CD  1 
ATOM   924  O OE1 . GLU A 1 121 ? -16.72312 2.19353   -1.50200  1.000 117.83808 ? 116 GLU A OE1 1 
ATOM   925  O OE2 . GLU A 1 121 ? -15.80799 0.20028   -1.38279  1.000 120.92132 ? 116 GLU A OE2 1 
ATOM   926  N N   . HIS A 1 122 ? -13.09999 5.29349   1.36348   1.000 105.07059 ? 117 HIS A N   1 
ATOM   927  C CA  . HIS A 1 122 ? -12.72993 6.48099   2.13455   1.000 101.39982 ? 117 HIS A CA  1 
ATOM   928  C C   . HIS A 1 122 ? -12.15117 7.57617   1.25496   1.000 100.05259 ? 117 HIS A C   1 
ATOM   929  O O   . HIS A 1 122 ? -12.14459 8.74965   1.64457   1.000 98.50200  ? 117 HIS A O   1 
ATOM   930  C CB  . HIS A 1 122 ? -11.69399 6.14453   3.20550   1.000 98.19141  ? 117 HIS A CB  1 
ATOM   931  C CG  . HIS A 1 122 ? -12.06114 4.99416   4.08338   1.000 101.40083 ? 117 HIS A CG  1 
ATOM   932  N ND1 . HIS A 1 122 ? -13.01312 5.08647   5.07716   1.000 103.33988 ? 117 HIS A ND1 1 
ATOM   933  C CD2 . HIS A 1 122 ? -11.56881 3.73639   4.15114   1.000 98.72925  ? 117 HIS A CD2 1 
ATOM   934  C CE1 . HIS A 1 122 ? -13.10795 3.92626   5.70076   1.000 94.65402  ? 117 HIS A CE1 1 
ATOM   935  N NE2 . HIS A 1 122 ? -12.24385 3.08878   5.15546   1.000 94.99811  ? 117 HIS A NE2 1 
ATOM   936  N N   . GLY A 1 123 ? -11.63787 7.21183   0.08604   1.000 95.81486  ? 118 GLY A N   1 
ATOM   937  C CA  . GLY A 1 123 ? -10.81593 8.10381   -0.70250  1.000 85.26666  ? 118 GLY A CA  1 
ATOM   938  C C   . GLY A 1 123 ? -9.43761  7.50561   -0.87096  1.000 83.39890  ? 118 GLY A C   1 
ATOM   939  O O   . GLY A 1 123 ? -9.30324  6.31822   -1.19331  1.000 86.03830  ? 118 GLY A O   1 
ATOM   940  N N   . THR A 1 124 ? -8.40471  8.30915   -0.64198  1.000 78.16309  ? 119 THR A N   1 
ATOM   941  C CA  . THR A 1 124 ? -7.04299  7.80404   -0.71036  1.000 77.77589  ? 119 THR A CA  1 
ATOM   942  C C   . THR A 1 124 ? -6.67102  7.17310   0.62443   1.000 75.58370  ? 119 THR A C   1 
ATOM   943  O O   . THR A 1 124 ? -6.76805  7.81561   1.67537   1.000 76.72274  ? 119 THR A O   1 
ATOM   944  C CB  . THR A 1 124 ? -6.06503  8.91606   -1.07926  1.000 71.38151  ? 119 THR A CB  1 
ATOM   945  O OG1 . THR A 1 124 ? -5.92474  9.81378   0.02707   1.000 87.17868  ? 119 THR A OG1 1 
ATOM   946  C CG2 . THR A 1 124 ? -6.57035  9.68317   -2.28998  1.000 79.62994  ? 119 THR A CG2 1 
ATOM   947  N N   . THR A 1 125 ? -6.28514  5.90666   0.57855   1.000 76.15413  ? 120 THR A N   1 
ATOM   948  C CA  . THR A 1 125 ? -5.66408  5.19253   1.67884   1.000 71.61039  ? 120 THR A CA  1 
ATOM   949  C C   . THR A 1 125 ? -4.31883  4.67186   1.18987   1.000 71.45235  ? 120 THR A C   1 
ATOM   950  O O   . THR A 1 125 ? -3.94557  4.86188   0.03094   1.000 74.02221  ? 120 THR A O   1 
ATOM   951  C CB  . THR A 1 125 ? -6.56337  4.05827   2.17107   1.000 73.90454  ? 120 THR A CB  1 
ATOM   952  O OG1 . THR A 1 125 ? -6.77312  3.12110   1.10797   1.000 82.43142  ? 120 THR A OG1 1 
ATOM   953  C CG2 . THR A 1 125 ? -7.90827  4.61193   2.60186   1.000 83.28996  ? 120 THR A CG2 1 
ATOM   954  N N   . TRP A 1 126 ? -3.57655  4.01760   2.07585   1.000 72.36565  ? 121 TRP A N   1 
ATOM   955  C CA  . TRP A 1 126 ? -2.23174  3.57148   1.73648   1.000 70.80212  ? 121 TRP A CA  1 
ATOM   956  C C   . TRP A 1 126 ? -2.00468  2.15547   2.23623   1.000 69.39298  ? 121 TRP A C   1 
ATOM   957  O O   . TRP A 1 126 ? -2.26903  1.85809   3.40483   1.000 72.96987  ? 121 TRP A O   1 
ATOM   958  C CB  . TRP A 1 126 ? -1.17819  4.51199   2.32862   1.000 71.97227  ? 121 TRP A CB  1 
ATOM   959  C CG  . TRP A 1 126 ? -1.27417  5.91487   1.81881   1.000 72.42916  ? 121 TRP A CG  1 
ATOM   960  C CD1 . TRP A 1 126 ? -2.18412  6.86728   2.18579   1.000 73.79278  ? 121 TRP A CD1 1 
ATOM   961  C CD2 . TRP A 1 126 ? -0.41501  6.53103   0.85663   1.000 68.16631  ? 121 TRP A CD2 1 
ATOM   962  N NE1 . TRP A 1 126 ? -1.94690  8.03535   1.50226   1.000 71.94005  ? 121 TRP A NE1 1 
ATOM   963  C CE2 . TRP A 1 126 ? -0.86482  7.85486   0.68135   1.000 69.82900  ? 121 TRP A CE2 1 
ATOM   964  C CE3 . TRP A 1 126 ? 0.69330   6.09257   0.12748   1.000 69.20077  ? 121 TRP A CE3 1 
ATOM   965  C CZ2 . TRP A 1 126 ? -0.24705  8.74019   -0.19726  1.000 72.11325  ? 121 TRP A CZ2 1 
ATOM   966  C CZ3 . TRP A 1 126 ? 1.30320   6.96998   -0.74584  1.000 67.79026  ? 121 TRP A CZ3 1 
ATOM   967  C CH2 . TRP A 1 126 ? 0.83350   8.28010   -0.89976  1.000 72.01070  ? 121 TRP A CH2 1 
ATOM   968  N N   . LEU A 1 127 ? -1.51725  1.28670   1.35301   1.000 69.60208  ? 122 LEU A N   1 
ATOM   969  C CA  . LEU A 1 127 ? -1.09776  -0.05421  1.74733   1.000 70.63069  ? 122 LEU A CA  1 
ATOM   970  C C   . LEU A 1 127 ? 0.31964   0.03578   2.29903   1.000 69.06552  ? 122 LEU A C   1 
ATOM   971  O O   . LEU A 1 127 ? 1.27173   0.27693   1.55020   1.000 68.72119  ? 122 LEU A O   1 
ATOM   972  C CB  . LEU A 1 127 ? -1.17302  -1.02014  0.56770   1.000 69.08063  ? 122 LEU A CB  1 
ATOM   973  C CG  . LEU A 1 127 ? -0.66063  -2.43707  0.84311   1.000 65.36657  ? 122 LEU A CG  1 
ATOM   974  C CD1 . LEU A 1 127 ? -1.40354  -3.05565  2.01738   1.000 68.67024  ? 122 LEU A CD1 1 
ATOM   975  C CD2 . LEU A 1 127 ? -0.77840  -3.31750  -0.39316  1.000 58.86645  ? 122 LEU A CD2 1 
ATOM   976  N N   . CYS A 1 128 ? 0.46240   -0.15406  3.60634   1.000 67.68793  ? 123 CYS A N   1 
ATOM   977  C CA  . CYS A 1 128 ? 1.74575   0.00028   4.27679   1.000 67.39961  ? 123 CYS A CA  1 
ATOM   978  C C   . CYS A 1 128 ? 2.41811   -1.35920  4.40976   1.000 65.51924  ? 123 CYS A C   1 
ATOM   979  O O   . CYS A 1 128 ? 1.88452   -2.26511  5.05914   1.000 66.71080  ? 123 CYS A O   1 
ATOM   980  C CB  . CYS A 1 128 ? 1.54708   0.65318   5.63935   1.000 70.64699  ? 123 CYS A CB  1 
ATOM   981  S SG  . CYS A 1 128 ? 0.63573   2.20316   5.50830   1.000 75.16805  ? 123 CYS A SG  1 
ATOM   982  N N   . LEU A 1 129 ? 3.58569   -1.48831  3.81254   1.000 66.12005  ? 124 LEU A N   1 
ATOM   983  C CA  . LEU A 1 129 ? 4.27371   -2.75409  3.64156   1.000 66.50084  ? 124 LEU A CA  1 
ATOM   984  C C   . LEU A 1 129 ? 5.34486   -2.92094  4.70825   1.000 69.23938  ? 124 LEU A C   1 
ATOM   985  O O   . LEU A 1 129 ? 5.68172   -1.97392  5.42406   1.000 68.53461  ? 124 LEU A O   1 
ATOM   986  C CB  . LEU A 1 129 ? 4.87656   -2.80914  2.23877   1.000 67.38454  ? 124 LEU A CB  1 
ATOM   987  C CG  . LEU A 1 129 ? 3.80139   -2.59969  1.16613   1.000 68.33895  ? 124 LEU A CG  1 
ATOM   988  C CD1 . LEU A 1 129 ? 4.41108   -2.20955  -0.17061  1.000 68.17450  ? 124 LEU A CD1 1 
ATOM   989  C CD2 . LEU A 1 129 ? 2.92477   -3.83556  1.02224   1.000 63.16193  ? 124 LEU A CD2 1 
ATOM   990  N N   . PRO A 1 130 ? 5.87479   -4.13355  4.87726   1.000 70.41693  ? 125 PRO A N   1 
ATOM   991  C CA  . PRO A 1 130 ? 7.01171   -4.31743  5.78844   1.000 65.62910  ? 125 PRO A CA  1 
ATOM   992  C C   . PRO A 1 130 ? 8.13963   -3.35249  5.46439   1.000 69.24895  ? 125 PRO A C   1 
ATOM   993  O O   . PRO A 1 130 ? 8.56322   -3.22295  4.31530   1.000 71.56002  ? 125 PRO A O   1 
ATOM   994  C CB  . PRO A 1 130 ? 7.41991   -5.77254  5.54842   1.000 61.36318  ? 125 PRO A CB  1 
ATOM   995  C CG  . PRO A 1 130 ? 6.15183   -6.43517  5.15242   1.000 72.31094  ? 125 PRO A CG  1 
ATOM   996  C CD  . PRO A 1 130 ? 5.40311   -5.41869  4.33375   1.000 71.72259  ? 125 PRO A CD  1 
ATOM   997  N N   . GLY A 1 131 ? 8.62088   -2.66682  6.49482   1.000 70.97281  ? 126 GLY A N   1 
ATOM   998  C CA  . GLY A 1 131 ? 9.54424   -1.56480  6.32550   1.000 64.40324  ? 126 GLY A CA  1 
ATOM   999  C C   . GLY A 1 131 ? 9.02898   -0.35427  7.06980   1.000 64.37414  ? 126 GLY A C   1 
ATOM   1000 O O   . GLY A 1 131 ? 9.80287   0.49198   7.52831   1.000 68.34778  ? 126 GLY A O   1 
ATOM   1001 N N   . CYS A 1 132 ? 7.70733   -0.26599  7.18653   1.000 68.52541  ? 127 CYS A N   1 
ATOM   1002 C CA  . CYS A 1 132 ? 7.08812   0.73633   8.03201   1.000 69.56419  ? 127 CYS A CA  1 
ATOM   1003 C C   . CYS A 1 132 ? 7.19634   0.31915   9.49355   1.000 69.03059  ? 127 CYS A C   1 
ATOM   1004 O O   . CYS A 1 132 ? 7.53679   -0.82012  9.82367   1.000 71.99162  ? 127 CYS A O   1 
ATOM   1005 C CB  . CYS A 1 132 ? 5.61991   0.93503   7.65968   1.000 70.51340  ? 127 CYS A CB  1 
ATOM   1006 S SG  . CYS A 1 132 ? 5.29488   1.24705   5.91461   1.000 66.79320  ? 127 CYS A SG  1 
ATOM   1007 N N   . THR A 1 133 ? 6.89780   1.26185   10.37649  1.000 69.68284  ? 128 THR A N   1 
ATOM   1008 C CA  . THR A 1 133 ? 6.83011   1.00224   11.80471  1.000 73.56289  ? 128 THR A CA  1 
ATOM   1009 C C   . THR A 1 133 ? 5.39031   1.17879   12.25591  1.000 74.37448  ? 128 THR A C   1 
ATOM   1010 O O   . THR A 1 133 ? 4.76898   2.20705   11.97069  1.000 76.42008  ? 128 THR A O   1 
ATOM   1011 C CB  . THR A 1 133 ? 7.75653   1.93616   12.58651  1.000 70.35928  ? 128 THR A CB  1 
ATOM   1012 O OG1 . THR A 1 133 ? 7.10120   3.19287   12.79674  1.000 75.29667  ? 128 THR A OG1 1 
ATOM   1013 C CG2 . THR A 1 133 ? 9.05424   2.16681   11.81959  1.000 69.88677  ? 128 THR A CG2 1 
ATOM   1014 N N   . VAL A 1 134 ? 4.85859   0.16742   12.93207  1.000 75.28788  ? 129 VAL A N   1 
ATOM   1015 C CA  . VAL A 1 134 ? 3.52235   0.21746   13.50619  1.000 70.00566  ? 129 VAL A CA  1 
ATOM   1016 C C   . VAL A 1 134 ? 3.66098   0.17261   15.02062  1.000 73.97073  ? 129 VAL A C   1 
ATOM   1017 O O   . VAL A 1 134 ? 4.47538   -0.58892  15.55471  1.000 82.20172  ? 129 VAL A O   1 
ATOM   1018 C CB  . VAL A 1 134 ? 2.63501   -0.93465  12.98743  1.000 68.77867  ? 129 VAL A CB  1 
ATOM   1019 C CG1 . VAL A 1 134 ? 3.31181   -2.27428  13.20404  1.000 70.65674  ? 129 VAL A CG1 1 
ATOM   1020 C CG2 . VAL A 1 134 ? 1.27694   -0.90860  13.65878  1.000 75.39035  ? 129 VAL A CG2 1 
ATOM   1021 N N   . GLU A 1 135 ? 2.88966   1.01163   15.70998  1.000 68.98640  ? 130 GLU A N   1 
ATOM   1022 C CA  . GLU A 1 135 ? 2.94920   1.05376   17.16177  1.000 74.20337  ? 130 GLU A CA  1 
ATOM   1023 C C   . GLU A 1 135 ? 1.57794   1.46105   17.68398  1.000 78.90926  ? 130 GLU A C   1 
ATOM   1024 O O   . GLU A 1 135 ? 0.92535   2.33680   17.10756  1.000 76.11714  ? 130 GLU A O   1 
ATOM   1025 C CB  . GLU A 1 135 ? 4.03515   2.02568   17.64342  1.000 79.97073  ? 130 GLU A CB  1 
ATOM   1026 C CG  . GLU A 1 135 ? 4.92313   1.44226   18.73461  1.000 94.28893  ? 130 GLU A CG  1 
ATOM   1027 C CD  . GLU A 1 135 ? 6.06191   0.59984   18.15992  1.000 102.07932 ? 130 GLU A CD  1 
ATOM   1028 O OE1 . GLU A 1 135 ? 7.00347   1.19137   17.58496  1.000 100.39914 ? 130 GLU A OE1 1 
ATOM   1029 O OE2 . GLU A 1 135 ? 6.00050   -0.64973  18.25243  1.000 94.19307  ? 130 GLU A OE2 1 
ATOM   1030 N N   . LYS A 1 136 ? 1.14750   0.81581   18.76975  1.000 78.94720  ? 131 LYS A N   1 
ATOM   1031 C CA  . LYS A 1 136 ? -0.19093  1.02464   19.31101  1.000 79.59300  ? 131 LYS A CA  1 
ATOM   1032 C C   . LYS A 1 136 ? -0.37522  2.46733   19.78635  1.000 82.19585  ? 131 LYS A C   1 
ATOM   1033 O O   . LYS A 1 136 ? 0.58854   3.19835   20.02960  1.000 81.38538  ? 131 LYS A O   1 
ATOM   1034 C CB  . LYS A 1 136 ? -0.45285  0.06133   20.47141  1.000 80.69229  ? 131 LYS A CB  1 
ATOM   1035 C CG  . LYS A 1 136 ? -1.91718  -0.06325  20.87296  1.000 81.56521  ? 131 LYS A CG  1 
ATOM   1036 C CD  . LYS A 1 136 ? -2.16594  -1.26238  21.76786  1.000 91.64898  ? 131 LYS A CD  1 
ATOM   1037 C CE  . LYS A 1 136 ? -1.77494  -0.96211  23.20676  1.000 94.19720  ? 131 LYS A CE  1 
ATOM   1038 N NZ  . LYS A 1 136 ? -2.89089  -0.31138  23.95168  1.000 90.65548  ? 131 LYS A NZ  1 
ATOM   1039 N N   . ILE A 1 137 ? -1.64476  2.84934   19.95841  1.000 85.70662  ? 132 ILE A N   1 
ATOM   1040 C CA  . ILE A 1 137 ? -2.09729  4.19974   20.33438  1.000 84.37014  ? 132 ILE A CA  1 
ATOM   1041 C C   . ILE A 1 137 ? -1.21069  5.29855   19.76259  1.000 77.14900  ? 132 ILE A C   1 
ATOM   1042 O O   . ILE A 1 137 ? -1.47328  5.80546   18.67057  1.000 73.69909  ? 132 ILE A O   1 
ATOM   1043 C CB  . ILE A 1 137 ? -2.23852  4.36520   21.88427  1.000 85.32132  ? 132 ILE A CB  1 
ATOM   1044 C CG1 . ILE A 1 137 ? -1.11173  3.66435   22.65787  1.000 96.76654  ? 132 ILE A CG1 1 
ATOM   1045 C CG2 . ILE A 1 137 ? -3.60107  3.87151   22.35099  1.000 87.11522  ? 132 ILE A CG2 1 
ATOM   1046 C CD1 . ILE A 1 137 ? -1.18451  3.84040   24.17164  1.000 91.64288  ? 132 ILE A CD1 1 
HETATM 1047 P PA  . NAD B 2 .   ? -7.80008  -7.08634  6.77488   1.000 92.70726  ? 201 NAD A PA  1 
HETATM 1048 O O1A . NAD B 2 .   ? -8.52498  -8.16361  6.00450   1.000 97.33981  ? 201 NAD A O1A 1 
HETATM 1049 O O2A . NAD B 2 .   ? -8.56089  -6.76186  8.02578   1.000 94.64557  ? 201 NAD A O2A 1 
HETATM 1050 O O5B . NAD B 2 .   ? -6.35230  -7.56485  7.13161   1.000 83.04942  ? 201 NAD A O5B 1 
HETATM 1051 C C5B . NAD B 2 .   ? -5.65373  -6.78291  8.07100   1.000 90.08634  ? 201 NAD A C5B 1 
HETATM 1052 C C4B . NAD B 2 .   ? -5.86630  -7.26670  9.46477   1.000 82.01286  ? 201 NAD A C4B 1 
HETATM 1053 O O4B . NAD B 2 .   ? -4.99026  -8.40603  9.76037   1.000 78.51719  ? 201 NAD A O4B 1 
HETATM 1054 C C3B . NAD B 2 .   ? -5.49227  -6.15494  10.36511  1.000 81.88402  ? 201 NAD A C3B 1 
HETATM 1055 O O3B . NAD B 2 .   ? -6.65804  -5.63587  11.05388  1.000 89.60212  ? 201 NAD A O3B 1 
HETATM 1056 C C2B . NAD B 2 .   ? -4.54855  -6.68158  11.34707  1.000 78.97419  ? 201 NAD A C2B 1 
HETATM 1057 O O2B . NAD B 2 .   ? -5.21759  -6.76031  12.62917  1.000 85.72144  ? 201 NAD A O2B 1 
HETATM 1058 C C1B . NAD B 2 .   ? -4.14056  -8.02277  10.91196  1.000 77.99982  ? 201 NAD A C1B 1 
HETATM 1059 N N9A . NAD B 2 .   ? -2.76551  -7.96299  10.59649  1.000 82.53664  ? 201 NAD A N9A 1 
HETATM 1060 C C8A . NAD B 2 .   ? -1.87223  -7.77356  11.56607  1.000 89.27011  ? 201 NAD A C8A 1 
HETATM 1061 N N7A . NAD B 2 .   ? -0.57807  -7.71983  11.07222  1.000 77.45954  ? 201 NAD A N7A 1 
HETATM 1062 C C5A . NAD B 2 .   ? -0.84487  -7.90690  9.64018   1.000 72.76949  ? 201 NAD A C5A 1 
HETATM 1063 C C6A . NAD B 2 .   ? -0.02333  -7.96247  8.55903   1.000 72.00560  ? 201 NAD A C6A 1 
HETATM 1064 N N6A . NAD B 2 .   ? 1.37373   -7.82259  8.77789   1.000 71.76585  ? 201 NAD A N6A 1 
HETATM 1065 N N1A . NAD B 2 .   ? -0.52462  -8.14880  7.30059   1.000 81.51763  ? 201 NAD A N1A 1 
HETATM 1066 C C2A . NAD B 2 .   ? -1.86852  -8.27135  7.19225   1.000 83.13136  ? 201 NAD A C2A 1 
HETATM 1067 N N3A . NAD B 2 .   ? -2.81013  -8.23764  8.19410   1.000 72.82830  ? 201 NAD A N3A 1 
HETATM 1068 C C4A . NAD B 2 .   ? -2.24106  -8.05322  9.39170   1.000 72.55144  ? 201 NAD A C4A 1 
HETATM 1069 O O3  . NAD B 2 .   ? -7.67408  -5.76227  5.89705   1.000 90.55746  ? 201 NAD A O3  1 
HETATM 1070 P PN  . NAD B 2 .   ? -8.48240  -4.40213  6.23220   1.000 90.97230  ? 201 NAD A PN  1 
HETATM 1071 O O1N . NAD B 2 .   ? -7.75467  -3.57661  7.22482   1.000 83.22671  ? 201 NAD A O1N 1 
HETATM 1072 O O2N . NAD B 2 .   ? -9.77591  -4.64957  6.91552   1.000 85.54067  ? 201 NAD A O2N 1 
HETATM 1073 O O5D . NAD B 2 .   ? -8.70630  -3.60748  4.87130   1.000 87.18481  ? 201 NAD A O5D 1 
HETATM 1074 C C5D . NAD B 2 .   ? -9.65008  -4.09784  3.94118   1.000 85.46442  ? 201 NAD A C5D 1 
HETATM 1075 C C4D . NAD B 2 .   ? -10.17541 -2.92676  3.21017   1.000 84.31786  ? 201 NAD A C4D 1 
HETATM 1076 O O4D . NAD B 2 .   ? -10.41611 -1.82526  4.19792   1.000 97.24903  ? 201 NAD A O4D 1 
HETATM 1077 C C3D . NAD B 2 .   ? -9.16401  -2.46444  2.25485   1.000 85.93743  ? 201 NAD A C3D 1 
HETATM 1078 O O3D . NAD B 2 .   ? -9.67857  -2.61637  0.90862   1.000 88.92031  ? 201 NAD A O3D 1 
HETATM 1079 C C2D . NAD B 2 .   ? -8.93391  -1.03111  2.49118   1.000 93.88239  ? 201 NAD A C2D 1 
HETATM 1080 O O2D . NAD B 2 .   ? -9.34790  -0.35110  1.30261   1.000 94.01193  ? 201 NAD A O2D 1 
HETATM 1081 C C1D . NAD B 2 .   ? -9.78498  -0.60564  3.63438   1.000 93.57894  ? 201 NAD A C1D 1 
HETATM 1082 N N1N . NAD B 2 .   ? -9.08921  0.15285   4.59503   1.000 91.86119  ? 201 NAD A N1N 1 
HETATM 1083 C C2N . NAD B 2 .   ? -8.83940  -0.26883  5.90480   1.000 81.76931  ? 201 NAD A C2N 1 
HETATM 1084 C C3N . NAD B 2 .   ? -8.13936  0.54890   6.84882   1.000 79.67941  ? 201 NAD A C3N 1 
HETATM 1085 C C7N . NAD B 2 .   ? -7.85818  0.09772   8.27793   1.000 81.72893  ? 201 NAD A C7N 1 
HETATM 1086 O O7N . NAD B 2 .   ? -7.37952  0.89101   9.08045   1.000 72.91832  ? 201 NAD A O7N 1 
HETATM 1087 N N7N . NAD B 2 .   ? -8.13148  -1.21860  8.69678   1.000 84.01236  ? 201 NAD A N7N 1 
HETATM 1088 C C4N . NAD B 2 .   ? -7.66816  1.85228   6.44530   1.000 71.24977  ? 201 NAD A C4N 1 
HETATM 1089 C C5N . NAD B 2 .   ? -7.96212  2.21768   5.09659   1.000 81.35334  ? 201 NAD A C5N 1 
HETATM 1090 C C6N . NAD B 2 .   ? -8.63759  1.38041   4.26898   1.000 91.76937  ? 201 NAD A C6N 1 
# 
